data_1BEA
# 
_entry.id   1BEA 
# 
_audit_conform.dict_name       mmcif_pdbx.dic 
_audit_conform.dict_version    5.397 
_audit_conform.dict_location   http://mmcif.pdb.org/dictionaries/ascii/mmcif_pdbx.dic 
# 
loop_
_database_2.database_id 
_database_2.database_code 
_database_2.pdbx_database_accession 
_database_2.pdbx_DOI 
PDB   1BEA         pdb_00001bea 10.2210/pdb1bea/pdb 
WWPDB D_1000171652 ?            ?                   
# 
loop_
_pdbx_audit_revision_history.ordinal 
_pdbx_audit_revision_history.data_content_type 
_pdbx_audit_revision_history.major_revision 
_pdbx_audit_revision_history.minor_revision 
_pdbx_audit_revision_history.revision_date 
1 'Structure model' 1 0 1998-08-12 
2 'Structure model' 1 1 2008-03-24 
3 'Structure model' 1 2 2011-07-13 
4 'Structure model' 1 3 2023-08-02 
5 'Structure model' 1 4 2024-10-30 
# 
_pdbx_audit_revision_details.ordinal             1 
_pdbx_audit_revision_details.revision_ordinal    1 
_pdbx_audit_revision_details.data_content_type   'Structure model' 
_pdbx_audit_revision_details.provider            repository 
_pdbx_audit_revision_details.type                'Initial release' 
_pdbx_audit_revision_details.description         ? 
_pdbx_audit_revision_details.details             ? 
# 
loop_
_pdbx_audit_revision_group.ordinal 
_pdbx_audit_revision_group.revision_ordinal 
_pdbx_audit_revision_group.data_content_type 
_pdbx_audit_revision_group.group 
1 2 'Structure model' 'Version format compliance' 
2 3 'Structure model' 'Version format compliance' 
3 4 'Structure model' 'Database references'       
4 4 'Structure model' 'Refinement description'    
5 5 'Structure model' 'Data collection'           
6 5 'Structure model' 'Structure summary'         
# 
loop_
_pdbx_audit_revision_category.ordinal 
_pdbx_audit_revision_category.revision_ordinal 
_pdbx_audit_revision_category.data_content_type 
_pdbx_audit_revision_category.category 
1 4 'Structure model' database_2                    
2 4 'Structure model' pdbx_initial_refinement_model 
3 5 'Structure model' chem_comp_atom                
4 5 'Structure model' chem_comp_bond                
5 5 'Structure model' pdbx_entry_details            
6 5 'Structure model' pdbx_modification_feature     
# 
loop_
_pdbx_audit_revision_item.ordinal 
_pdbx_audit_revision_item.revision_ordinal 
_pdbx_audit_revision_item.data_content_type 
_pdbx_audit_revision_item.item 
1 4 'Structure model' '_database_2.pdbx_DOI'                         
2 4 'Structure model' '_database_2.pdbx_database_accession'          
3 5 'Structure model' '_pdbx_entry_details.has_protein_modification' 
# 
_pdbx_database_status.status_code                     REL 
_pdbx_database_status.entry_id                        1BEA 
_pdbx_database_status.recvd_initial_deposition_date   1998-05-13 
_pdbx_database_status.deposit_site                    ? 
_pdbx_database_status.process_site                    BNL 
_pdbx_database_status.SG_entry                        . 
_pdbx_database_status.pdb_format_compatible           Y 
_pdbx_database_status.status_code_mr                  ? 
_pdbx_database_status.status_code_sf                  ? 
_pdbx_database_status.status_code_cs                  ? 
_pdbx_database_status.status_code_nmr_data            ? 
_pdbx_database_status.methods_development_category    ? 
# 
loop_
_audit_author.name 
_audit_author.pdbx_ordinal 
'Behnke, C.A.'   1 
'Yee, V.C.'      2 
'Le Trong, I.'   3 
'Pedersen, L.C.' 4 
'Stenkamp, R.E.' 5 
'Kim, S.S.'      6 
'Reeck, G.R.'    7 
'Teller, D.C.'   8 
# 
_citation.id                        primary 
_citation.title                     
'Structural determinants of the bifunctional corn Hageman factor inhibitor: x-ray crystal structure at 1.95 A resolution.' 
_citation.journal_abbrev            Biochemistry 
_citation.journal_volume            37 
_citation.page_first                15277 
_citation.page_last                 15288 
_citation.year                      1998 
_citation.journal_id_ASTM           BICHAW 
_citation.country                   US 
_citation.journal_id_ISSN           0006-2960 
_citation.journal_id_CSD            0033 
_citation.book_publisher            ? 
_citation.pdbx_database_id_PubMed   9799488 
_citation.pdbx_database_id_DOI      10.1021/bi9812266 
# 
loop_
_citation_author.citation_id 
_citation_author.name 
_citation_author.ordinal 
_citation_author.identifier_ORCID 
primary 'Behnke, C.A.'   1 ? 
primary 'Yee, V.C.'      2 ? 
primary 'Trong, I.L.'    3 ? 
primary 'Pedersen, L.C.' 4 ? 
primary 'Stenkamp, R.E.' 5 ? 
primary 'Kim, S.S.'      6 ? 
primary 'Reeck, G.R.'    7 ? 
primary 'Teller, D.C.'   8 ? 
# 
loop_
_entity.id 
_entity.type 
_entity.src_method 
_entity.pdbx_description 
_entity.formula_weight 
_entity.pdbx_number_of_molecules 
_entity.pdbx_ec 
_entity.pdbx_mutation 
_entity.pdbx_fragment 
_entity.details 
1 polymer nat 'BIFUNCTIONAL AMYLASE/SERINE PROTEASE INHIBITOR' 13591.719 1  ? ? ? ? 
2 water   nat water                                            18.015    96 ? ? ? ? 
# 
_entity_poly.entity_id                      1 
_entity_poly.type                           'polypeptide(L)' 
_entity_poly.nstd_linkage                   no 
_entity_poly.nstd_monomer                   no 
_entity_poly.pdbx_seq_one_letter_code       
;SAGTSCVPGWAIPHNPLPSCRWYVTSRTCGIGPRLPWPELKRRCCRELADIPAYCRCTALSILMDGAIPPGPDAQLEGRL
EDLPGCPREVQRGFAATLVTEAECNLATISGVAECPWILGGGTMPSK
;
_entity_poly.pdbx_seq_one_letter_code_can   
;SAGTSCVPGWAIPHNPLPSCRWYVTSRTCGIGPRLPWPELKRRCCRELADIPAYCRCTALSILMDGAIPPGPDAQLEGRL
EDLPGCPREVQRGFAATLVTEAECNLATISGVAECPWILGGGTMPSK
;
_entity_poly.pdbx_strand_id                 A 
_entity_poly.pdbx_target_identifier         ? 
# 
_pdbx_entity_nonpoly.entity_id   2 
_pdbx_entity_nonpoly.name        water 
_pdbx_entity_nonpoly.comp_id     HOH 
# 
loop_
_entity_poly_seq.entity_id 
_entity_poly_seq.num 
_entity_poly_seq.mon_id 
_entity_poly_seq.hetero 
1 1   SER n 
1 2   ALA n 
1 3   GLY n 
1 4   THR n 
1 5   SER n 
1 6   CYS n 
1 7   VAL n 
1 8   PRO n 
1 9   GLY n 
1 10  TRP n 
1 11  ALA n 
1 12  ILE n 
1 13  PRO n 
1 14  HIS n 
1 15  ASN n 
1 16  PRO n 
1 17  LEU n 
1 18  PRO n 
1 19  SER n 
1 20  CYS n 
1 21  ARG n 
1 22  TRP n 
1 23  TYR n 
1 24  VAL n 
1 25  THR n 
1 26  SER n 
1 27  ARG n 
1 28  THR n 
1 29  CYS n 
1 30  GLY n 
1 31  ILE n 
1 32  GLY n 
1 33  PRO n 
1 34  ARG n 
1 35  LEU n 
1 36  PRO n 
1 37  TRP n 
1 38  PRO n 
1 39  GLU n 
1 40  LEU n 
1 41  LYS n 
1 42  ARG n 
1 43  ARG n 
1 44  CYS n 
1 45  CYS n 
1 46  ARG n 
1 47  GLU n 
1 48  LEU n 
1 49  ALA n 
1 50  ASP n 
1 51  ILE n 
1 52  PRO n 
1 53  ALA n 
1 54  TYR n 
1 55  CYS n 
1 56  ARG n 
1 57  CYS n 
1 58  THR n 
1 59  ALA n 
1 60  LEU n 
1 61  SER n 
1 62  ILE n 
1 63  LEU n 
1 64  MET n 
1 65  ASP n 
1 66  GLY n 
1 67  ALA n 
1 68  ILE n 
1 69  PRO n 
1 70  PRO n 
1 71  GLY n 
1 72  PRO n 
1 73  ASP n 
1 74  ALA n 
1 75  GLN n 
1 76  LEU n 
1 77  GLU n 
1 78  GLY n 
1 79  ARG n 
1 80  LEU n 
1 81  GLU n 
1 82  ASP n 
1 83  LEU n 
1 84  PRO n 
1 85  GLY n 
1 86  CYS n 
1 87  PRO n 
1 88  ARG n 
1 89  GLU n 
1 90  VAL n 
1 91  GLN n 
1 92  ARG n 
1 93  GLY n 
1 94  PHE n 
1 95  ALA n 
1 96  ALA n 
1 97  THR n 
1 98  LEU n 
1 99  VAL n 
1 100 THR n 
1 101 GLU n 
1 102 ALA n 
1 103 GLU n 
1 104 CYS n 
1 105 ASN n 
1 106 LEU n 
1 107 ALA n 
1 108 THR n 
1 109 ILE n 
1 110 SER n 
1 111 GLY n 
1 112 VAL n 
1 113 ALA n 
1 114 GLU n 
1 115 CYS n 
1 116 PRO n 
1 117 TRP n 
1 118 ILE n 
1 119 LEU n 
1 120 GLY n 
1 121 GLY n 
1 122 GLY n 
1 123 THR n 
1 124 MET n 
1 125 PRO n 
1 126 SER n 
1 127 LYS n 
# 
_entity_src_nat.entity_id                  1 
_entity_src_nat.pdbx_src_id                1 
_entity_src_nat.pdbx_alt_source_flag       sample 
_entity_src_nat.pdbx_beg_seq_num           ? 
_entity_src_nat.pdbx_end_seq_num           ? 
_entity_src_nat.common_name                ? 
_entity_src_nat.pdbx_organism_scientific   'Zea mays' 
_entity_src_nat.pdbx_ncbi_taxonomy_id      4577 
_entity_src_nat.genus                      Zea 
_entity_src_nat.species                    ? 
_entity_src_nat.strain                     ? 
_entity_src_nat.tissue                     ? 
_entity_src_nat.tissue_fraction            ? 
_entity_src_nat.pdbx_secretion             ? 
_entity_src_nat.pdbx_fragment              ? 
_entity_src_nat.pdbx_variant               ? 
_entity_src_nat.pdbx_cell_line             ? 
_entity_src_nat.pdbx_atcc                  ? 
_entity_src_nat.pdbx_cellular_location     ? 
_entity_src_nat.pdbx_organ                 SEED 
_entity_src_nat.pdbx_organelle             ? 
_entity_src_nat.pdbx_cell                  ? 
_entity_src_nat.pdbx_plasmid_name          ? 
_entity_src_nat.pdbx_plasmid_details       ? 
_entity_src_nat.details                    ? 
# 
loop_
_chem_comp.id 
_chem_comp.type 
_chem_comp.mon_nstd_flag 
_chem_comp.name 
_chem_comp.pdbx_synonyms 
_chem_comp.formula 
_chem_comp.formula_weight 
ALA 'L-peptide linking' y ALANINE         ? 'C3 H7 N O2'     89.093  
ARG 'L-peptide linking' y ARGININE        ? 'C6 H15 N4 O2 1' 175.209 
ASN 'L-peptide linking' y ASPARAGINE      ? 'C4 H8 N2 O3'    132.118 
ASP 'L-peptide linking' y 'ASPARTIC ACID' ? 'C4 H7 N O4'     133.103 
CYS 'L-peptide linking' y CYSTEINE        ? 'C3 H7 N O2 S'   121.158 
GLN 'L-peptide linking' y GLUTAMINE       ? 'C5 H10 N2 O3'   146.144 
GLU 'L-peptide linking' y 'GLUTAMIC ACID' ? 'C5 H9 N O4'     147.129 
GLY 'peptide linking'   y GLYCINE         ? 'C2 H5 N O2'     75.067  
HIS 'L-peptide linking' y HISTIDINE       ? 'C6 H10 N3 O2 1' 156.162 
HOH non-polymer         . WATER           ? 'H2 O'           18.015  
ILE 'L-peptide linking' y ISOLEUCINE      ? 'C6 H13 N O2'    131.173 
LEU 'L-peptide linking' y LEUCINE         ? 'C6 H13 N O2'    131.173 
LYS 'L-peptide linking' y LYSINE          ? 'C6 H15 N2 O2 1' 147.195 
MET 'L-peptide linking' y METHIONINE      ? 'C5 H11 N O2 S'  149.211 
PHE 'L-peptide linking' y PHENYLALANINE   ? 'C9 H11 N O2'    165.189 
PRO 'L-peptide linking' y PROLINE         ? 'C5 H9 N O2'     115.130 
SER 'L-peptide linking' y SERINE          ? 'C3 H7 N O3'     105.093 
THR 'L-peptide linking' y THREONINE       ? 'C4 H9 N O3'     119.119 
TRP 'L-peptide linking' y TRYPTOPHAN      ? 'C11 H12 N2 O2'  204.225 
TYR 'L-peptide linking' y TYROSINE        ? 'C9 H11 N O3'    181.189 
VAL 'L-peptide linking' y VALINE          ? 'C5 H11 N O2'    117.146 
# 
loop_
_pdbx_poly_seq_scheme.asym_id 
_pdbx_poly_seq_scheme.entity_id 
_pdbx_poly_seq_scheme.seq_id 
_pdbx_poly_seq_scheme.mon_id 
_pdbx_poly_seq_scheme.ndb_seq_num 
_pdbx_poly_seq_scheme.pdb_seq_num 
_pdbx_poly_seq_scheme.auth_seq_num 
_pdbx_poly_seq_scheme.pdb_mon_id 
_pdbx_poly_seq_scheme.auth_mon_id 
_pdbx_poly_seq_scheme.pdb_strand_id 
_pdbx_poly_seq_scheme.pdb_ins_code 
_pdbx_poly_seq_scheme.hetero 
A 1 1   SER 1   1   ?   ?   ?   A . n 
A 1 2   ALA 2   2   ?   ?   ?   A . n 
A 1 3   GLY 3   3   ?   ?   ?   A . n 
A 1 4   THR 4   4   ?   ?   ?   A . n 
A 1 5   SER 5   5   5   SER SER A . n 
A 1 6   CYS 6   6   6   CYS CYS A . n 
A 1 7   VAL 7   7   7   VAL VAL A . n 
A 1 8   PRO 8   8   8   PRO PRO A . n 
A 1 9   GLY 9   9   9   GLY GLY A . n 
A 1 10  TRP 10  10  10  TRP TRP A . n 
A 1 11  ALA 11  11  11  ALA ALA A . n 
A 1 12  ILE 12  12  12  ILE ILE A . n 
A 1 13  PRO 13  13  13  PRO PRO A . n 
A 1 14  HIS 14  14  14  HIS HIS A . n 
A 1 15  ASN 15  15  15  ASN ASN A . n 
A 1 16  PRO 16  16  16  PRO PRO A . n 
A 1 17  LEU 17  17  17  LEU LEU A . n 
A 1 18  PRO 18  18  18  PRO PRO A . n 
A 1 19  SER 19  19  19  SER SER A . n 
A 1 20  CYS 20  20  20  CYS CYS A . n 
A 1 21  ARG 21  21  21  ARG ARG A . n 
A 1 22  TRP 22  22  22  TRP TRP A . n 
A 1 23  TYR 23  23  23  TYR TYR A . n 
A 1 24  VAL 24  24  24  VAL VAL A . n 
A 1 25  THR 25  25  25  THR THR A . n 
A 1 26  SER 26  26  26  SER SER A . n 
A 1 27  ARG 27  27  27  ARG ARG A . n 
A 1 28  THR 28  28  28  THR THR A . n 
A 1 29  CYS 29  29  29  CYS CYS A . n 
A 1 30  GLY 30  30  30  GLY GLY A . n 
A 1 31  ILE 31  31  31  ILE ILE A . n 
A 1 32  GLY 32  32  32  GLY GLY A . n 
A 1 33  PRO 33  33  33  PRO PRO A . n 
A 1 34  ARG 34  34  34  ARG ARG A . n 
A 1 35  LEU 35  35  35  LEU LEU A . n 
A 1 36  PRO 36  36  36  PRO PRO A . n 
A 1 37  TRP 37  37  37  TRP TRP A . n 
A 1 38  PRO 38  38  38  PRO PRO A . n 
A 1 39  GLU 39  39  39  GLU GLU A . n 
A 1 40  LEU 40  40  40  LEU LEU A . n 
A 1 41  LYS 41  41  41  LYS LYS A . n 
A 1 42  ARG 42  42  42  ARG ARG A . n 
A 1 43  ARG 43  43  43  ARG ARG A . n 
A 1 44  CYS 44  44  44  CYS CYS A . n 
A 1 45  CYS 45  45  45  CYS CYS A . n 
A 1 46  ARG 46  46  46  ARG ARG A . n 
A 1 47  GLU 47  47  47  GLU GLU A . n 
A 1 48  LEU 48  48  48  LEU LEU A . n 
A 1 49  ALA 49  49  49  ALA ALA A . n 
A 1 50  ASP 50  50  50  ASP ASP A . n 
A 1 51  ILE 51  51  51  ILE ILE A . n 
A 1 52  PRO 52  52  52  PRO PRO A . n 
A 1 53  ALA 53  53  53  ALA ALA A . n 
A 1 54  TYR 54  54  54  TYR TYR A . n 
A 1 55  CYS 55  55  55  CYS CYS A . n 
A 1 56  ARG 56  56  56  ARG ARG A . n 
A 1 57  CYS 57  57  57  CYS CYS A . n 
A 1 58  THR 58  58  58  THR THR A . n 
A 1 59  ALA 59  59  59  ALA ALA A . n 
A 1 60  LEU 60  60  60  LEU LEU A . n 
A 1 61  SER 61  61  61  SER SER A . n 
A 1 62  ILE 62  62  62  ILE ILE A . n 
A 1 63  LEU 63  63  63  LEU LEU A . n 
A 1 64  MET 64  64  64  MET MET A . n 
A 1 65  ASP 65  65  65  ASP ASP A . n 
A 1 66  GLY 66  66  66  GLY GLY A . n 
A 1 67  ALA 67  67  67  ALA ALA A . n 
A 1 68  ILE 68  68  68  ILE ILE A . n 
A 1 69  PRO 69  69  69  PRO PRO A . n 
A 1 70  PRO 70  70  70  PRO PRO A . n 
A 1 71  GLY 71  71  71  GLY GLY A . n 
A 1 72  PRO 72  72  72  PRO PRO A . n 
A 1 73  ASP 73  73  73  ASP ASP A . n 
A 1 74  ALA 74  74  74  ALA ALA A . n 
A 1 75  GLN 75  75  75  GLN GLN A . n 
A 1 76  LEU 76  76  76  LEU LEU A . n 
A 1 77  GLU 77  77  77  GLU GLU A . n 
A 1 78  GLY 78  78  78  GLY GLY A . n 
A 1 79  ARG 79  79  79  ARG ARG A . n 
A 1 80  LEU 80  80  80  LEU LEU A . n 
A 1 81  GLU 81  81  81  GLU GLU A . n 
A 1 82  ASP 82  82  82  ASP ASP A . n 
A 1 83  LEU 83  83  83  LEU LEU A . n 
A 1 84  PRO 84  84  84  PRO PRO A . n 
A 1 85  GLY 85  85  85  GLY GLY A . n 
A 1 86  CYS 86  86  86  CYS CYS A . n 
A 1 87  PRO 87  87  87  PRO PRO A . n 
A 1 88  ARG 88  88  88  ARG ARG A . n 
A 1 89  GLU 89  89  89  GLU GLU A . n 
A 1 90  VAL 90  90  90  VAL VAL A . n 
A 1 91  GLN 91  91  91  GLN GLN A . n 
A 1 92  ARG 92  92  92  ARG ARG A . n 
A 1 93  GLY 93  93  93  GLY GLY A . n 
A 1 94  PHE 94  94  94  PHE PHE A . n 
A 1 95  ALA 95  95  95  ALA ALA A . n 
A 1 96  ALA 96  96  96  ALA ALA A . n 
A 1 97  THR 97  97  97  THR THR A . n 
A 1 98  LEU 98  98  98  LEU LEU A . n 
A 1 99  VAL 99  99  99  VAL VAL A . n 
A 1 100 THR 100 100 100 THR THR A . n 
A 1 101 GLU 101 101 101 GLU GLU A . n 
A 1 102 ALA 102 102 102 ALA ALA A . n 
A 1 103 GLU 103 103 103 GLU GLU A . n 
A 1 104 CYS 104 104 104 CYS CYS A . n 
A 1 105 ASN 105 105 105 ASN ASN A . n 
A 1 106 LEU 106 106 106 LEU LEU A . n 
A 1 107 ALA 107 107 107 ALA ALA A . n 
A 1 108 THR 108 108 108 THR THR A . n 
A 1 109 ILE 109 109 109 ILE ILE A . n 
A 1 110 SER 110 110 110 SER SER A . n 
A 1 111 GLY 111 111 111 GLY GLY A . n 
A 1 112 VAL 112 112 112 VAL VAL A . n 
A 1 113 ALA 113 113 113 ALA ALA A . n 
A 1 114 GLU 114 114 114 GLU GLU A . n 
A 1 115 CYS 115 115 115 CYS CYS A . n 
A 1 116 PRO 116 116 116 PRO PRO A . n 
A 1 117 TRP 117 117 117 TRP TRP A . n 
A 1 118 ILE 118 118 118 ILE ILE A . n 
A 1 119 LEU 119 119 119 LEU LEU A . n 
A 1 120 GLY 120 120 120 GLY GLY A . n 
A 1 121 GLY 121 121 ?   ?   ?   A . n 
A 1 122 GLY 122 122 ?   ?   ?   A . n 
A 1 123 THR 123 123 ?   ?   ?   A . n 
A 1 124 MET 124 124 ?   ?   ?   A . n 
A 1 125 PRO 125 125 ?   ?   ?   A . n 
A 1 126 SER 126 126 ?   ?   ?   A . n 
A 1 127 LYS 127 127 ?   ?   ?   A . n 
# 
loop_
_pdbx_nonpoly_scheme.asym_id 
_pdbx_nonpoly_scheme.entity_id 
_pdbx_nonpoly_scheme.mon_id 
_pdbx_nonpoly_scheme.ndb_seq_num 
_pdbx_nonpoly_scheme.pdb_seq_num 
_pdbx_nonpoly_scheme.auth_seq_num 
_pdbx_nonpoly_scheme.pdb_mon_id 
_pdbx_nonpoly_scheme.auth_mon_id 
_pdbx_nonpoly_scheme.pdb_strand_id 
_pdbx_nonpoly_scheme.pdb_ins_code 
B 2 HOH 1  129 129 HOH HOH A . 
B 2 HOH 2  130 130 HOH HOH A . 
B 2 HOH 3  131 131 HOH HOH A . 
B 2 HOH 4  132 132 HOH HOH A . 
B 2 HOH 5  133 133 HOH HOH A . 
B 2 HOH 6  134 134 HOH HOH A . 
B 2 HOH 7  135 135 HOH HOH A . 
B 2 HOH 8  136 136 HOH HOH A . 
B 2 HOH 9  137 137 HOH HOH A . 
B 2 HOH 10 138 138 HOH HOH A . 
B 2 HOH 11 139 139 HOH HOH A . 
B 2 HOH 12 140 140 HOH HOH A . 
B 2 HOH 13 141 141 HOH HOH A . 
B 2 HOH 14 143 143 HOH HOH A . 
B 2 HOH 15 144 144 HOH HOH A . 
B 2 HOH 16 145 145 HOH HOH A . 
B 2 HOH 17 146 146 HOH HOH A . 
B 2 HOH 18 147 147 HOH HOH A . 
B 2 HOH 19 148 148 HOH HOH A . 
B 2 HOH 20 149 149 HOH HOH A . 
B 2 HOH 21 150 150 HOH HOH A . 
B 2 HOH 22 151 151 HOH HOH A . 
B 2 HOH 23 152 152 HOH HOH A . 
B 2 HOH 24 153 153 HOH HOH A . 
B 2 HOH 25 154 154 HOH HOH A . 
B 2 HOH 26 155 155 HOH HOH A . 
B 2 HOH 27 156 156 HOH HOH A . 
B 2 HOH 28 157 157 HOH HOH A . 
B 2 HOH 29 159 159 HOH HOH A . 
B 2 HOH 30 160 160 HOH HOH A . 
B 2 HOH 31 161 161 HOH HOH A . 
B 2 HOH 32 162 162 HOH HOH A . 
B 2 HOH 33 163 163 HOH HOH A . 
B 2 HOH 34 164 164 HOH HOH A . 
B 2 HOH 35 165 165 HOH HOH A . 
B 2 HOH 36 166 166 HOH HOH A . 
B 2 HOH 37 168 168 HOH HOH A . 
B 2 HOH 38 169 169 HOH HOH A . 
B 2 HOH 39 170 170 HOH HOH A . 
B 2 HOH 40 171 171 HOH HOH A . 
B 2 HOH 41 172 172 HOH HOH A . 
B 2 HOH 42 173 173 HOH HOH A . 
B 2 HOH 43 174 174 HOH HOH A . 
B 2 HOH 44 175 175 HOH HOH A . 
B 2 HOH 45 176 176 HOH HOH A . 
B 2 HOH 46 177 177 HOH HOH A . 
B 2 HOH 47 179 179 HOH HOH A . 
B 2 HOH 48 181 181 HOH HOH A . 
B 2 HOH 49 182 182 HOH HOH A . 
B 2 HOH 50 183 183 HOH HOH A . 
B 2 HOH 51 185 185 HOH HOH A . 
B 2 HOH 52 186 186 HOH HOH A . 
B 2 HOH 53 187 187 HOH HOH A . 
B 2 HOH 54 189 189 HOH HOH A . 
B 2 HOH 55 190 190 HOH HOH A . 
B 2 HOH 56 191 191 HOH HOH A . 
B 2 HOH 57 192 192 HOH HOH A . 
B 2 HOH 58 195 195 HOH HOH A . 
B 2 HOH 59 196 196 HOH HOH A . 
B 2 HOH 60 197 197 HOH HOH A . 
B 2 HOH 61 199 199 HOH HOH A . 
B 2 HOH 62 200 200 HOH HOH A . 
B 2 HOH 63 202 202 HOH HOH A . 
B 2 HOH 64 206 206 HOH HOH A . 
B 2 HOH 65 213 213 HOH HOH A . 
B 2 HOH 66 214 214 HOH HOH A . 
B 2 HOH 67 219 219 HOH HOH A . 
B 2 HOH 68 220 220 HOH HOH A . 
B 2 HOH 69 221 221 HOH HOH A . 
B 2 HOH 70 224 224 HOH HOH A . 
B 2 HOH 71 226 226 HOH HOH A . 
B 2 HOH 72 227 227 HOH HOH A . 
B 2 HOH 73 229 229 HOH HOH A . 
B 2 HOH 74 231 231 HOH HOH A . 
B 2 HOH 75 232 232 HOH HOH A . 
B 2 HOH 76 233 233 HOH HOH A . 
B 2 HOH 77 234 234 HOH HOH A . 
B 2 HOH 78 235 235 HOH HOH A . 
B 2 HOH 79 238 238 HOH HOH A . 
B 2 HOH 80 253 253 HOH HOH A . 
B 2 HOH 81 254 254 HOH HOH A . 
B 2 HOH 82 264 264 HOH HOH A . 
B 2 HOH 83 265 265 HOH HOH A . 
B 2 HOH 84 266 266 HOH HOH A . 
B 2 HOH 85 268 268 HOH HOH A . 
B 2 HOH 86 269 269 HOH HOH A . 
B 2 HOH 87 270 270 HOH HOH A . 
B 2 HOH 88 271 271 HOH HOH A . 
B 2 HOH 89 272 272 HOH HOH A . 
B 2 HOH 90 274 274 HOH HOH A . 
B 2 HOH 91 275 275 HOH HOH A . 
B 2 HOH 92 276 276 HOH HOH A . 
B 2 HOH 93 277 277 HOH HOH A . 
B 2 HOH 94 280 280 HOH HOH A . 
B 2 HOH 95 282 282 HOH HOH A . 
B 2 HOH 96 285 285 HOH HOH A . 
# 
loop_
_software.name 
_software.classification 
_software.version 
_software.citation_id 
_software.pdbx_ordinal 
PROCESS 'data collection' .     ? 1 
PROCESS 'data reduction'  .     ? 2 
EPMR    phasing           .     ? 3 
X-PLOR  'model building'  3.851 ? 4 
X-PLOR  refinement        3.851 ? 5 
PROCESS 'data scaling'    .     ? 6 
X-PLOR  phasing           3.851 ? 7 
# 
_cell.entry_id           1BEA 
_cell.length_a           57.120 
_cell.length_b           57.120 
_cell.length_c           80.240 
_cell.angle_alpha        90.00 
_cell.angle_beta         90.00 
_cell.angle_gamma        90.00 
_cell.Z_PDB              8 
_cell.pdbx_unique_axis   ? 
# 
_symmetry.entry_id                         1BEA 
_symmetry.space_group_name_H-M             'P 42 21 2' 
_symmetry.pdbx_full_space_group_name_H-M   ? 
_symmetry.cell_setting                     ? 
_symmetry.Int_Tables_number                94 
# 
_exptl.entry_id          1BEA 
_exptl.method            'X-RAY DIFFRACTION' 
_exptl.crystals_number   1 
# 
_exptl_crystal.id                    1 
_exptl_crystal.density_meas          ? 
_exptl_crystal.density_Matthews      2.41 
_exptl_crystal.density_percent_sol   49 
_exptl_crystal.description           ? 
# 
_exptl_crystal_grow.crystal_id      1 
_exptl_crystal_grow.method          ? 
_exptl_crystal_grow.temp            ? 
_exptl_crystal_grow.temp_details    ? 
_exptl_crystal_grow.pH              7.5 
_exptl_crystal_grow.pdbx_pH_range   ? 
_exptl_crystal_grow.pdbx_details    
;PROTEIN WAS CRYSTALLIZED FROM 30% PEG-400, 100 MM HEPES PH 7.5, 0.2 M MGCL2. CRYSTAL WAS SOAKED IN 0.1 M SODIUM ACETATE, 30% PEG-400, 0.2 M MGCL2, PH 5.8 PRIOR TO DATA COLLECTION.
;
# 
_diffrn.id                     1 
_diffrn.ambient_temp           298 
_diffrn.ambient_temp_details   ? 
_diffrn.crystal_id             1 
# 
_diffrn_detector.diffrn_id              1 
_diffrn_detector.detector               'IMAGE PLATE' 
_diffrn_detector.type                   'RIGAKU RAXIS IIC' 
_diffrn_detector.pdbx_collection_date   1995-05 
_diffrn_detector.details                MIRRORS 
# 
_diffrn_radiation.diffrn_id                        1 
_diffrn_radiation.wavelength_id                    1 
_diffrn_radiation.pdbx_monochromatic_or_laue_m_l   M 
_diffrn_radiation.monochromator                    NI 
_diffrn_radiation.pdbx_diffrn_protocol             ? 
_diffrn_radiation.pdbx_scattering_type             x-ray 
# 
_diffrn_radiation_wavelength.id           1 
_diffrn_radiation_wavelength.wavelength   1.5418 
_diffrn_radiation_wavelength.wt           1.0 
# 
_diffrn_source.diffrn_id                   1 
_diffrn_source.source                      'ROTATING ANODE' 
_diffrn_source.type                        'RIGAKU RUH2R' 
_diffrn_source.pdbx_synchrotron_site       ? 
_diffrn_source.pdbx_synchrotron_beamline   ? 
_diffrn_source.pdbx_wavelength             1.5418 
_diffrn_source.pdbx_wavelength_list        ? 
# 
_reflns.entry_id                     1BEA 
_reflns.observed_criterion_sigma_I   2 
_reflns.observed_criterion_sigma_F   ? 
_reflns.d_resolution_low             45 
_reflns.d_resolution_high            1.95 
_reflns.number_obs                   9031 
_reflns.number_all                   ? 
_reflns.percent_possible_obs         92 
_reflns.pdbx_Rmerge_I_obs            ? 
_reflns.pdbx_Rsym_value              ? 
_reflns.pdbx_netI_over_sigmaI        ? 
_reflns.B_iso_Wilson_estimate        19.4 
_reflns.pdbx_redundancy              ? 
_reflns.pdbx_diffrn_id               1 
_reflns.pdbx_ordinal                 1 
# 
_reflns_shell.d_res_high             1.94 
_reflns_shell.d_res_low              1.97 
_reflns_shell.percent_possible_all   65.7 
_reflns_shell.Rmerge_I_obs           ? 
_reflns_shell.pdbx_Rsym_value        ? 
_reflns_shell.meanI_over_sigI_obs    ? 
_reflns_shell.pdbx_redundancy        ? 
_reflns_shell.pdbx_diffrn_id         ? 
_reflns_shell.pdbx_ordinal           1 
# 
_refine.entry_id                                 1BEA 
_refine.ls_number_reflns_obs                     9030 
_refine.ls_number_reflns_all                     ? 
_refine.pdbx_ls_sigma_I                          ? 
_refine.pdbx_ls_sigma_F                          2 
_refine.pdbx_data_cutoff_high_absF               10000000.00 
_refine.pdbx_data_cutoff_low_absF                0.00100 
_refine.pdbx_data_cutoff_high_rms_absF           ? 
_refine.ls_d_res_low                             45.00 
_refine.ls_d_res_high                            1.95 
_refine.ls_percent_reflns_obs                    82.0 
_refine.ls_R_factor_obs                          0.195 
_refine.ls_R_factor_all                          ? 
_refine.ls_R_factor_R_work                       0.195 
_refine.ls_R_factor_R_free                       0.287 
_refine.ls_R_factor_R_free_error                 0.009 
_refine.ls_R_factor_R_free_error_details         ? 
_refine.ls_percent_reflns_R_free                 10.3 
_refine.ls_number_reflns_R_free                  928 
_refine.ls_number_parameters                     ? 
_refine.ls_number_restraints                     ? 
_refine.occupancy_min                            ? 
_refine.occupancy_max                            ? 
_refine.B_iso_mean                               39.3 
_refine.aniso_B[1][1]                            ? 
_refine.aniso_B[2][2]                            ? 
_refine.aniso_B[3][3]                            ? 
_refine.aniso_B[1][2]                            ? 
_refine.aniso_B[1][3]                            ? 
_refine.aniso_B[2][3]                            ? 
_refine.solvent_model_details                    ? 
_refine.solvent_model_param_ksol                 ? 
_refine.solvent_model_param_bsol                 ? 
_refine.pdbx_ls_cross_valid_method               THROUGHOUT 
_refine.details                                  ? 
_refine.pdbx_starting_model                      'PDB ENTRY 1BIP' 
_refine.pdbx_method_to_determine_struct          'MIR/MOLECULAR REPLACEMENT' 
_refine.pdbx_isotropic_thermal_model             RESTRAINED 
_refine.pdbx_stereochemistry_target_values       ? 
_refine.pdbx_stereochem_target_val_spec_case     ? 
_refine.pdbx_R_Free_selection_details            RANDOM 
_refine.pdbx_overall_ESU_R                       ? 
_refine.pdbx_overall_ESU_R_Free                  ? 
_refine.overall_SU_ML                            ? 
_refine.overall_SU_B                             ? 
_refine.pdbx_refine_id                           'X-RAY DIFFRACTION' 
_refine.pdbx_diffrn_id                           1 
_refine.pdbx_TLS_residual_ADP_flag               ? 
_refine.correlation_coeff_Fo_to_Fc               ? 
_refine.correlation_coeff_Fo_to_Fc_free          ? 
_refine.pdbx_solvent_vdw_probe_radii             ? 
_refine.pdbx_solvent_ion_probe_radii             ? 
_refine.pdbx_solvent_shrinkage_radii             ? 
_refine.pdbx_overall_phase_error                 ? 
_refine.overall_SU_R_Cruickshank_DPI             ? 
_refine.pdbx_overall_SU_R_free_Cruickshank_DPI   ? 
_refine.pdbx_overall_SU_R_Blow_DPI               ? 
_refine.pdbx_overall_SU_R_free_Blow_DPI          ? 
# 
_refine_analyze.entry_id                        1BEA 
_refine_analyze.Luzzati_coordinate_error_obs    0.26 
_refine_analyze.Luzzati_sigma_a_obs             0.41 
_refine_analyze.Luzzati_d_res_low_obs           5.00 
_refine_analyze.Luzzati_coordinate_error_free   0.33 
_refine_analyze.Luzzati_sigma_a_free            0.47 
_refine_analyze.Luzzati_d_res_low_free          ? 
_refine_analyze.number_disordered_residues      ? 
_refine_analyze.occupancy_sum_hydrogen          ? 
_refine_analyze.occupancy_sum_non_hydrogen      ? 
_refine_analyze.pdbx_refine_id                  'X-RAY DIFFRACTION' 
# 
_refine_hist.pdbx_refine_id                   'X-RAY DIFFRACTION' 
_refine_hist.cycle_id                         LAST 
_refine_hist.pdbx_number_atoms_protein        1361 
_refine_hist.pdbx_number_atoms_nucleic_acid   0 
_refine_hist.pdbx_number_atoms_ligand         0 
_refine_hist.number_atoms_solvent             96 
_refine_hist.number_atoms_total               1457 
_refine_hist.d_res_high                       1.95 
_refine_hist.d_res_low                        45.00 
# 
loop_
_refine_ls_restr.type 
_refine_ls_restr.dev_ideal 
_refine_ls_restr.dev_ideal_target 
_refine_ls_restr.weight 
_refine_ls_restr.number 
_refine_ls_restr.pdbx_refine_id 
_refine_ls_restr.pdbx_restraint_function 
x_bond_d                0.016 ?    ? ? 'X-RAY DIFFRACTION' ? 
x_bond_d_na             ?     ?    ? ? 'X-RAY DIFFRACTION' ? 
x_bond_d_prot           ?     ?    ? ? 'X-RAY DIFFRACTION' ? 
x_angle_d               ?     ?    ? ? 'X-RAY DIFFRACTION' ? 
x_angle_d_na            ?     ?    ? ? 'X-RAY DIFFRACTION' ? 
x_angle_d_prot          ?     ?    ? ? 'X-RAY DIFFRACTION' ? 
x_angle_deg             1.9   ?    ? ? 'X-RAY DIFFRACTION' ? 
x_angle_deg_na          ?     ?    ? ? 'X-RAY DIFFRACTION' ? 
x_angle_deg_prot        ?     ?    ? ? 'X-RAY DIFFRACTION' ? 
x_dihedral_angle_d      25.2  ?    ? ? 'X-RAY DIFFRACTION' ? 
x_dihedral_angle_d_na   ?     ?    ? ? 'X-RAY DIFFRACTION' ? 
x_dihedral_angle_d_prot ?     ?    ? ? 'X-RAY DIFFRACTION' ? 
x_improper_angle_d      1.12  ?    ? ? 'X-RAY DIFFRACTION' ? 
x_improper_angle_d_na   ?     ?    ? ? 'X-RAY DIFFRACTION' ? 
x_improper_angle_d_prot ?     ?    ? ? 'X-RAY DIFFRACTION' ? 
x_mcbond_it             3.41  1.50 ? ? 'X-RAY DIFFRACTION' ? 
x_mcangle_it            4.94  2.00 ? ? 'X-RAY DIFFRACTION' ? 
x_scbond_it             5.61  2.00 ? ? 'X-RAY DIFFRACTION' ? 
x_scangle_it            8.44  2.50 ? ? 'X-RAY DIFFRACTION' ? 
# 
_refine_ls_shell.pdbx_total_number_of_bins_used   6 
_refine_ls_shell.d_res_high                       1.90 
_refine_ls_shell.d_res_low                        2.02 
_refine_ls_shell.number_reflns_R_work             722 
_refine_ls_shell.R_factor_R_work                  0.386 
_refine_ls_shell.percent_reflns_obs               45.2 
_refine_ls_shell.R_factor_R_free                  0.44 
_refine_ls_shell.R_factor_R_free_error            0.047 
_refine_ls_shell.percent_reflns_R_free            10.6 
_refine_ls_shell.number_reflns_R_free             86 
_refine_ls_shell.pdbx_refine_id                   'X-RAY DIFFRACTION' 
_refine_ls_shell.number_reflns_all                ? 
_refine_ls_shell.R_factor_all                     ? 
# 
loop_
_pdbx_xplor_file.serial_no 
_pdbx_xplor_file.param_file 
_pdbx_xplor_file.topol_file 
_pdbx_xplor_file.pdbx_refine_id 
1 PARHCSDX.PRO TOPHCSDX.PRO 'X-RAY DIFFRACTION' 
2 PARAM19.SOL  ?            'X-RAY DIFFRACTION' 
# 
_struct.entry_id                  1BEA 
_struct.title                     'BIFUNCTIONAL HAGEMAN FACTOR/AMYLASE INHIBITOR FROM MAIZE' 
_struct.pdbx_model_details        ? 
_struct.pdbx_CASP_flag            ? 
_struct.pdbx_model_type_details   ? 
# 
_struct_keywords.entry_id        1BEA 
_struct_keywords.pdbx_keywords   'SERINE PROTEASE INHIBITOR' 
_struct_keywords.text            'SERINE PROTEASE INHIBITOR, AMYLASE/PROTEASE BIFUNCTIONAL INHIBITOR' 
# 
loop_
_struct_asym.id 
_struct_asym.pdbx_blank_PDB_chainid_flag 
_struct_asym.pdbx_modified 
_struct_asym.entity_id 
_struct_asym.details 
A N N 1 ? 
B N N 2 ? 
# 
_struct_ref.id                         1 
_struct_ref.db_name                    UNP 
_struct_ref.db_code                    ITRF_MAIZE 
_struct_ref.entity_id                  1 
_struct_ref.pdbx_db_accession          P01088 
_struct_ref.pdbx_align_begin           1 
_struct_ref.pdbx_seq_one_letter_code   
;MASSSSSSHRRLILAAAVLLSVLAAASASAGTSCVPGWAIPHNPLPSCRWYVTSRTCGIGPRLPWPELKRRCCRELADIP
AYCRCTALSILMDGAIPPGPDAQLEGRLEDLPGCPREVQRGFAATLVTEAECNLATISGVAECPWILGGGTMPSK
;
_struct_ref.pdbx_db_isoform            ? 
# 
_struct_ref_seq.align_id                      1 
_struct_ref_seq.ref_id                        1 
_struct_ref_seq.pdbx_PDB_id_code              1BEA 
_struct_ref_seq.pdbx_strand_id                A 
_struct_ref_seq.seq_align_beg                 1 
_struct_ref_seq.pdbx_seq_align_beg_ins_code   ? 
_struct_ref_seq.seq_align_end                 127 
_struct_ref_seq.pdbx_seq_align_end_ins_code   ? 
_struct_ref_seq.pdbx_db_accession             P01088 
_struct_ref_seq.db_align_beg                  29 
_struct_ref_seq.pdbx_db_align_beg_ins_code    ? 
_struct_ref_seq.db_align_end                  155 
_struct_ref_seq.pdbx_db_align_end_ins_code    ? 
_struct_ref_seq.pdbx_auth_seq_align_beg       1 
_struct_ref_seq.pdbx_auth_seq_align_end       127 
# 
_pdbx_struct_assembly.id                   1 
_pdbx_struct_assembly.details              author_defined_assembly 
_pdbx_struct_assembly.method_details       ? 
_pdbx_struct_assembly.oligomeric_details   monomeric 
_pdbx_struct_assembly.oligomeric_count     1 
# 
_pdbx_struct_assembly_gen.assembly_id       1 
_pdbx_struct_assembly_gen.oper_expression   1 
_pdbx_struct_assembly_gen.asym_id_list      A,B 
# 
_pdbx_struct_oper_list.id                   1 
_pdbx_struct_oper_list.type                 'identity operation' 
_pdbx_struct_oper_list.name                 1_555 
_pdbx_struct_oper_list.symmetry_operation   x,y,z 
_pdbx_struct_oper_list.matrix[1][1]         1.0000000000 
_pdbx_struct_oper_list.matrix[1][2]         0.0000000000 
_pdbx_struct_oper_list.matrix[1][3]         0.0000000000 
_pdbx_struct_oper_list.vector[1]            0.0000000000 
_pdbx_struct_oper_list.matrix[2][1]         0.0000000000 
_pdbx_struct_oper_list.matrix[2][2]         1.0000000000 
_pdbx_struct_oper_list.matrix[2][3]         0.0000000000 
_pdbx_struct_oper_list.vector[2]            0.0000000000 
_pdbx_struct_oper_list.matrix[3][1]         0.0000000000 
_pdbx_struct_oper_list.matrix[3][2]         0.0000000000 
_pdbx_struct_oper_list.matrix[3][3]         1.0000000000 
_pdbx_struct_oper_list.vector[3]            0.0000000000 
# 
_struct_biol.id   1 
# 
loop_
_struct_conf.conf_type_id 
_struct_conf.id 
_struct_conf.pdbx_PDB_helix_id 
_struct_conf.beg_label_comp_id 
_struct_conf.beg_label_asym_id 
_struct_conf.beg_label_seq_id 
_struct_conf.pdbx_beg_PDB_ins_code 
_struct_conf.end_label_comp_id 
_struct_conf.end_label_asym_id 
_struct_conf.end_label_seq_id 
_struct_conf.pdbx_end_PDB_ins_code 
_struct_conf.beg_auth_comp_id 
_struct_conf.beg_auth_asym_id 
_struct_conf.beg_auth_seq_id 
_struct_conf.end_auth_comp_id 
_struct_conf.end_auth_asym_id 
_struct_conf.end_auth_seq_id 
_struct_conf.pdbx_PDB_helix_class 
_struct_conf.details 
_struct_conf.pdbx_PDB_helix_length 
HELX_P HELX_P1 1 PRO A 18 ? CYS A 29 ? PRO A 18 CYS A 29 1 ? 12 
HELX_P HELX_P2 2 TRP A 37 ? ALA A 49 ? TRP A 37 ALA A 49 1 ? 13 
HELX_P HELX_P3 3 ALA A 53 ? ASP A 65 ? ALA A 53 ASP A 65 5 ? 13 
HELX_P HELX_P4 4 ARG A 88 ? THR A 97 ? ARG A 88 THR A 97 1 ? 10 
# 
_struct_conf_type.id          HELX_P 
_struct_conf_type.criteria    ? 
_struct_conf_type.reference   ? 
# 
loop_
_struct_conn.id 
_struct_conn.conn_type_id 
_struct_conn.pdbx_leaving_atom_flag 
_struct_conn.pdbx_PDB_id 
_struct_conn.ptnr1_label_asym_id 
_struct_conn.ptnr1_label_comp_id 
_struct_conn.ptnr1_label_seq_id 
_struct_conn.ptnr1_label_atom_id 
_struct_conn.pdbx_ptnr1_label_alt_id 
_struct_conn.pdbx_ptnr1_PDB_ins_code 
_struct_conn.pdbx_ptnr1_standard_comp_id 
_struct_conn.ptnr1_symmetry 
_struct_conn.ptnr2_label_asym_id 
_struct_conn.ptnr2_label_comp_id 
_struct_conn.ptnr2_label_seq_id 
_struct_conn.ptnr2_label_atom_id 
_struct_conn.pdbx_ptnr2_label_alt_id 
_struct_conn.pdbx_ptnr2_PDB_ins_code 
_struct_conn.ptnr1_auth_asym_id 
_struct_conn.ptnr1_auth_comp_id 
_struct_conn.ptnr1_auth_seq_id 
_struct_conn.ptnr2_auth_asym_id 
_struct_conn.ptnr2_auth_comp_id 
_struct_conn.ptnr2_auth_seq_id 
_struct_conn.ptnr2_symmetry 
_struct_conn.pdbx_ptnr3_label_atom_id 
_struct_conn.pdbx_ptnr3_label_seq_id 
_struct_conn.pdbx_ptnr3_label_comp_id 
_struct_conn.pdbx_ptnr3_label_asym_id 
_struct_conn.pdbx_ptnr3_label_alt_id 
_struct_conn.pdbx_ptnr3_PDB_ins_code 
_struct_conn.details 
_struct_conn.pdbx_dist_value 
_struct_conn.pdbx_value_order 
_struct_conn.pdbx_role 
disulf1 disulf ? ? A CYS 6  SG ? ? ? 1_555 A CYS 55  SG ? ? A CYS 6  A CYS 55  1_555 ? ? ? ? ? ? ? 2.007 ? ? 
disulf2 disulf ? ? A CYS 20 SG ? ? ? 1_555 A CYS 44  SG ? ? A CYS 20 A CYS 44  1_555 ? ? ? ? ? ? ? 2.020 ? ? 
disulf3 disulf ? ? A CYS 29 SG ? ? ? 1_555 A CYS 86  SG ? ? A CYS 29 A CYS 86  1_555 ? ? ? ? ? ? ? 2.040 ? ? 
disulf4 disulf ? ? A CYS 45 SG ? ? ? 1_555 A CYS 104 SG ? ? A CYS 45 A CYS 104 1_555 ? ? ? ? ? ? ? 2.020 ? ? 
disulf5 disulf ? ? A CYS 57 SG ? ? ? 1_555 A CYS 115 SG ? ? A CYS 57 A CYS 115 1_555 ? ? ? ? ? ? ? 2.013 ? ? 
# 
_struct_conn_type.id          disulf 
_struct_conn_type.criteria    ? 
_struct_conn_type.reference   ? 
# 
loop_
_pdbx_modification_feature.ordinal 
_pdbx_modification_feature.label_comp_id 
_pdbx_modification_feature.label_asym_id 
_pdbx_modification_feature.label_seq_id 
_pdbx_modification_feature.label_alt_id 
_pdbx_modification_feature.modified_residue_label_comp_id 
_pdbx_modification_feature.modified_residue_label_asym_id 
_pdbx_modification_feature.modified_residue_label_seq_id 
_pdbx_modification_feature.modified_residue_label_alt_id 
_pdbx_modification_feature.auth_comp_id 
_pdbx_modification_feature.auth_asym_id 
_pdbx_modification_feature.auth_seq_id 
_pdbx_modification_feature.PDB_ins_code 
_pdbx_modification_feature.symmetry 
_pdbx_modification_feature.modified_residue_auth_comp_id 
_pdbx_modification_feature.modified_residue_auth_asym_id 
_pdbx_modification_feature.modified_residue_auth_seq_id 
_pdbx_modification_feature.modified_residue_PDB_ins_code 
_pdbx_modification_feature.modified_residue_symmetry 
_pdbx_modification_feature.comp_id_linking_atom 
_pdbx_modification_feature.modified_residue_id_linking_atom 
_pdbx_modification_feature.modified_residue_id 
_pdbx_modification_feature.ref_pcm_id 
_pdbx_modification_feature.ref_comp_id 
_pdbx_modification_feature.type 
_pdbx_modification_feature.category 
1 CYS A 6  ? CYS A 55  ? CYS A 6  ? 1_555 CYS A 55  ? 1_555 SG SG . . . None 'Disulfide bridge' 
2 CYS A 20 ? CYS A 44  ? CYS A 20 ? 1_555 CYS A 44  ? 1_555 SG SG . . . None 'Disulfide bridge' 
3 CYS A 29 ? CYS A 86  ? CYS A 29 ? 1_555 CYS A 86  ? 1_555 SG SG . . . None 'Disulfide bridge' 
4 CYS A 45 ? CYS A 104 ? CYS A 45 ? 1_555 CYS A 104 ? 1_555 SG SG . . . None 'Disulfide bridge' 
5 CYS A 57 ? CYS A 115 ? CYS A 57 ? 1_555 CYS A 115 ? 1_555 SG SG . . . None 'Disulfide bridge' 
# 
_struct_site.id                   SLE 
_struct_site.pdbx_evidence_code   Unknown 
_struct_site.pdbx_auth_asym_id    ? 
_struct_site.pdbx_auth_comp_id    ? 
_struct_site.pdbx_auth_seq_id     ? 
_struct_site.pdbx_auth_ins_code   ? 
_struct_site.pdbx_num_residues    2 
_struct_site.details              'CLEAVED BY TARGET SERINE PROTEASES.' 
# 
loop_
_struct_site_gen.id 
_struct_site_gen.site_id 
_struct_site_gen.pdbx_num_res 
_struct_site_gen.label_comp_id 
_struct_site_gen.label_asym_id 
_struct_site_gen.label_seq_id 
_struct_site_gen.pdbx_auth_ins_code 
_struct_site_gen.auth_comp_id 
_struct_site_gen.auth_asym_id 
_struct_site_gen.auth_seq_id 
_struct_site_gen.label_atom_id 
_struct_site_gen.label_alt_id 
_struct_site_gen.symmetry 
_struct_site_gen.details 
1 SLE 2 ARG A 34 ? ARG A 34 . ? 1_555 ? 
2 SLE 2 LEU A 35 ? LEU A 35 . ? 1_555 ? 
# 
_pdbx_entry_details.entry_id                   1BEA 
_pdbx_entry_details.compound_details           ? 
_pdbx_entry_details.source_details             ? 
_pdbx_entry_details.nonpolymer_details         ? 
_pdbx_entry_details.sequence_details           
;THE PDB ENTRY NUMBERING REFLECTS THE MATURE PROTEIN
SEQUENCE.  ADDITIONAL RESIDUES FROM EXPRESSION SYSTEM NOT
VISIBLE IN THE ELECTRON DENSITY.
;
_pdbx_entry_details.has_ligand_of_interest     ? 
_pdbx_entry_details.has_protein_modification   Y 
# 
_pdbx_validate_close_contact.id               1 
_pdbx_validate_close_contact.PDB_model_num    1 
_pdbx_validate_close_contact.auth_atom_id_1   O 
_pdbx_validate_close_contact.auth_asym_id_1   A 
_pdbx_validate_close_contact.auth_comp_id_1   HOH 
_pdbx_validate_close_contact.auth_seq_id_1    146 
_pdbx_validate_close_contact.PDB_ins_code_1   ? 
_pdbx_validate_close_contact.label_alt_id_1   ? 
_pdbx_validate_close_contact.auth_atom_id_2   O 
_pdbx_validate_close_contact.auth_asym_id_2   A 
_pdbx_validate_close_contact.auth_comp_id_2   HOH 
_pdbx_validate_close_contact.auth_seq_id_2    272 
_pdbx_validate_close_contact.PDB_ins_code_2   ? 
_pdbx_validate_close_contact.label_alt_id_2   ? 
_pdbx_validate_close_contact.dist             2.13 
# 
_pdbx_validate_rmsd_bond.id                        1 
_pdbx_validate_rmsd_bond.PDB_model_num             1 
_pdbx_validate_rmsd_bond.auth_atom_id_1            CB 
_pdbx_validate_rmsd_bond.auth_asym_id_1            A 
_pdbx_validate_rmsd_bond.auth_comp_id_1            TRP 
_pdbx_validate_rmsd_bond.auth_seq_id_1             10 
_pdbx_validate_rmsd_bond.PDB_ins_code_1            ? 
_pdbx_validate_rmsd_bond.label_alt_id_1            B 
_pdbx_validate_rmsd_bond.auth_atom_id_2            CG 
_pdbx_validate_rmsd_bond.auth_asym_id_2            A 
_pdbx_validate_rmsd_bond.auth_comp_id_2            TRP 
_pdbx_validate_rmsd_bond.auth_seq_id_2             10 
_pdbx_validate_rmsd_bond.PDB_ins_code_2            ? 
_pdbx_validate_rmsd_bond.label_alt_id_2            B 
_pdbx_validate_rmsd_bond.bond_value                1.679 
_pdbx_validate_rmsd_bond.bond_target_value         1.498 
_pdbx_validate_rmsd_bond.bond_deviation            0.181 
_pdbx_validate_rmsd_bond.bond_standard_deviation   0.018 
_pdbx_validate_rmsd_bond.linker_flag               N 
# 
_pdbx_validate_rmsd_angle.id                         1 
_pdbx_validate_rmsd_angle.PDB_model_num              1 
_pdbx_validate_rmsd_angle.auth_atom_id_1             N 
_pdbx_validate_rmsd_angle.auth_asym_id_1             A 
_pdbx_validate_rmsd_angle.auth_comp_id_1             TRP 
_pdbx_validate_rmsd_angle.auth_seq_id_1              10 
_pdbx_validate_rmsd_angle.PDB_ins_code_1             ? 
_pdbx_validate_rmsd_angle.label_alt_id_1             ? 
_pdbx_validate_rmsd_angle.auth_atom_id_2             CA 
_pdbx_validate_rmsd_angle.auth_asym_id_2             A 
_pdbx_validate_rmsd_angle.auth_comp_id_2             TRP 
_pdbx_validate_rmsd_angle.auth_seq_id_2              10 
_pdbx_validate_rmsd_angle.PDB_ins_code_2             ? 
_pdbx_validate_rmsd_angle.label_alt_id_2             ? 
_pdbx_validate_rmsd_angle.auth_atom_id_3             CB 
_pdbx_validate_rmsd_angle.auth_asym_id_3             A 
_pdbx_validate_rmsd_angle.auth_comp_id_3             TRP 
_pdbx_validate_rmsd_angle.auth_seq_id_3              10 
_pdbx_validate_rmsd_angle.PDB_ins_code_3             ? 
_pdbx_validate_rmsd_angle.label_alt_id_3             B 
_pdbx_validate_rmsd_angle.angle_value                92.98 
_pdbx_validate_rmsd_angle.angle_target_value         110.60 
_pdbx_validate_rmsd_angle.angle_deviation            -17.62 
_pdbx_validate_rmsd_angle.angle_standard_deviation   1.80 
_pdbx_validate_rmsd_angle.linker_flag                N 
# 
loop_
_pdbx_validate_torsion.id 
_pdbx_validate_torsion.PDB_model_num 
_pdbx_validate_torsion.auth_comp_id 
_pdbx_validate_torsion.auth_asym_id 
_pdbx_validate_torsion.auth_seq_id 
_pdbx_validate_torsion.PDB_ins_code 
_pdbx_validate_torsion.label_alt_id 
_pdbx_validate_torsion.phi 
_pdbx_validate_torsion.psi 
1  1 TRP A 10  ? ? -68.46  -104.28 
2  1 ASN A 15  ? ? 44.77   71.86   
3  1 ASP A 73  ? ? -85.17  -82.84  
4  1 ALA A 74  ? ? 55.01   91.05   
5  1 ARG A 79  ? ? 83.98   132.24  
6  1 PRO A 84  ? ? -39.92  128.06  
7  1 CYS A 86  ? ? -161.96 79.81   
8  1 GLU A 103 ? ? -101.92 -108.18 
9  1 THR A 108 ? ? -117.32 -153.41 
10 1 ILE A 118 ? ? -39.94  -72.47  
# 
loop_
_pdbx_unobs_or_zero_occ_residues.id 
_pdbx_unobs_or_zero_occ_residues.PDB_model_num 
_pdbx_unobs_or_zero_occ_residues.polymer_flag 
_pdbx_unobs_or_zero_occ_residues.occupancy_flag 
_pdbx_unobs_or_zero_occ_residues.auth_asym_id 
_pdbx_unobs_or_zero_occ_residues.auth_comp_id 
_pdbx_unobs_or_zero_occ_residues.auth_seq_id 
_pdbx_unobs_or_zero_occ_residues.PDB_ins_code 
_pdbx_unobs_or_zero_occ_residues.label_asym_id 
_pdbx_unobs_or_zero_occ_residues.label_comp_id 
_pdbx_unobs_or_zero_occ_residues.label_seq_id 
1  1 Y 1 A SER 1   ? A SER 1   
2  1 Y 1 A ALA 2   ? A ALA 2   
3  1 Y 1 A GLY 3   ? A GLY 3   
4  1 Y 1 A THR 4   ? A THR 4   
5  1 Y 1 A GLY 121 ? A GLY 121 
6  1 Y 1 A GLY 122 ? A GLY 122 
7  1 Y 1 A THR 123 ? A THR 123 
8  1 Y 1 A MET 124 ? A MET 124 
9  1 Y 1 A PRO 125 ? A PRO 125 
10 1 Y 1 A SER 126 ? A SER 126 
11 1 Y 1 A LYS 127 ? A LYS 127 
# 
loop_
_chem_comp_atom.comp_id 
_chem_comp_atom.atom_id 
_chem_comp_atom.type_symbol 
_chem_comp_atom.pdbx_aromatic_flag 
_chem_comp_atom.pdbx_stereo_config 
_chem_comp_atom.pdbx_ordinal 
ALA N    N N N 1   
ALA CA   C N S 2   
ALA C    C N N 3   
ALA O    O N N 4   
ALA CB   C N N 5   
ALA OXT  O N N 6   
ALA H    H N N 7   
ALA H2   H N N 8   
ALA HA   H N N 9   
ALA HB1  H N N 10  
ALA HB2  H N N 11  
ALA HB3  H N N 12  
ALA HXT  H N N 13  
ARG N    N N N 14  
ARG CA   C N S 15  
ARG C    C N N 16  
ARG O    O N N 17  
ARG CB   C N N 18  
ARG CG   C N N 19  
ARG CD   C N N 20  
ARG NE   N N N 21  
ARG CZ   C N N 22  
ARG NH1  N N N 23  
ARG NH2  N N N 24  
ARG OXT  O N N 25  
ARG H    H N N 26  
ARG H2   H N N 27  
ARG HA   H N N 28  
ARG HB2  H N N 29  
ARG HB3  H N N 30  
ARG HG2  H N N 31  
ARG HG3  H N N 32  
ARG HD2  H N N 33  
ARG HD3  H N N 34  
ARG HE   H N N 35  
ARG HH11 H N N 36  
ARG HH12 H N N 37  
ARG HH21 H N N 38  
ARG HH22 H N N 39  
ARG HXT  H N N 40  
ASN N    N N N 41  
ASN CA   C N S 42  
ASN C    C N N 43  
ASN O    O N N 44  
ASN CB   C N N 45  
ASN CG   C N N 46  
ASN OD1  O N N 47  
ASN ND2  N N N 48  
ASN OXT  O N N 49  
ASN H    H N N 50  
ASN H2   H N N 51  
ASN HA   H N N 52  
ASN HB2  H N N 53  
ASN HB3  H N N 54  
ASN HD21 H N N 55  
ASN HD22 H N N 56  
ASN HXT  H N N 57  
ASP N    N N N 58  
ASP CA   C N S 59  
ASP C    C N N 60  
ASP O    O N N 61  
ASP CB   C N N 62  
ASP CG   C N N 63  
ASP OD1  O N N 64  
ASP OD2  O N N 65  
ASP OXT  O N N 66  
ASP H    H N N 67  
ASP H2   H N N 68  
ASP HA   H N N 69  
ASP HB2  H N N 70  
ASP HB3  H N N 71  
ASP HD2  H N N 72  
ASP HXT  H N N 73  
CYS N    N N N 74  
CYS CA   C N R 75  
CYS C    C N N 76  
CYS O    O N N 77  
CYS CB   C N N 78  
CYS SG   S N N 79  
CYS OXT  O N N 80  
CYS H    H N N 81  
CYS H2   H N N 82  
CYS HA   H N N 83  
CYS HB2  H N N 84  
CYS HB3  H N N 85  
CYS HG   H N N 86  
CYS HXT  H N N 87  
GLN N    N N N 88  
GLN CA   C N S 89  
GLN C    C N N 90  
GLN O    O N N 91  
GLN CB   C N N 92  
GLN CG   C N N 93  
GLN CD   C N N 94  
GLN OE1  O N N 95  
GLN NE2  N N N 96  
GLN OXT  O N N 97  
GLN H    H N N 98  
GLN H2   H N N 99  
GLN HA   H N N 100 
GLN HB2  H N N 101 
GLN HB3  H N N 102 
GLN HG2  H N N 103 
GLN HG3  H N N 104 
GLN HE21 H N N 105 
GLN HE22 H N N 106 
GLN HXT  H N N 107 
GLU N    N N N 108 
GLU CA   C N S 109 
GLU C    C N N 110 
GLU O    O N N 111 
GLU CB   C N N 112 
GLU CG   C N N 113 
GLU CD   C N N 114 
GLU OE1  O N N 115 
GLU OE2  O N N 116 
GLU OXT  O N N 117 
GLU H    H N N 118 
GLU H2   H N N 119 
GLU HA   H N N 120 
GLU HB2  H N N 121 
GLU HB3  H N N 122 
GLU HG2  H N N 123 
GLU HG3  H N N 124 
GLU HE2  H N N 125 
GLU HXT  H N N 126 
GLY N    N N N 127 
GLY CA   C N N 128 
GLY C    C N N 129 
GLY O    O N N 130 
GLY OXT  O N N 131 
GLY H    H N N 132 
GLY H2   H N N 133 
GLY HA2  H N N 134 
GLY HA3  H N N 135 
GLY HXT  H N N 136 
HIS N    N N N 137 
HIS CA   C N S 138 
HIS C    C N N 139 
HIS O    O N N 140 
HIS CB   C N N 141 
HIS CG   C Y N 142 
HIS ND1  N Y N 143 
HIS CD2  C Y N 144 
HIS CE1  C Y N 145 
HIS NE2  N Y N 146 
HIS OXT  O N N 147 
HIS H    H N N 148 
HIS H2   H N N 149 
HIS HA   H N N 150 
HIS HB2  H N N 151 
HIS HB3  H N N 152 
HIS HD1  H N N 153 
HIS HD2  H N N 154 
HIS HE1  H N N 155 
HIS HE2  H N N 156 
HIS HXT  H N N 157 
HOH O    O N N 158 
HOH H1   H N N 159 
HOH H2   H N N 160 
ILE N    N N N 161 
ILE CA   C N S 162 
ILE C    C N N 163 
ILE O    O N N 164 
ILE CB   C N S 165 
ILE CG1  C N N 166 
ILE CG2  C N N 167 
ILE CD1  C N N 168 
ILE OXT  O N N 169 
ILE H    H N N 170 
ILE H2   H N N 171 
ILE HA   H N N 172 
ILE HB   H N N 173 
ILE HG12 H N N 174 
ILE HG13 H N N 175 
ILE HG21 H N N 176 
ILE HG22 H N N 177 
ILE HG23 H N N 178 
ILE HD11 H N N 179 
ILE HD12 H N N 180 
ILE HD13 H N N 181 
ILE HXT  H N N 182 
LEU N    N N N 183 
LEU CA   C N S 184 
LEU C    C N N 185 
LEU O    O N N 186 
LEU CB   C N N 187 
LEU CG   C N N 188 
LEU CD1  C N N 189 
LEU CD2  C N N 190 
LEU OXT  O N N 191 
LEU H    H N N 192 
LEU H2   H N N 193 
LEU HA   H N N 194 
LEU HB2  H N N 195 
LEU HB3  H N N 196 
LEU HG   H N N 197 
LEU HD11 H N N 198 
LEU HD12 H N N 199 
LEU HD13 H N N 200 
LEU HD21 H N N 201 
LEU HD22 H N N 202 
LEU HD23 H N N 203 
LEU HXT  H N N 204 
LYS N    N N N 205 
LYS CA   C N S 206 
LYS C    C N N 207 
LYS O    O N N 208 
LYS CB   C N N 209 
LYS CG   C N N 210 
LYS CD   C N N 211 
LYS CE   C N N 212 
LYS NZ   N N N 213 
LYS OXT  O N N 214 
LYS H    H N N 215 
LYS H2   H N N 216 
LYS HA   H N N 217 
LYS HB2  H N N 218 
LYS HB3  H N N 219 
LYS HG2  H N N 220 
LYS HG3  H N N 221 
LYS HD2  H N N 222 
LYS HD3  H N N 223 
LYS HE2  H N N 224 
LYS HE3  H N N 225 
LYS HZ1  H N N 226 
LYS HZ2  H N N 227 
LYS HZ3  H N N 228 
LYS HXT  H N N 229 
MET N    N N N 230 
MET CA   C N S 231 
MET C    C N N 232 
MET O    O N N 233 
MET CB   C N N 234 
MET CG   C N N 235 
MET SD   S N N 236 
MET CE   C N N 237 
MET OXT  O N N 238 
MET H    H N N 239 
MET H2   H N N 240 
MET HA   H N N 241 
MET HB2  H N N 242 
MET HB3  H N N 243 
MET HG2  H N N 244 
MET HG3  H N N 245 
MET HE1  H N N 246 
MET HE2  H N N 247 
MET HE3  H N N 248 
MET HXT  H N N 249 
PHE N    N N N 250 
PHE CA   C N S 251 
PHE C    C N N 252 
PHE O    O N N 253 
PHE CB   C N N 254 
PHE CG   C Y N 255 
PHE CD1  C Y N 256 
PHE CD2  C Y N 257 
PHE CE1  C Y N 258 
PHE CE2  C Y N 259 
PHE CZ   C Y N 260 
PHE OXT  O N N 261 
PHE H    H N N 262 
PHE H2   H N N 263 
PHE HA   H N N 264 
PHE HB2  H N N 265 
PHE HB3  H N N 266 
PHE HD1  H N N 267 
PHE HD2  H N N 268 
PHE HE1  H N N 269 
PHE HE2  H N N 270 
PHE HZ   H N N 271 
PHE HXT  H N N 272 
PRO N    N N N 273 
PRO CA   C N S 274 
PRO C    C N N 275 
PRO O    O N N 276 
PRO CB   C N N 277 
PRO CG   C N N 278 
PRO CD   C N N 279 
PRO OXT  O N N 280 
PRO H    H N N 281 
PRO HA   H N N 282 
PRO HB2  H N N 283 
PRO HB3  H N N 284 
PRO HG2  H N N 285 
PRO HG3  H N N 286 
PRO HD2  H N N 287 
PRO HD3  H N N 288 
PRO HXT  H N N 289 
SER N    N N N 290 
SER CA   C N S 291 
SER C    C N N 292 
SER O    O N N 293 
SER CB   C N N 294 
SER OG   O N N 295 
SER OXT  O N N 296 
SER H    H N N 297 
SER H2   H N N 298 
SER HA   H N N 299 
SER HB2  H N N 300 
SER HB3  H N N 301 
SER HG   H N N 302 
SER HXT  H N N 303 
THR N    N N N 304 
THR CA   C N S 305 
THR C    C N N 306 
THR O    O N N 307 
THR CB   C N R 308 
THR OG1  O N N 309 
THR CG2  C N N 310 
THR OXT  O N N 311 
THR H    H N N 312 
THR H2   H N N 313 
THR HA   H N N 314 
THR HB   H N N 315 
THR HG1  H N N 316 
THR HG21 H N N 317 
THR HG22 H N N 318 
THR HG23 H N N 319 
THR HXT  H N N 320 
TRP N    N N N 321 
TRP CA   C N S 322 
TRP C    C N N 323 
TRP O    O N N 324 
TRP CB   C N N 325 
TRP CG   C Y N 326 
TRP CD1  C Y N 327 
TRP CD2  C Y N 328 
TRP NE1  N Y N 329 
TRP CE2  C Y N 330 
TRP CE3  C Y N 331 
TRP CZ2  C Y N 332 
TRP CZ3  C Y N 333 
TRP CH2  C Y N 334 
TRP OXT  O N N 335 
TRP H    H N N 336 
TRP H2   H N N 337 
TRP HA   H N N 338 
TRP HB2  H N N 339 
TRP HB3  H N N 340 
TRP HD1  H N N 341 
TRP HE1  H N N 342 
TRP HE3  H N N 343 
TRP HZ2  H N N 344 
TRP HZ3  H N N 345 
TRP HH2  H N N 346 
TRP HXT  H N N 347 
TYR N    N N N 348 
TYR CA   C N S 349 
TYR C    C N N 350 
TYR O    O N N 351 
TYR CB   C N N 352 
TYR CG   C Y N 353 
TYR CD1  C Y N 354 
TYR CD2  C Y N 355 
TYR CE1  C Y N 356 
TYR CE2  C Y N 357 
TYR CZ   C Y N 358 
TYR OH   O N N 359 
TYR OXT  O N N 360 
TYR H    H N N 361 
TYR H2   H N N 362 
TYR HA   H N N 363 
TYR HB2  H N N 364 
TYR HB3  H N N 365 
TYR HD1  H N N 366 
TYR HD2  H N N 367 
TYR HE1  H N N 368 
TYR HE2  H N N 369 
TYR HH   H N N 370 
TYR HXT  H N N 371 
VAL N    N N N 372 
VAL CA   C N S 373 
VAL C    C N N 374 
VAL O    O N N 375 
VAL CB   C N N 376 
VAL CG1  C N N 377 
VAL CG2  C N N 378 
VAL OXT  O N N 379 
VAL H    H N N 380 
VAL H2   H N N 381 
VAL HA   H N N 382 
VAL HB   H N N 383 
VAL HG11 H N N 384 
VAL HG12 H N N 385 
VAL HG13 H N N 386 
VAL HG21 H N N 387 
VAL HG22 H N N 388 
VAL HG23 H N N 389 
VAL HXT  H N N 390 
# 
loop_
_chem_comp_bond.comp_id 
_chem_comp_bond.atom_id_1 
_chem_comp_bond.atom_id_2 
_chem_comp_bond.value_order 
_chem_comp_bond.pdbx_aromatic_flag 
_chem_comp_bond.pdbx_stereo_config 
_chem_comp_bond.pdbx_ordinal 
ALA N   CA   sing N N 1   
ALA N   H    sing N N 2   
ALA N   H2   sing N N 3   
ALA CA  C    sing N N 4   
ALA CA  CB   sing N N 5   
ALA CA  HA   sing N N 6   
ALA C   O    doub N N 7   
ALA C   OXT  sing N N 8   
ALA CB  HB1  sing N N 9   
ALA CB  HB2  sing N N 10  
ALA CB  HB3  sing N N 11  
ALA OXT HXT  sing N N 12  
ARG N   CA   sing N N 13  
ARG N   H    sing N N 14  
ARG N   H2   sing N N 15  
ARG CA  C    sing N N 16  
ARG CA  CB   sing N N 17  
ARG CA  HA   sing N N 18  
ARG C   O    doub N N 19  
ARG C   OXT  sing N N 20  
ARG CB  CG   sing N N 21  
ARG CB  HB2  sing N N 22  
ARG CB  HB3  sing N N 23  
ARG CG  CD   sing N N 24  
ARG CG  HG2  sing N N 25  
ARG CG  HG3  sing N N 26  
ARG CD  NE   sing N N 27  
ARG CD  HD2  sing N N 28  
ARG CD  HD3  sing N N 29  
ARG NE  CZ   sing N N 30  
ARG NE  HE   sing N N 31  
ARG CZ  NH1  sing N N 32  
ARG CZ  NH2  doub N N 33  
ARG NH1 HH11 sing N N 34  
ARG NH1 HH12 sing N N 35  
ARG NH2 HH21 sing N N 36  
ARG NH2 HH22 sing N N 37  
ARG OXT HXT  sing N N 38  
ASN N   CA   sing N N 39  
ASN N   H    sing N N 40  
ASN N   H2   sing N N 41  
ASN CA  C    sing N N 42  
ASN CA  CB   sing N N 43  
ASN CA  HA   sing N N 44  
ASN C   O    doub N N 45  
ASN C   OXT  sing N N 46  
ASN CB  CG   sing N N 47  
ASN CB  HB2  sing N N 48  
ASN CB  HB3  sing N N 49  
ASN CG  OD1  doub N N 50  
ASN CG  ND2  sing N N 51  
ASN ND2 HD21 sing N N 52  
ASN ND2 HD22 sing N N 53  
ASN OXT HXT  sing N N 54  
ASP N   CA   sing N N 55  
ASP N   H    sing N N 56  
ASP N   H2   sing N N 57  
ASP CA  C    sing N N 58  
ASP CA  CB   sing N N 59  
ASP CA  HA   sing N N 60  
ASP C   O    doub N N 61  
ASP C   OXT  sing N N 62  
ASP CB  CG   sing N N 63  
ASP CB  HB2  sing N N 64  
ASP CB  HB3  sing N N 65  
ASP CG  OD1  doub N N 66  
ASP CG  OD2  sing N N 67  
ASP OD2 HD2  sing N N 68  
ASP OXT HXT  sing N N 69  
CYS N   CA   sing N N 70  
CYS N   H    sing N N 71  
CYS N   H2   sing N N 72  
CYS CA  C    sing N N 73  
CYS CA  CB   sing N N 74  
CYS CA  HA   sing N N 75  
CYS C   O    doub N N 76  
CYS C   OXT  sing N N 77  
CYS CB  SG   sing N N 78  
CYS CB  HB2  sing N N 79  
CYS CB  HB3  sing N N 80  
CYS SG  HG   sing N N 81  
CYS OXT HXT  sing N N 82  
GLN N   CA   sing N N 83  
GLN N   H    sing N N 84  
GLN N   H2   sing N N 85  
GLN CA  C    sing N N 86  
GLN CA  CB   sing N N 87  
GLN CA  HA   sing N N 88  
GLN C   O    doub N N 89  
GLN C   OXT  sing N N 90  
GLN CB  CG   sing N N 91  
GLN CB  HB2  sing N N 92  
GLN CB  HB3  sing N N 93  
GLN CG  CD   sing N N 94  
GLN CG  HG2  sing N N 95  
GLN CG  HG3  sing N N 96  
GLN CD  OE1  doub N N 97  
GLN CD  NE2  sing N N 98  
GLN NE2 HE21 sing N N 99  
GLN NE2 HE22 sing N N 100 
GLN OXT HXT  sing N N 101 
GLU N   CA   sing N N 102 
GLU N   H    sing N N 103 
GLU N   H2   sing N N 104 
GLU CA  C    sing N N 105 
GLU CA  CB   sing N N 106 
GLU CA  HA   sing N N 107 
GLU C   O    doub N N 108 
GLU C   OXT  sing N N 109 
GLU CB  CG   sing N N 110 
GLU CB  HB2  sing N N 111 
GLU CB  HB3  sing N N 112 
GLU CG  CD   sing N N 113 
GLU CG  HG2  sing N N 114 
GLU CG  HG3  sing N N 115 
GLU CD  OE1  doub N N 116 
GLU CD  OE2  sing N N 117 
GLU OE2 HE2  sing N N 118 
GLU OXT HXT  sing N N 119 
GLY N   CA   sing N N 120 
GLY N   H    sing N N 121 
GLY N   H2   sing N N 122 
GLY CA  C    sing N N 123 
GLY CA  HA2  sing N N 124 
GLY CA  HA3  sing N N 125 
GLY C   O    doub N N 126 
GLY C   OXT  sing N N 127 
GLY OXT HXT  sing N N 128 
HIS N   CA   sing N N 129 
HIS N   H    sing N N 130 
HIS N   H2   sing N N 131 
HIS CA  C    sing N N 132 
HIS CA  CB   sing N N 133 
HIS CA  HA   sing N N 134 
HIS C   O    doub N N 135 
HIS C   OXT  sing N N 136 
HIS CB  CG   sing N N 137 
HIS CB  HB2  sing N N 138 
HIS CB  HB3  sing N N 139 
HIS CG  ND1  sing Y N 140 
HIS CG  CD2  doub Y N 141 
HIS ND1 CE1  doub Y N 142 
HIS ND1 HD1  sing N N 143 
HIS CD2 NE2  sing Y N 144 
HIS CD2 HD2  sing N N 145 
HIS CE1 NE2  sing Y N 146 
HIS CE1 HE1  sing N N 147 
HIS NE2 HE2  sing N N 148 
HIS OXT HXT  sing N N 149 
HOH O   H1   sing N N 150 
HOH O   H2   sing N N 151 
ILE N   CA   sing N N 152 
ILE N   H    sing N N 153 
ILE N   H2   sing N N 154 
ILE CA  C    sing N N 155 
ILE CA  CB   sing N N 156 
ILE CA  HA   sing N N 157 
ILE C   O    doub N N 158 
ILE C   OXT  sing N N 159 
ILE CB  CG1  sing N N 160 
ILE CB  CG2  sing N N 161 
ILE CB  HB   sing N N 162 
ILE CG1 CD1  sing N N 163 
ILE CG1 HG12 sing N N 164 
ILE CG1 HG13 sing N N 165 
ILE CG2 HG21 sing N N 166 
ILE CG2 HG22 sing N N 167 
ILE CG2 HG23 sing N N 168 
ILE CD1 HD11 sing N N 169 
ILE CD1 HD12 sing N N 170 
ILE CD1 HD13 sing N N 171 
ILE OXT HXT  sing N N 172 
LEU N   CA   sing N N 173 
LEU N   H    sing N N 174 
LEU N   H2   sing N N 175 
LEU CA  C    sing N N 176 
LEU CA  CB   sing N N 177 
LEU CA  HA   sing N N 178 
LEU C   O    doub N N 179 
LEU C   OXT  sing N N 180 
LEU CB  CG   sing N N 181 
LEU CB  HB2  sing N N 182 
LEU CB  HB3  sing N N 183 
LEU CG  CD1  sing N N 184 
LEU CG  CD2  sing N N 185 
LEU CG  HG   sing N N 186 
LEU CD1 HD11 sing N N 187 
LEU CD1 HD12 sing N N 188 
LEU CD1 HD13 sing N N 189 
LEU CD2 HD21 sing N N 190 
LEU CD2 HD22 sing N N 191 
LEU CD2 HD23 sing N N 192 
LEU OXT HXT  sing N N 193 
LYS N   CA   sing N N 194 
LYS N   H    sing N N 195 
LYS N   H2   sing N N 196 
LYS CA  C    sing N N 197 
LYS CA  CB   sing N N 198 
LYS CA  HA   sing N N 199 
LYS C   O    doub N N 200 
LYS C   OXT  sing N N 201 
LYS CB  CG   sing N N 202 
LYS CB  HB2  sing N N 203 
LYS CB  HB3  sing N N 204 
LYS CG  CD   sing N N 205 
LYS CG  HG2  sing N N 206 
LYS CG  HG3  sing N N 207 
LYS CD  CE   sing N N 208 
LYS CD  HD2  sing N N 209 
LYS CD  HD3  sing N N 210 
LYS CE  NZ   sing N N 211 
LYS CE  HE2  sing N N 212 
LYS CE  HE3  sing N N 213 
LYS NZ  HZ1  sing N N 214 
LYS NZ  HZ2  sing N N 215 
LYS NZ  HZ3  sing N N 216 
LYS OXT HXT  sing N N 217 
MET N   CA   sing N N 218 
MET N   H    sing N N 219 
MET N   H2   sing N N 220 
MET CA  C    sing N N 221 
MET CA  CB   sing N N 222 
MET CA  HA   sing N N 223 
MET C   O    doub N N 224 
MET C   OXT  sing N N 225 
MET CB  CG   sing N N 226 
MET CB  HB2  sing N N 227 
MET CB  HB3  sing N N 228 
MET CG  SD   sing N N 229 
MET CG  HG2  sing N N 230 
MET CG  HG3  sing N N 231 
MET SD  CE   sing N N 232 
MET CE  HE1  sing N N 233 
MET CE  HE2  sing N N 234 
MET CE  HE3  sing N N 235 
MET OXT HXT  sing N N 236 
PHE N   CA   sing N N 237 
PHE N   H    sing N N 238 
PHE N   H2   sing N N 239 
PHE CA  C    sing N N 240 
PHE CA  CB   sing N N 241 
PHE CA  HA   sing N N 242 
PHE C   O    doub N N 243 
PHE C   OXT  sing N N 244 
PHE CB  CG   sing N N 245 
PHE CB  HB2  sing N N 246 
PHE CB  HB3  sing N N 247 
PHE CG  CD1  doub Y N 248 
PHE CG  CD2  sing Y N 249 
PHE CD1 CE1  sing Y N 250 
PHE CD1 HD1  sing N N 251 
PHE CD2 CE2  doub Y N 252 
PHE CD2 HD2  sing N N 253 
PHE CE1 CZ   doub Y N 254 
PHE CE1 HE1  sing N N 255 
PHE CE2 CZ   sing Y N 256 
PHE CE2 HE2  sing N N 257 
PHE CZ  HZ   sing N N 258 
PHE OXT HXT  sing N N 259 
PRO N   CA   sing N N 260 
PRO N   CD   sing N N 261 
PRO N   H    sing N N 262 
PRO CA  C    sing N N 263 
PRO CA  CB   sing N N 264 
PRO CA  HA   sing N N 265 
PRO C   O    doub N N 266 
PRO C   OXT  sing N N 267 
PRO CB  CG   sing N N 268 
PRO CB  HB2  sing N N 269 
PRO CB  HB3  sing N N 270 
PRO CG  CD   sing N N 271 
PRO CG  HG2  sing N N 272 
PRO CG  HG3  sing N N 273 
PRO CD  HD2  sing N N 274 
PRO CD  HD3  sing N N 275 
PRO OXT HXT  sing N N 276 
SER N   CA   sing N N 277 
SER N   H    sing N N 278 
SER N   H2   sing N N 279 
SER CA  C    sing N N 280 
SER CA  CB   sing N N 281 
SER CA  HA   sing N N 282 
SER C   O    doub N N 283 
SER C   OXT  sing N N 284 
SER CB  OG   sing N N 285 
SER CB  HB2  sing N N 286 
SER CB  HB3  sing N N 287 
SER OG  HG   sing N N 288 
SER OXT HXT  sing N N 289 
THR N   CA   sing N N 290 
THR N   H    sing N N 291 
THR N   H2   sing N N 292 
THR CA  C    sing N N 293 
THR CA  CB   sing N N 294 
THR CA  HA   sing N N 295 
THR C   O    doub N N 296 
THR C   OXT  sing N N 297 
THR CB  OG1  sing N N 298 
THR CB  CG2  sing N N 299 
THR CB  HB   sing N N 300 
THR OG1 HG1  sing N N 301 
THR CG2 HG21 sing N N 302 
THR CG2 HG22 sing N N 303 
THR CG2 HG23 sing N N 304 
THR OXT HXT  sing N N 305 
TRP N   CA   sing N N 306 
TRP N   H    sing N N 307 
TRP N   H2   sing N N 308 
TRP CA  C    sing N N 309 
TRP CA  CB   sing N N 310 
TRP CA  HA   sing N N 311 
TRP C   O    doub N N 312 
TRP C   OXT  sing N N 313 
TRP CB  CG   sing N N 314 
TRP CB  HB2  sing N N 315 
TRP CB  HB3  sing N N 316 
TRP CG  CD1  doub Y N 317 
TRP CG  CD2  sing Y N 318 
TRP CD1 NE1  sing Y N 319 
TRP CD1 HD1  sing N N 320 
TRP CD2 CE2  doub Y N 321 
TRP CD2 CE3  sing Y N 322 
TRP NE1 CE2  sing Y N 323 
TRP NE1 HE1  sing N N 324 
TRP CE2 CZ2  sing Y N 325 
TRP CE3 CZ3  doub Y N 326 
TRP CE3 HE3  sing N N 327 
TRP CZ2 CH2  doub Y N 328 
TRP CZ2 HZ2  sing N N 329 
TRP CZ3 CH2  sing Y N 330 
TRP CZ3 HZ3  sing N N 331 
TRP CH2 HH2  sing N N 332 
TRP OXT HXT  sing N N 333 
TYR N   CA   sing N N 334 
TYR N   H    sing N N 335 
TYR N   H2   sing N N 336 
TYR CA  C    sing N N 337 
TYR CA  CB   sing N N 338 
TYR CA  HA   sing N N 339 
TYR C   O    doub N N 340 
TYR C   OXT  sing N N 341 
TYR CB  CG   sing N N 342 
TYR CB  HB2  sing N N 343 
TYR CB  HB3  sing N N 344 
TYR CG  CD1  doub Y N 345 
TYR CG  CD2  sing Y N 346 
TYR CD1 CE1  sing Y N 347 
TYR CD1 HD1  sing N N 348 
TYR CD2 CE2  doub Y N 349 
TYR CD2 HD2  sing N N 350 
TYR CE1 CZ   doub Y N 351 
TYR CE1 HE1  sing N N 352 
TYR CE2 CZ   sing Y N 353 
TYR CE2 HE2  sing N N 354 
TYR CZ  OH   sing N N 355 
TYR OH  HH   sing N N 356 
TYR OXT HXT  sing N N 357 
VAL N   CA   sing N N 358 
VAL N   H    sing N N 359 
VAL N   H2   sing N N 360 
VAL CA  C    sing N N 361 
VAL CA  CB   sing N N 362 
VAL CA  HA   sing N N 363 
VAL C   O    doub N N 364 
VAL C   OXT  sing N N 365 
VAL CB  CG1  sing N N 366 
VAL CB  CG2  sing N N 367 
VAL CB  HB   sing N N 368 
VAL CG1 HG11 sing N N 369 
VAL CG1 HG12 sing N N 370 
VAL CG1 HG13 sing N N 371 
VAL CG2 HG21 sing N N 372 
VAL CG2 HG22 sing N N 373 
VAL CG2 HG23 sing N N 374 
VAL OXT HXT  sing N N 375 
# 
_pdbx_initial_refinement_model.id               1 
_pdbx_initial_refinement_model.entity_id_list   ? 
_pdbx_initial_refinement_model.type             'experimental model' 
_pdbx_initial_refinement_model.source_name      PDB 
_pdbx_initial_refinement_model.accession_code   1BIP 
_pdbx_initial_refinement_model.details          'PDB ENTRY 1BIP' 
# 
_atom_sites.entry_id                    1BEA 
_atom_sites.fract_transf_matrix[1][1]   0.01225060 
_atom_sites.fract_transf_matrix[1][2]   0.01192044 
_atom_sites.fract_transf_matrix[1][3]   0.00378429 
_atom_sites.fract_transf_matrix[2][1]   -0.01216579 
_atom_sites.fract_transf_matrix[2][2]   0.01258646 
_atom_sites.fract_transf_matrix[2][3]   -0.00026370 
_atom_sites.fract_transf_matrix[3][1]   -0.00206463 
_atom_sites.fract_transf_matrix[3][2]   -0.00174072 
_atom_sites.fract_transf_matrix[3][3]   0.01216690 
_atom_sites.fract_transf_vector[1]      0.324652 
_atom_sites.fract_transf_vector[2]      0.294474 
_atom_sites.fract_transf_vector[3]      0.190153 
# 
loop_
_atom_type.symbol 
C 
N 
O 
S 
# 
loop_
_atom_site.group_PDB 
_atom_site.id 
_atom_site.type_symbol 
_atom_site.label_atom_id 
_atom_site.label_alt_id 
_atom_site.label_comp_id 
_atom_site.label_asym_id 
_atom_site.label_entity_id 
_atom_site.label_seq_id 
_atom_site.pdbx_PDB_ins_code 
_atom_site.Cartn_x 
_atom_site.Cartn_y 
_atom_site.Cartn_z 
_atom_site.occupancy 
_atom_site.B_iso_or_equiv 
_atom_site.pdbx_formal_charge 
_atom_site.auth_seq_id 
_atom_site.auth_comp_id 
_atom_site.auth_asym_id 
_atom_site.auth_atom_id 
_atom_site.pdbx_PDB_model_num 
ATOM   1   N N   . SER A 1 5   ? -5.564  -10.466 -13.451 1.00 51.33 ? 5   SER A N   1 
ATOM   2   C CA  . SER A 1 5   ? -6.652  -10.174 -12.462 1.00 50.18 ? 5   SER A CA  1 
ATOM   3   C C   . SER A 1 5   ? -6.208  -9.215  -11.342 1.00 49.19 ? 5   SER A C   1 
ATOM   4   O O   . SER A 1 5   ? -7.034  -8.552  -10.696 1.00 47.52 ? 5   SER A O   1 
ATOM   5   C CB  . SER A 1 5   ? -7.160  -11.486 -11.844 1.00 51.56 ? 5   SER A CB  1 
ATOM   6   O OG  . SER A 1 5   ? -6.961  -11.545 -10.436 1.00 46.98 ? 5   SER A OG  1 
ATOM   7   N N   . CYS A 1 6   ? -4.903  -9.145  -11.113 1.00 45.36 ? 6   CYS A N   1 
ATOM   8   C CA  . CYS A 1 6   ? -4.389  -8.263  -10.087 1.00 43.76 ? 6   CYS A CA  1 
ATOM   9   C C   . CYS A 1 6   ? -4.229  -6.896  -10.712 1.00 44.43 ? 6   CYS A C   1 
ATOM   10  O O   . CYS A 1 6   ? -3.118  -6.394  -10.857 1.00 43.84 ? 6   CYS A O   1 
ATOM   11  C CB  . CYS A 1 6   ? -3.023  -8.721  -9.592  1.00 39.61 ? 6   CYS A CB  1 
ATOM   12  S SG  . CYS A 1 6   ? -3.026  -10.270 -8.662  1.00 35.77 ? 6   CYS A SG  1 
ATOM   13  N N   . VAL A 1 7   ? -5.353  -6.303  -11.091 1.00 44.73 ? 7   VAL A N   1 
ATOM   14  C CA  . VAL A 1 7   ? -5.371  -4.978  -11.700 1.00 43.85 ? 7   VAL A CA  1 
ATOM   15  C C   . VAL A 1 7   ? -6.482  -4.187  -11.017 1.00 43.36 ? 7   VAL A C   1 
ATOM   16  O O   . VAL A 1 7   ? -7.548  -4.731  -10.684 1.00 43.19 ? 7   VAL A O   1 
ATOM   17  C CB  . VAL A 1 7   ? -5.637  -5.070  -13.209 1.00 44.66 ? 7   VAL A CB  1 
ATOM   18  C CG1 . VAL A 1 7   ? -4.644  -6.037  -13.827 1.00 45.93 ? 7   VAL A CG1 1 
ATOM   19  C CG2 . VAL A 1 7   ? -7.066  -5.545  -13.476 1.00 42.18 ? 7   VAL A CG2 1 
ATOM   20  N N   . PRO A 1 8   ? -6.258  -2.885  -10.819 1.00 42.63 ? 8   PRO A N   1 
ATOM   21  C CA  . PRO A 1 8   ? -7.269  -2.062  -10.155 1.00 41.77 ? 8   PRO A CA  1 
ATOM   22  C C   . PRO A 1 8   ? -8.598  -2.204  -10.890 1.00 41.45 ? 8   PRO A C   1 
ATOM   23  O O   . PRO A 1 8   ? -8.641  -2.191  -12.115 1.00 36.58 ? 8   PRO A O   1 
ATOM   24  C CB  . PRO A 1 8   ? -6.672  -0.666  -10.221 1.00 44.93 ? 8   PRO A CB  1 
ATOM   25  C CG  . PRO A 1 8   ? -5.193  -0.910  -10.408 1.00 41.36 ? 8   PRO A CG  1 
ATOM   26  C CD  . PRO A 1 8   ? -5.104  -2.092  -11.268 1.00 36.70 ? 8   PRO A CD  1 
ATOM   27  N N   . GLY A 1 9   ? -9.674  -2.355  -10.137 1.00 42.25 ? 9   GLY A N   1 
ATOM   28  C CA  . GLY A 1 9   ? -10.964 -2.565  -10.752 1.00 45.33 ? 9   GLY A CA  1 
ATOM   29  C C   . GLY A 1 9   ? -11.248 -4.048  -10.618 1.00 49.71 ? 9   GLY A C   1 
ATOM   30  O O   . GLY A 1 9   ? -12.210 -4.432  -9.966  1.00 54.80 ? 9   GLY A O   1 
ATOM   31  N N   . TRP A 1 10  ? -10.374 -4.871  -11.198 1.00 50.30 ? 10  TRP A N   1 
ATOM   32  C CA  . TRP A 1 10  ? -10.485 -6.329  -11.167 1.00 48.32 ? 10  TRP A CA  1 
ATOM   33  C C   . TRP A 1 10  ? -10.265 -6.948  -9.787  1.00 45.41 ? 10  TRP A C   1 
ATOM   34  O O   . TRP A 1 10  ? -11.134 -6.880  -8.942  1.00 44.86 ? 10  TRP A O   1 
ATOM   35  C CB  A TRP A 1 10  ? -9.487  -6.913  -12.143 0.75 54.28 ? 10  TRP A CB  1 
ATOM   36  C CB  B TRP A 1 10  ? -9.258  -6.528  -12.180 0.25 53.12 ? 10  TRP A CB  1 
ATOM   37  C CG  A TRP A 1 10  ? -9.891  -8.208  -12.737 0.75 61.12 ? 10  TRP A CG  1 
ATOM   38  C CG  B TRP A 1 10  ? -9.503  -6.264  -13.820 0.25 57.43 ? 10  TRP A CG  1 
ATOM   39  C CD1 A TRP A 1 10  ? -9.709  -8.605  -14.039 0.75 65.28 ? 10  TRP A CD1 1 
ATOM   40  C CD1 B TRP A 1 10  ? -8.677  -6.639  -14.871 0.25 59.97 ? 10  TRP A CD1 1 
ATOM   41  C CD2 A TRP A 1 10  ? -10.496 -9.320  -12.056 0.75 61.09 ? 10  TRP A CD2 1 
ATOM   42  C CD2 B TRP A 1 10  ? -10.759 -5.952  -14.414 0.25 58.30 ? 10  TRP A CD2 1 
ATOM   43  N NE1 A TRP A 1 10  ? -10.162 -9.895  -14.209 0.75 65.18 ? 10  TRP A NE1 1 
ATOM   44  N NE1 B TRP A 1 10  ? -9.357  -6.607  -16.038 0.25 61.41 ? 10  TRP A NE1 1 
ATOM   45  C CE2 A TRP A 1 10  ? -10.650 -10.358 -13.009 0.75 61.47 ? 10  TRP A CE2 1 
ATOM   46  C CE2 B TRP A 1 10  ? -10.644 -6.184  -15.786 0.25 59.66 ? 10  TRP A CE2 1 
ATOM   47  C CE3 A TRP A 1 10  ? -10.923 -9.542  -10.740 0.75 59.47 ? 10  TRP A CE3 1 
ATOM   48  C CE3 B TRP A 1 10  ? -11.973 -5.504  -13.893 0.25 60.14 ? 10  TRP A CE3 1 
ATOM   49  C CZ2 A TRP A 1 10  ? -11.214 -11.604 -12.681 0.75 61.11 ? 10  TRP A CZ2 1 
ATOM   50  C CZ2 B TRP A 1 10  ? -11.718 -5.992  -16.661 0.25 60.55 ? 10  TRP A CZ2 1 
ATOM   51  C CZ3 A TRP A 1 10  ? -11.482 -10.778 -10.413 0.75 59.96 ? 10  TRP A CZ3 1 
ATOM   52  C CZ3 B TRP A 1 10  ? -13.036 -5.306  -14.758 0.25 61.40 ? 10  TRP A CZ3 1 
ATOM   53  C CH2 A TRP A 1 10  ? -11.624 -11.793 -11.383 0.75 57.75 ? 10  TRP A CH2 1 
ATOM   54  C CH2 B TRP A 1 10  ? -12.897 -5.545  -16.128 0.25 61.39 ? 10  TRP A CH2 1 
ATOM   55  N N   . ALA A 1 11  ? -9.110  -7.557  -9.539  1.00 41.71 ? 11  ALA A N   1 
ATOM   56  C CA  . ALA A 1 11  ? -8.882  -8.164  -8.223  1.00 37.33 ? 11  ALA A CA  1 
ATOM   57  C C   . ALA A 1 11  ? -8.449  -7.174  -7.134  1.00 36.58 ? 11  ALA A C   1 
ATOM   58  O O   . ALA A 1 11  ? -8.502  -7.482  -5.931  1.00 32.41 ? 11  ALA A O   1 
ATOM   59  C CB  . ALA A 1 11  ? -7.851  -9.287  -8.337  1.00 39.94 ? 11  ALA A CB  1 
ATOM   60  N N   . ILE A 1 12  ? -7.993  -5.997  -7.553  1.00 33.47 ? 12  ILE A N   1 
ATOM   61  C CA  . ILE A 1 12  ? -7.563  -4.965  -6.614  1.00 26.61 ? 12  ILE A CA  1 
ATOM   62  C C   . ILE A 1 12  ? -8.526  -3.816  -6.797  1.00 26.06 ? 12  ILE A C   1 
ATOM   63  O O   . ILE A 1 12  ? -8.899  -3.499  -7.917  1.00 25.75 ? 12  ILE A O   1 
ATOM   64  C CB  . ILE A 1 12  ? -6.106  -4.492  -6.942  1.00 24.54 ? 12  ILE A CB  1 
ATOM   65  C CG1 . ILE A 1 12  ? -5.146  -5.636  -6.636  1.00 20.19 ? 12  ILE A CG1 1 
ATOM   66  C CG2 . ILE A 1 12  ? -5.747  -3.163  -6.176  1.00 16.53 ? 12  ILE A CG2 1 
ATOM   67  C CD1 . ILE A 1 12  ? -3.715  -5.375  -7.079  1.00 15.69 ? 12  ILE A CD1 1 
ATOM   68  N N   . PRO A 1 13  ? -8.979  -3.208  -5.698  1.00 25.23 ? 13  PRO A N   1 
ATOM   69  C CA  . PRO A 1 13  ? -9.910  -2.072  -5.707  1.00 24.59 ? 13  PRO A CA  1 
ATOM   70  C C   . PRO A 1 13  ? -9.289  -0.899  -6.418  1.00 27.65 ? 13  PRO A C   1 
ATOM   71  O O   . PRO A 1 13  ? -8.078  -0.821  -6.549  1.00 28.04 ? 13  PRO A O   1 
ATOM   72  C CB  . PRO A 1 13  ? -10.111 -1.746  -4.233  1.00 24.69 ? 13  PRO A CB  1 
ATOM   73  C CG  . PRO A 1 13  ? -9.726  -2.994  -3.528  1.00 29.45 ? 13  PRO A CG  1 
ATOM   74  C CD  . PRO A 1 13  ? -8.643  -3.627  -4.341  1.00 24.84 ? 13  PRO A CD  1 
ATOM   75  N N   . HIS A 1 14  ? -10.114 0.017   -6.909  1.00 29.81 ? 14  HIS A N   1 
ATOM   76  C CA  . HIS A 1 14  ? -9.549  1.171   -7.553  1.00 27.58 ? 14  HIS A CA  1 
ATOM   77  C C   . HIS A 1 14  ? -9.042  1.956   -6.358  1.00 29.97 ? 14  HIS A C   1 
ATOM   78  O O   . HIS A 1 14  ? -9.576  1.804   -5.269  1.00 26.92 ? 14  HIS A O   1 
ATOM   79  C CB  . HIS A 1 14  ? -10.624 1.953   -8.296  1.00 34.21 ? 14  HIS A CB  1 
ATOM   80  C CG  . HIS A 1 14  ? -10.608 1.701   -9.774  1.00 39.91 ? 14  HIS A CG  1 
ATOM   81  N ND1 . HIS A 1 14  ? -11.601 1.001   -10.419 1.00 44.21 ? 14  HIS A ND1 1 
ATOM   82  C CD2 . HIS A 1 14  ? -9.673  1.986   -10.713 1.00 44.93 ? 14  HIS A CD2 1 
ATOM   83  C CE1 . HIS A 1 14  ? -11.277 0.850   -11.694 1.00 47.31 ? 14  HIS A CE1 1 
ATOM   84  N NE2 . HIS A 1 14  ? -10.114 1.443   -11.899 1.00 49.41 ? 14  HIS A NE2 1 
ATOM   85  N N   . ASN A 1 15  ? -7.981  2.741   -6.541  1.00 33.46 ? 15  ASN A N   1 
ATOM   86  C CA  . ASN A 1 15  ? -7.439  3.527   -5.441  1.00 37.63 ? 15  ASN A CA  1 
ATOM   87  C C   . ASN A 1 15  ? -7.381  2.617   -4.229  1.00 32.96 ? 15  ASN A C   1 
ATOM   88  O O   . ASN A 1 15  ? -8.125  2.746   -3.265  1.00 39.13 ? 15  ASN A O   1 
ATOM   89  C CB  . ASN A 1 15  ? -8.328  4.746   -5.247  1.00 44.44 ? 15  ASN A CB  1 
ATOM   90  C CG  . ASN A 1 15  ? -8.071  5.782   -6.330  1.00 57.18 ? 15  ASN A CG  1 
ATOM   91  O OD1 . ASN A 1 15  ? -6.893  6.058   -6.657  1.00 63.04 ? 15  ASN A OD1 1 
ATOM   92  N ND2 . ASN A 1 15  ? -9.139  6.340   -6.916  1.00 54.54 ? 15  ASN A ND2 1 
ATOM   93  N N   . PRO A 1 16  ? -6.455  1.686   -4.272  1.00 26.09 ? 16  PRO A N   1 
ATOM   94  C CA  . PRO A 1 16  ? -6.292  0.721   -3.198  1.00 21.86 ? 16  PRO A CA  1 
ATOM   95  C C   . PRO A 1 16  ? -5.584  1.161   -1.935  1.00 22.88 ? 16  PRO A C   1 
ATOM   96  O O   . PRO A 1 16  ? -4.764  2.075   -1.943  1.00 20.51 ? 16  PRO A O   1 
ATOM   97  C CB  . PRO A 1 16  ? -5.527  -0.401  -3.884  1.00 21.01 ? 16  PRO A CB  1 
ATOM   98  C CG  . PRO A 1 16  ? -4.627  0.296   -4.804  1.00 15.99 ? 16  PRO A CG  1 
ATOM   99  C CD  . PRO A 1 16  ? -5.442  1.494   -5.327  1.00 24.16 ? 16  PRO A CD  1 
ATOM   100 N N   . LEU A 1 17  ? -5.902  0.450   -0.859  1.00 20.84 ? 17  LEU A N   1 
ATOM   101 C CA  . LEU A 1 17  ? -5.294  0.632   0.442   1.00 21.87 ? 17  LEU A CA  1 
ATOM   102 C C   . LEU A 1 17  ? -5.251  2.109   0.899   1.00 21.63 ? 17  LEU A C   1 
ATOM   103 O O   . LEU A 1 17  ? -4.219  2.590   1.357   1.00 22.12 ? 17  LEU A O   1 
ATOM   104 C CB  . LEU A 1 17  ? -3.875  0.000   0.402   1.00 9.73  ? 17  LEU A CB  1 
ATOM   105 C CG  . LEU A 1 17  ? -3.654  -1.371  -0.289  1.00 20.46 ? 17  LEU A CG  1 
ATOM   106 C CD1 . LEU A 1 17  ? -2.145  -1.737  -0.280  1.00 14.87 ? 17  LEU A CD1 1 
ATOM   107 C CD2 . LEU A 1 17  ? -4.418  -2.433  0.427   1.00 12.67 ? 17  LEU A CD2 1 
ATOM   108 N N   . PRO A 1 18  ? -6.413  2.814   0.856   1.00 22.63 ? 18  PRO A N   1 
ATOM   109 C CA  . PRO A 1 18  ? -6.520  4.228   1.251   1.00 20.33 ? 18  PRO A CA  1 
ATOM   110 C C   . PRO A 1 18  ? -5.997  4.438   2.653   1.00 24.36 ? 18  PRO A C   1 
ATOM   111 O O   . PRO A 1 18  ? -5.393  5.467   2.924   1.00 26.28 ? 18  PRO A O   1 
ATOM   112 C CB  . PRO A 1 18  ? -8.028  4.532   1.218   1.00 20.31 ? 18  PRO A CB  1 
ATOM   113 C CG  . PRO A 1 18  ? -8.662  3.439   0.457   1.00 23.03 ? 18  PRO A CG  1 
ATOM   114 C CD  . PRO A 1 18  ? -7.737  2.234   0.524   1.00 22.13 ? 18  PRO A CD  1 
ATOM   115 N N   . SER A 1 19  ? -6.267  3.481   3.549   1.00 18.83 ? 19  SER A N   1 
ATOM   116 C CA  . SER A 1 19  ? -5.831  3.593   4.947   1.00 21.97 ? 19  SER A CA  1 
ATOM   117 C C   . SER A 1 19  ? -4.344  3.310   5.095   1.00 22.23 ? 19  SER A C   1 
ATOM   118 O O   . SER A 1 19  ? -3.708  3.734   6.071   1.00 23.43 ? 19  SER A O   1 
ATOM   119 C CB  . SER A 1 19  ? -6.565  2.591   5.852   1.00 20.35 ? 19  SER A CB  1 
ATOM   120 O OG  . SER A 1 19  ? -7.907  2.967   6.117   1.00 22.28 ? 19  SER A OG  1 
ATOM   121 N N   . CYS A 1 20  ? -3.783  2.546   4.166   1.00 16.72 ? 20  CYS A N   1 
ATOM   122 C CA  . CYS A 1 20  ? -2.359  2.255   4.294   1.00 5.64  ? 20  CYS A CA  1 
ATOM   123 C C   . CYS A 1 20  ? -1.612  3.487   3.942   1.00 14.10 ? 20  CYS A C   1 
ATOM   124 O O   . CYS A 1 20  ? -0.612  3.756   4.568   1.00 18.76 ? 20  CYS A O   1 
ATOM   125 C CB  . CYS A 1 20  ? -1.968  1.123   3.384   1.00 18.00 ? 20  CYS A CB  1 
ATOM   126 S SG  . CYS A 1 20  ? -2.672  -0.448  3.959   1.00 19.19 ? 20  CYS A SG  1 
ATOM   127 N N   . ARG A 1 21  ? -2.120  4.253   2.959   1.00 13.81 ? 21  ARG A N   1 
ATOM   128 C CA  . ARG A 1 21  ? -1.519  5.541   2.542   1.00 16.37 ? 21  ARG A CA  1 
ATOM   129 C C   . ARG A 1 21  ? -1.246  6.412   3.751   1.00 14.84 ? 21  ARG A C   1 
ATOM   130 O O   . ARG A 1 21  ? -0.110  6.860   3.922   1.00 28.90 ? 21  ARG A O   1 
ATOM   131 C CB  . ARG A 1 21  ? -2.446  6.334   1.613   1.00 19.46 ? 21  ARG A CB  1 
ATOM   132 C CG  . ARG A 1 21  ? -1.859  7.656   1.123   1.00 18.57 ? 21  ARG A CG  1 
ATOM   133 C CD  . ARG A 1 21  ? -2.733  8.326   0.055   1.00 21.76 ? 21  ARG A CD  1 
ATOM   134 N NE  . ARG A 1 21  ? -2.698  7.635   -1.237  1.00 26.29 ? 21  ARG A NE  1 
ATOM   135 C CZ  . ARG A 1 21  ? -1.684  7.675   -2.113  1.00 33.77 ? 21  ARG A CZ  1 
ATOM   136 N NH1 . ARG A 1 21  ? -0.564  8.364   -1.853  1.00 29.94 ? 21  ARG A NH1 1 
ATOM   137 N NH2 . ARG A 1 21  ? -1.787  6.999   -3.260  1.00 36.70 ? 21  ARG A NH2 1 
ATOM   138 N N   . TRP A 1 22  ? -2.286  6.634   4.578   1.00 18.02 ? 22  TRP A N   1 
ATOM   139 C CA  . TRP A 1 22  ? -2.277  7.458   5.809   1.00 14.58 ? 22  TRP A CA  1 
ATOM   140 C C   . TRP A 1 22  ? -1.475  6.884   6.939   1.00 22.01 ? 22  TRP A C   1 
ATOM   141 O O   . TRP A 1 22  ? -0.929  7.626   7.753   1.00 19.09 ? 22  TRP A O   1 
ATOM   142 C CB  . TRP A 1 22  ? -3.706  7.658   6.356   1.00 22.60 ? 22  TRP A CB  1 
ATOM   143 C CG  . TRP A 1 22  ? -4.546  8.484   5.491   1.00 17.55 ? 22  TRP A CG  1 
ATOM   144 C CD1 . TRP A 1 22  ? -5.854  8.272   5.190   1.00 32.18 ? 22  TRP A CD1 1 
ATOM   145 C CD2 . TRP A 1 22  ? -4.126  9.609   4.712   1.00 26.50 ? 22  TRP A CD2 1 
ATOM   146 N NE1 . TRP A 1 22  ? -6.276  9.190   4.261   1.00 25.75 ? 22  TRP A NE1 1 
ATOM   147 C CE2 . TRP A 1 22  ? -5.239  10.024  3.945   1.00 27.68 ? 22  TRP A CE2 1 
ATOM   148 C CE3 . TRP A 1 22  ? -2.914  10.313  4.579   1.00 26.72 ? 22  TRP A CE3 1 
ATOM   149 C CZ2 . TRP A 1 22  ? -5.176  11.106  3.062   1.00 24.13 ? 22  TRP A CZ2 1 
ATOM   150 C CZ3 . TRP A 1 22  ? -2.854  11.375  3.715   1.00 26.85 ? 22  TRP A CZ3 1 
ATOM   151 C CH2 . TRP A 1 22  ? -3.978  11.770  2.960   1.00 32.22 ? 22  TRP A CH2 1 
ATOM   152 N N   . TYR A 1 23  ? -1.475  5.562   7.038   1.00 21.02 ? 23  TYR A N   1 
ATOM   153 C CA  . TYR A 1 23  ? -0.684  4.902   8.067   1.00 24.65 ? 23  TYR A CA  1 
ATOM   154 C C   . TYR A 1 23  ? 0.803   5.169   7.710   1.00 22.97 ? 23  TYR A C   1 
ATOM   155 O O   . TYR A 1 23  ? 1.611   5.497   8.563   1.00 26.11 ? 23  TYR A O   1 
ATOM   156 C CB  . TYR A 1 23  ? -1.000  3.407   8.074   1.00 24.39 ? 23  TYR A CB  1 
ATOM   157 C CG  . TYR A 1 23  ? -0.093  2.576   8.953   1.00 28.40 ? 23  TYR A CG  1 
ATOM   158 C CD1 . TYR A 1 23  ? 0.400   3.087   10.151  1.00 31.08 ? 23  TYR A CD1 1 
ATOM   159 C CD2 . TYR A 1 23  ? 0.246   1.271   8.607   1.00 27.39 ? 23  TYR A CD2 1 
ATOM   160 C CE1 . TYR A 1 23  ? 1.202   2.326   10.982  1.00 34.33 ? 23  TYR A CE1 1 
ATOM   161 C CE2 . TYR A 1 23  ? 1.053   0.494   9.439   1.00 25.71 ? 23  TYR A CE2 1 
ATOM   162 C CZ  . TYR A 1 23  ? 1.526   1.028   10.626  1.00 34.46 ? 23  TYR A CZ  1 
ATOM   163 O OH  . TYR A 1 23  ? 2.345   0.284   11.466  1.00 39.95 ? 23  TYR A OH  1 
ATOM   164 N N   . VAL A 1 24  ? 1.135   5.072   6.436   1.00 22.27 ? 24  VAL A N   1 
ATOM   165 C CA  . VAL A 1 24  ? 2.478   5.306   5.986   1.00 21.03 ? 24  VAL A CA  1 
ATOM   166 C C   . VAL A 1 24  ? 2.916   6.753   6.157   1.00 25.93 ? 24  VAL A C   1 
ATOM   167 O O   . VAL A 1 24  ? 4.063   6.992   6.539   1.00 27.28 ? 24  VAL A O   1 
ATOM   168 C CB  . VAL A 1 24  ? 2.642   4.929   4.510   1.00 21.46 ? 24  VAL A CB  1 
ATOM   169 C CG1 . VAL A 1 24  ? 3.923   5.500   3.958   1.00 17.80 ? 24  VAL A CG1 1 
ATOM   170 C CG2 . VAL A 1 24  ? 2.659   3.425   4.374   1.00 23.08 ? 24  VAL A CG2 1 
ATOM   171 N N   . THR A 1 25  ? 2.048   7.726   5.870   1.00 17.84 ? 25  THR A N   1 
ATOM   172 C CA  . THR A 1 25  ? 2.451   9.135   6.018   1.00 21.47 ? 25  THR A CA  1 
ATOM   173 C C   . THR A 1 25  ? 2.511   9.583   7.491   1.00 28.45 ? 25  THR A C   1 
ATOM   174 O O   . THR A 1 25  ? 3.223   10.554  7.864   1.00 26.73 ? 25  THR A O   1 
ATOM   175 C CB  . THR A 1 25  ? 1.512   10.099  5.263   1.00 20.12 ? 25  THR A CB  1 
ATOM   176 O OG1 . THR A 1 25  ? 0.163   9.926   5.712   1.00 15.19 ? 25  THR A OG1 1 
ATOM   177 C CG2 . THR A 1 25  ? 1.585   9.852   3.824   1.00 14.59 ? 25  THR A CG2 1 
ATOM   178 N N   . SER A 1 26  ? 1.757   8.875   8.325   1.00 22.96 ? 26  SER A N   1 
ATOM   179 C CA  . SER A 1 26  ? 1.725   9.189   9.724   1.00 29.53 ? 26  SER A CA  1 
ATOM   180 C C   . SER A 1 26  ? 3.127   9.018   10.224  1.00 32.15 ? 26  SER A C   1 
ATOM   181 O O   . SER A 1 26  ? 3.705   9.944   10.798  1.00 36.38 ? 26  SER A O   1 
ATOM   182 C CB  . SER A 1 26  ? 0.813   8.226   10.445  1.00 28.94 ? 26  SER A CB  1 
ATOM   183 O OG  . SER A 1 26  ? -0.527  8.572   10.194  1.00 34.59 ? 26  SER A OG  1 
ATOM   184 N N   . ARG A 1 27  ? 3.671   7.832   9.956   1.00 32.25 ? 27  ARG A N   1 
ATOM   185 C CA  . ARG A 1 27  ? 5.024   7.464   10.375  1.00 29.43 ? 27  ARG A CA  1 
ATOM   186 C C   . ARG A 1 27  ? 6.193   8.185   9.708   1.00 25.76 ? 27  ARG A C   1 
ATOM   187 O O   . ARG A 1 27  ? 7.068   8.721   10.367  1.00 31.64 ? 27  ARG A O   1 
ATOM   188 C CB  . ARG A 1 27  ? 5.220   5.960   10.225  1.00 30.69 ? 27  ARG A CB  1 
ATOM   189 C CG  . ARG A 1 27  ? 6.587   5.508   10.686  1.00 38.67 ? 27  ARG A CG  1 
ATOM   190 C CD  . ARG A 1 27  ? 6.562   4.072   11.145  1.00 44.91 ? 27  ARG A CD  1 
ATOM   191 N NE  . ARG A 1 27  ? 7.826   3.550   11.697  1.00 51.82 ? 27  ARG A NE  1 
ATOM   192 C CZ  . ARG A 1 27  ? 9.065   3.869   11.304  1.00 54.99 ? 27  ARG A CZ  1 
ATOM   193 N NH1 . ARG A 1 27  ? 9.301   4.744   10.333  1.00 55.35 ? 27  ARG A NH1 1 
ATOM   194 N NH2 . ARG A 1 27  ? 10.100  3.272   11.884  1.00 62.99 ? 27  ARG A NH2 1 
ATOM   195 N N   . THR A 1 28  ? 6.230   8.210   8.395   1.00 26.88 ? 28  THR A N   1 
ATOM   196 C CA  . THR A 1 28  ? 7.349   8.844   7.725   1.00 27.89 ? 28  THR A CA  1 
ATOM   197 C C   . THR A 1 28  ? 7.259   10.357  7.633   1.00 29.32 ? 28  THR A C   1 
ATOM   198 O O   . THR A 1 28  ? 8.268   11.046  7.784   1.00 26.01 ? 28  THR A O   1 
ATOM   199 C CB  . THR A 1 28  ? 7.494   8.273   6.343   1.00 26.54 ? 28  THR A CB  1 
ATOM   200 O OG1 . THR A 1 28  ? 6.371   8.685   5.544   1.00 29.91 ? 28  THR A OG1 1 
ATOM   201 C CG2 . THR A 1 28  ? 7.548   6.743   6.442   1.00 26.61 ? 28  THR A CG2 1 
ATOM   202 N N   . CYS A 1 29  ? 6.064   10.871  7.386   1.00 22.38 ? 29  CYS A N   1 
ATOM   203 C CA  . CYS A 1 29  ? 5.915   12.297  7.287   1.00 25.49 ? 29  CYS A CA  1 
ATOM   204 C C   . CYS A 1 29  ? 5.368   12.949  8.524   1.00 25.21 ? 29  CYS A C   1 
ATOM   205 O O   . CYS A 1 29  ? 5.464   14.177  8.626   1.00 27.10 ? 29  CYS A O   1 
ATOM   206 C CB  . CYS A 1 29  ? 4.984   12.676  6.160   1.00 19.64 ? 29  CYS A CB  1 
ATOM   207 S SG  . CYS A 1 29  ? 5.378   11.885  4.603   1.00 31.23 ? 29  CYS A SG  1 
ATOM   208 N N   . GLY A 1 30  ? 4.779   12.191  9.446   1.00 24.24 ? 30  GLY A N   1 
ATOM   209 C CA  . GLY A 1 30  ? 4.221   12.838  10.635  1.00 24.29 ? 30  GLY A CA  1 
ATOM   210 C C   . GLY A 1 30  ? 2.828   13.462  10.398  1.00 26.51 ? 30  GLY A C   1 
ATOM   211 O O   . GLY A 1 30  ? 2.339   14.229  11.210  1.00 23.51 ? 30  GLY A O   1 
ATOM   212 N N   . ILE A 1 31  ? 2.187   13.143  9.277   1.00 27.34 ? 31  ILE A N   1 
ATOM   213 C CA  . ILE A 1 31  ? 0.860   13.653  9.039   1.00 25.27 ? 31  ILE A CA  1 
ATOM   214 C C   . ILE A 1 31  ? -0.117  12.532  8.682   1.00 22.70 ? 31  ILE A C   1 
ATOM   215 O O   . ILE A 1 31  ? 0.190   11.593  7.935   1.00 15.47 ? 31  ILE A O   1 
ATOM   216 C CB  . ILE A 1 31  ? 0.817   14.734  7.936   1.00 32.93 ? 31  ILE A CB  1 
ATOM   217 C CG1 . ILE A 1 31  ? 1.065   14.071  6.599   1.00 35.97 ? 31  ILE A CG1 1 
ATOM   218 C CG2 . ILE A 1 31  ? 1.794   15.940  8.270   1.00 25.04 ? 31  ILE A CG2 1 
ATOM   219 C CD1 . ILE A 1 31  ? -0.200  13.854  5.867   1.00 41.84 ? 31  ILE A CD1 1 
ATOM   220 N N   . GLY A 1 32  ? -1.310  12.624  9.239   1.00 21.68 ? 32  GLY A N   1 
ATOM   221 C CA  . GLY A 1 32  ? -2.300  11.609  8.953   1.00 26.17 ? 32  GLY A CA  1 
ATOM   222 C C   . GLY A 1 32  ? -3.533  11.940  9.767   1.00 28.12 ? 32  GLY A C   1 
ATOM   223 O O   . GLY A 1 32  ? -3.637  13.031  10.354  1.00 28.73 ? 32  GLY A O   1 
ATOM   224 N N   . PRO A 1 33  ? -4.495  11.012  9.820   1.00 27.78 ? 33  PRO A N   1 
ATOM   225 C CA  . PRO A 1 33  ? -5.740  11.209  10.571  1.00 28.29 ? 33  PRO A CA  1 
ATOM   226 C C   . PRO A 1 33  ? -5.519  11.168  12.054  1.00 26.05 ? 33  PRO A C   1 
ATOM   227 O O   . PRO A 1 33  ? -4.516  10.655  12.506  1.00 29.90 ? 33  PRO A O   1 
ATOM   228 C CB  . PRO A 1 33  ? -6.641  10.073  10.093  1.00 28.81 ? 33  PRO A CB  1 
ATOM   229 C CG  . PRO A 1 33  ? -5.719  9.021   9.547   1.00 25.59 ? 33  PRO A CG  1 
ATOM   230 C CD  . PRO A 1 33  ? -4.454  9.720   9.105   1.00 30.48 ? 33  PRO A CD  1 
ATOM   231 N N   . ARG A 1 34  ? -6.450  11.735  12.814  1.00 30.67 ? 34  ARG A N   1 
ATOM   232 C CA  . ARG A 1 34  ? -6.341  11.767  14.276  1.00 35.71 ? 34  ARG A CA  1 
ATOM   233 C C   . ARG A 1 34  ? -6.848  10.458  14.875  1.00 33.39 ? 34  ARG A C   1 
ATOM   234 O O   . ARG A 1 34  ? -7.807  10.430  15.628  1.00 35.83 ? 34  ARG A O   1 
ATOM   235 C CB  . ARG A 1 34  ? -7.132  12.965  14.849  1.00 43.06 ? 34  ARG A CB  1 
ATOM   236 C CG  . ARG A 1 34  ? -6.615  14.334  14.396  1.00 47.87 ? 34  ARG A CG  1 
ATOM   237 C CD  . ARG A 1 34  ? -7.167  15.463  15.254  1.00 51.94 ? 34  ARG A CD  1 
ATOM   238 N NE  . ARG A 1 34  ? -6.322  15.724  16.414  1.00 55.60 ? 34  ARG A NE  1 
ATOM   239 C CZ  . ARG A 1 34  ? -5.399  16.684  16.470  1.00 58.26 ? 34  ARG A CZ  1 
ATOM   240 N NH1 . ARG A 1 34  ? -5.196  17.479  15.428  1.00 58.48 ? 34  ARG A NH1 1 
ATOM   241 N NH2 . ARG A 1 34  ? -4.679  16.847  17.573  1.00 59.43 ? 34  ARG A NH2 1 
ATOM   242 N N   . LEU A 1 35  ? -6.196  9.363   14.528  1.00 32.34 ? 35  LEU A N   1 
ATOM   243 C CA  . LEU A 1 35  ? -6.614  8.079   15.030  1.00 29.49 ? 35  LEU A CA  1 
ATOM   244 C C   . LEU A 1 35  ? -5.441  7.463   15.716  1.00 27.82 ? 35  LEU A C   1 
ATOM   245 O O   . LEU A 1 35  ? -4.316  7.668   15.305  1.00 26.26 ? 35  LEU A O   1 
ATOM   246 C CB  . LEU A 1 35  ? -7.009  7.189   13.867  1.00 33.75 ? 35  LEU A CB  1 
ATOM   247 C CG  . LEU A 1 35  ? -8.436  6.689   13.746  1.00 36.29 ? 35  LEU A CG  1 
ATOM   248 C CD1 . LEU A 1 35  ? -9.355  7.502   14.655  1.00 36.45 ? 35  LEU A CD1 1 
ATOM   249 C CD2 . LEU A 1 35  ? -8.854  6.799   12.301  1.00 37.23 ? 35  LEU A CD2 1 
ATOM   250 N N   . PRO A 1 36  ? -5.678  6.743   16.806  1.00 29.59 ? 36  PRO A N   1 
ATOM   251 C CA  . PRO A 1 36  ? -4.549  6.101   17.499  1.00 32.89 ? 36  PRO A CA  1 
ATOM   252 C C   . PRO A 1 36  ? -3.715  5.245   16.536  1.00 36.20 ? 36  PRO A C   1 
ATOM   253 O O   . PRO A 1 36  ? -4.240  4.706   15.568  1.00 31.98 ? 36  PRO A O   1 
ATOM   254 C CB  . PRO A 1 36  ? -5.220  5.272   18.595  1.00 29.76 ? 36  PRO A CB  1 
ATOM   255 C CG  . PRO A 1 36  ? -6.535  6.003   18.848  1.00 31.57 ? 36  PRO A CG  1 
ATOM   256 C CD  . PRO A 1 36  ? -6.960  6.557   17.507  1.00 25.59 ? 36  PRO A CD  1 
ATOM   257 N N   . TRP A 1 37  ? -2.411  5.145   16.783  1.00 44.76 ? 37  TRP A N   1 
ATOM   258 C CA  . TRP A 1 37  ? -1.533  4.354   15.908  1.00 51.14 ? 37  TRP A CA  1 
ATOM   259 C C   . TRP A 1 37  ? -2.049  2.919   15.650  1.00 49.15 ? 37  TRP A C   1 
ATOM   260 O O   . TRP A 1 37  ? -2.134  2.461   14.508  1.00 46.64 ? 37  TRP A O   1 
ATOM   261 C CB  . TRP A 1 37  ? -0.088  4.301   16.478  1.00 58.77 ? 37  TRP A CB  1 
ATOM   262 C CG  . TRP A 1 37  ? 0.669   5.618   16.337  1.00 70.16 ? 37  TRP A CG  1 
ATOM   263 C CD1 . TRP A 1 37  ? 0.854   6.569   17.312  1.00 73.65 ? 37  TRP A CD1 1 
ATOM   264 C CD2 . TRP A 1 37  ? 1.268   6.159   15.138  1.00 74.68 ? 37  TRP A CD2 1 
ATOM   265 N NE1 . TRP A 1 37  ? 1.519   7.666   16.795  1.00 77.64 ? 37  TRP A NE1 1 
ATOM   266 C CE2 . TRP A 1 37  ? 1.784   7.443   15.466  1.00 78.38 ? 37  TRP A CE2 1 
ATOM   267 C CE3 . TRP A 1 37  ? 1.414   5.687   13.821  1.00 74.87 ? 37  TRP A CE3 1 
ATOM   268 C CZ2 . TRP A 1 37  ? 2.438   8.261   14.520  1.00 80.29 ? 37  TRP A CZ2 1 
ATOM   269 C CZ3 . TRP A 1 37  ? 2.066   6.502   12.880  1.00 77.24 ? 37  TRP A CZ3 1 
ATOM   270 C CH2 . TRP A 1 37  ? 2.567   7.775   13.238  1.00 79.33 ? 37  TRP A CH2 1 
ATOM   271 N N   . PRO A 1 38  ? -2.432  2.205   16.710  1.00 49.43 ? 38  PRO A N   1 
ATOM   272 C CA  . PRO A 1 38  ? -2.925  0.834   16.548  1.00 48.29 ? 38  PRO A CA  1 
ATOM   273 C C   . PRO A 1 38  ? -4.132  0.737   15.646  1.00 46.83 ? 38  PRO A C   1 
ATOM   274 O O   . PRO A 1 38  ? -4.310  -0.257  14.963  1.00 47.10 ? 38  PRO A O   1 
ATOM   275 C CB  . PRO A 1 38  ? -3.262  0.413   17.966  1.00 47.89 ? 38  PRO A CB  1 
ATOM   276 C CG  . PRO A 1 38  ? -2.450  1.327   18.823  1.00 49.69 ? 38  PRO A CG  1 
ATOM   277 C CD  . PRO A 1 38  ? -2.458  2.624   18.115  1.00 48.57 ? 38  PRO A CD  1 
ATOM   278 N N   . GLU A 1 39  ? -4.956  1.783   15.658  1.00 47.73 ? 39  GLU A N   1 
ATOM   279 C CA  . GLU A 1 39  ? -6.188  1.857   14.867  1.00 49.01 ? 39  GLU A CA  1 
ATOM   280 C C   . GLU A 1 39  ? -5.887  2.108   13.391  1.00 45.97 ? 39  GLU A C   1 
ATOM   281 O O   . GLU A 1 39  ? -6.581  1.612   12.488  1.00 44.57 ? 39  GLU A O   1 
ATOM   282 C CB  . GLU A 1 39  ? -7.073  2.973   15.437  1.00 57.06 ? 39  GLU A CB  1 
ATOM   283 C CG  . GLU A 1 39  ? -8.453  3.073   14.821  1.00 66.14 ? 39  GLU A CG  1 
ATOM   284 C CD  . GLU A 1 39  ? -9.095  1.724   14.668  1.00 68.24 ? 39  GLU A CD  1 
ATOM   285 O OE1 . GLU A 1 39  ? -9.010  0.941   15.642  1.00 69.85 ? 39  GLU A OE1 1 
ATOM   286 O OE2 . GLU A 1 39  ? -9.665  1.457   13.583  1.00 71.10 ? 39  GLU A OE2 1 
ATOM   287 N N   . LEU A 1 40  ? -4.825  2.868   13.156  1.00 42.59 ? 40  LEU A N   1 
ATOM   288 C CA  . LEU A 1 40  ? -4.377  3.178   11.803  1.00 42.49 ? 40  LEU A CA  1 
ATOM   289 C C   . LEU A 1 40  ? -3.798  1.915   11.130  1.00 39.09 ? 40  LEU A C   1 
ATOM   290 O O   . LEU A 1 40  ? -4.024  1.678   9.936   1.00 41.46 ? 40  LEU A O   1 
ATOM   291 C CB  . LEU A 1 40  ? -3.309  4.302   11.864  1.00 41.82 ? 40  LEU A CB  1 
ATOM   292 C CG  . LEU A 1 40  ? -3.685  5.743   11.481  1.00 36.61 ? 40  LEU A CG  1 
ATOM   293 C CD1 . LEU A 1 40  ? -2.788  6.806   12.209  1.00 33.11 ? 40  LEU A CD1 1 
ATOM   294 C CD2 . LEU A 1 40  ? -3.538  5.837   9.982   1.00 26.84 ? 40  LEU A CD2 1 
ATOM   295 N N   . LYS A 1 41  ? -3.074  1.103   11.904  1.00 35.24 ? 41  LYS A N   1 
ATOM   296 C CA  . LYS A 1 41  ? -2.461  -0.107  11.366  1.00 33.39 ? 41  LYS A CA  1 
ATOM   297 C C   . LYS A 1 41  ? -3.518  -1.125  11.031  1.00 34.31 ? 41  LYS A C   1 
ATOM   298 O O   . LYS A 1 41  ? -3.559  -1.675  9.945   1.00 34.32 ? 41  LYS A O   1 
ATOM   299 C CB  . LYS A 1 41  ? -1.485  -0.710  12.377  1.00 37.69 ? 41  LYS A CB  1 
ATOM   300 C CG  . LYS A 1 41  ? -0.788  -1.978  11.890  1.00 38.41 ? 41  LYS A CG  1 
ATOM   301 C CD  . LYS A 1 41  ? -0.068  -2.680  13.023  1.00 41.55 ? 41  LYS A CD  1 
ATOM   302 C CE  . LYS A 1 41  ? 1.451   -2.726  12.789  1.00 50.43 ? 41  LYS A CE  1 
ATOM   303 N NZ  . LYS A 1 41  ? 2.282   -3.073  14.014  1.00 52.90 ? 41  LYS A NZ  1 
ATOM   304 N N   . ARG A 1 42  ? -4.383  -1.369  11.993  1.00 35.67 ? 42  ARG A N   1 
ATOM   305 C CA  . ARG A 1 42  ? -5.460  -2.300  11.824  1.00 37.65 ? 42  ARG A CA  1 
ATOM   306 C C   . ARG A 1 42  ? -6.196  -2.069  10.508  1.00 37.20 ? 42  ARG A C   1 
ATOM   307 O O   . ARG A 1 42  ? -6.326  -2.977  9.692   1.00 41.33 ? 42  ARG A O   1 
ATOM   308 C CB  . ARG A 1 42  ? -6.441  -2.124  12.970  1.00 43.62 ? 42  ARG A CB  1 
ATOM   309 C CG  . ARG A 1 42  ? -7.279  -3.345  13.273  1.00 60.69 ? 42  ARG A CG  1 
ATOM   310 C CD  . ARG A 1 42  ? -8.104  -3.142  14.523  1.00 73.05 ? 42  ARG A CD  1 
ATOM   311 N NE  . ARG A 1 42  ? -9.165  -2.183  14.253  1.00 87.99 ? 42  ARG A NE  1 
ATOM   312 C CZ  . ARG A 1 42  ? -10.383 -2.510  13.820  1.00 95.66 ? 42  ARG A CZ  1 
ATOM   313 N NH1 . ARG A 1 42  ? -10.708 -3.789  13.605  1.00 98.88 ? 42  ARG A NH1 1 
ATOM   314 N NH2 . ARG A 1 42  ? -11.271 -1.544  13.583  1.00 97.30 ? 42  ARG A NH2 1 
ATOM   315 N N   . ARG A 1 43  ? -6.680  -0.846  10.315  1.00 34.84 ? 43  ARG A N   1 
ATOM   316 C CA  . ARG A 1 43  ? -7.458  -0.496  9.131   1.00 30.56 ? 43  ARG A CA  1 
ATOM   317 C C   . ARG A 1 43  ? -6.713  -0.690  7.815   1.00 27.87 ? 43  ARG A C   1 
ATOM   318 O O   . ARG A 1 43  ? -7.308  -1.048  6.799   1.00 31.20 ? 43  ARG A O   1 
ATOM   319 C CB  . ARG A 1 43  ? -8.011  0.930   9.301   1.00 32.82 ? 43  ARG A CB  1 
ATOM   320 C CG  . ARG A 1 43  ? -8.965  1.053   10.507  1.00 29.01 ? 43  ARG A CG  1 
ATOM   321 C CD  . ARG A 1 43  ? -9.628  2.411   10.604  1.00 43.83 ? 43  ARG A CD  1 
ATOM   322 N NE  . ARG A 1 43  ? -9.736  3.060   9.298   1.00 52.41 ? 43  ARG A NE  1 
ATOM   323 C CZ  . ARG A 1 43  ? -10.765 2.896   8.461   1.00 56.63 ? 43  ARG A CZ  1 
ATOM   324 N NH1 . ARG A 1 43  ? -11.775 2.100   8.806   1.00 59.25 ? 43  ARG A NH1 1 
ATOM   325 N NH2 . ARG A 1 43  ? -10.782 3.517   7.275   1.00 49.93 ? 43  ARG A NH2 1 
ATOM   326 N N   . CYS A 1 44  ? -5.411  -0.461  7.822   1.00 23.38 ? 44  CYS A N   1 
ATOM   327 C CA  . CYS A 1 44  ? -4.610  -0.695  6.633   1.00 22.97 ? 44  CYS A CA  1 
ATOM   328 C C   . CYS A 1 44  ? -4.498  -2.238  6.427   1.00 23.73 ? 44  CYS A C   1 
ATOM   329 O O   . CYS A 1 44  ? -4.707  -2.777  5.341   1.00 23.94 ? 44  CYS A O   1 
ATOM   330 C CB  . CYS A 1 44  ? -3.234  -0.086  6.872   1.00 28.61 ? 44  CYS A CB  1 
ATOM   331 S SG  . CYS A 1 44  ? -1.928  -0.761  5.811   1.00 25.62 ? 44  CYS A SG  1 
ATOM   332 N N   . CYS A 1 45  ? -4.173  -2.937  7.507   1.00 26.68 ? 45  CYS A N   1 
ATOM   333 C CA  . CYS A 1 45  ? -4.017  -4.388  7.479   1.00 24.96 ? 45  CYS A CA  1 
ATOM   334 C C   . CYS A 1 45  ? -5.295  -4.989  6.993   1.00 25.05 ? 45  CYS A C   1 
ATOM   335 O O   . CYS A 1 45  ? -5.302  -5.787  6.090   1.00 24.46 ? 45  CYS A O   1 
ATOM   336 C CB  . CYS A 1 45  ? -3.697  -4.923  8.868   1.00 27.63 ? 45  CYS A CB  1 
ATOM   337 S SG  . CYS A 1 45  ? -1.992  -4.490  9.388   1.00 25.80 ? 45  CYS A SG  1 
ATOM   338 N N   . ARG A 1 46  ? -6.391  -4.596  7.604   1.00 23.02 ? 46  ARG A N   1 
ATOM   339 C CA  . ARG A 1 46  ? -7.688  -5.097  7.185   1.00 26.25 ? 46  ARG A CA  1 
ATOM   340 C C   . ARG A 1 46  ? -7.876  -4.932  5.685   1.00 26.52 ? 46  ARG A C   1 
ATOM   341 O O   . ARG A 1 46  ? -8.365  -5.847  5.024   1.00 28.06 ? 46  ARG A O   1 
ATOM   342 C CB  . ARG A 1 46  ? -8.774  -4.344  7.931   1.00 33.77 ? 46  ARG A CB  1 
ATOM   343 C CG  . ARG A 1 46  ? -10.062 -5.099  8.088   1.00 52.28 ? 46  ARG A CG  1 
ATOM   344 C CD  . ARG A 1 46  ? -10.916 -4.869  6.862   1.00 65.26 ? 46  ARG A CD  1 
ATOM   345 N NE  . ARG A 1 46  ? -12.124 -4.115  7.170   1.00 77.47 ? 46  ARG A NE  1 
ATOM   346 C CZ  . ARG A 1 46  ? -12.519 -3.028  6.511   1.00 85.39 ? 46  ARG A CZ  1 
ATOM   347 N NH1 . ARG A 1 46  ? -11.800 -2.550  5.491   1.00 87.24 ? 46  ARG A NH1 1 
ATOM   348 N NH2 . ARG A 1 46  ? -13.643 -2.414  6.872   1.00 91.12 ? 46  ARG A NH2 1 
ATOM   349 N N   . GLU A 1 47  ? -7.494  -3.781  5.131   1.00 18.75 ? 47  GLU A N   1 
ATOM   350 C CA  . GLU A 1 47  ? -7.657  -3.539  3.696   1.00 20.94 ? 47  GLU A CA  1 
ATOM   351 C C   . GLU A 1 47  ? -6.766  -4.424  2.806   1.00 23.67 ? 47  GLU A C   1 
ATOM   352 O O   . GLU A 1 47  ? -7.169  -4.859  1.709   1.00 22.38 ? 47  GLU A O   1 
ATOM   353 C CB  . GLU A 1 47  ? -7.358  -2.065  3.377   1.00 22.52 ? 47  GLU A CB  1 
ATOM   354 C CG  . GLU A 1 47  ? -8.555  -1.195  3.538   1.00 22.54 ? 47  GLU A CG  1 
ATOM   355 C CD  . GLU A 1 47  ? -8.211  0.284   3.608   1.00 27.79 ? 47  GLU A CD  1 
ATOM   356 O OE1 . GLU A 1 47  ? -7.071  0.670   3.252   1.00 20.84 ? 47  GLU A OE1 1 
ATOM   357 O OE2 . GLU A 1 47  ? -9.097  1.060   4.019   1.00 21.05 ? 47  GLU A OE2 1 
ATOM   358 N N   . LEU A 1 48  ? -5.541  -4.642  3.273   1.00 19.03 ? 48  LEU A N   1 
ATOM   359 C CA  . LEU A 1 48  ? -4.571  -5.462  2.571   1.00 23.28 ? 48  LEU A CA  1 
ATOM   360 C C   . LEU A 1 48  ? -5.008  -6.930  2.592   1.00 25.98 ? 48  LEU A C   1 
ATOM   361 O O   . LEU A 1 48  ? -4.802  -7.677  1.635   1.00 29.71 ? 48  LEU A O   1 
ATOM   362 C CB  . LEU A 1 48  ? -3.206  -5.302  3.249   1.00 24.93 ? 48  LEU A CB  1 
ATOM   363 C CG  . LEU A 1 48  ? -1.887  -5.690  2.543   1.00 26.25 ? 48  LEU A CG  1 
ATOM   364 C CD1 . LEU A 1 48  ? -1.822  -5.205  1.096   1.00 20.08 ? 48  LEU A CD1 1 
ATOM   365 C CD2 . LEU A 1 48  ? -0.735  -5.089  3.358   1.00 13.50 ? 48  LEU A CD2 1 
ATOM   366 N N   . ALA A 1 49  ? -5.632  -7.356  3.676   1.00 25.43 ? 49  ALA A N   1 
ATOM   367 C CA  . ALA A 1 49  ? -6.084  -8.732  3.739   1.00 25.45 ? 49  ALA A CA  1 
ATOM   368 C C   . ALA A 1 49  ? -7.329  -9.008  2.901   1.00 27.84 ? 49  ALA A C   1 
ATOM   369 O O   . ALA A 1 49  ? -7.572  -10.181 2.543   1.00 26.93 ? 49  ALA A O   1 
ATOM   370 C CB  . ALA A 1 49  ? -6.353  -9.116  5.147   1.00 24.16 ? 49  ALA A CB  1 
ATOM   371 N N   . ASP A 1 50  ? -8.121  -7.971  2.593   1.00 28.06 ? 50  ASP A N   1 
ATOM   372 C CA  . ASP A 1 50  ? -9.347  -8.175  1.776   1.00 24.50 ? 50  ASP A CA  1 
ATOM   373 C C   . ASP A 1 50  ? -8.963  -8.446  0.327   1.00 26.15 ? 50  ASP A C   1 
ATOM   374 O O   . ASP A 1 50  ? -9.778  -8.862  -0.499  1.00 24.94 ? 50  ASP A O   1 
ATOM   375 C CB  . ASP A 1 50  ? -10.266 -6.950  1.832   1.00 34.01 ? 50  ASP A CB  1 
ATOM   376 C CG  . ASP A 1 50  ? -11.169 -6.947  3.068   1.00 41.10 ? 50  ASP A CG  1 
ATOM   377 O OD1 . ASP A 1 50  ? -11.553 -8.027  3.553   1.00 48.76 ? 50  ASP A OD1 1 
ATOM   378 O OD2 . ASP A 1 50  ? -11.499 -5.856  3.573   1.00 51.84 ? 50  ASP A OD2 1 
ATOM   379 N N   . ILE A 1 51  ? -7.700  -8.192  0.027   1.00 21.74 ? 51  ILE A N   1 
ATOM   380 C CA  . ILE A 1 51  ? -7.177  -8.422  -1.287  1.00 21.98 ? 51  ILE A CA  1 
ATOM   381 C C   . ILE A 1 51  ? -6.649  -9.869  -1.306  1.00 25.42 ? 51  ILE A C   1 
ATOM   382 O O   . ILE A 1 51  ? -6.043  -10.344 -0.341  1.00 26.95 ? 51  ILE A O   1 
ATOM   383 C CB  . ILE A 1 51  ? -6.053  -7.428  -1.591  1.00 18.40 ? 51  ILE A CB  1 
ATOM   384 C CG1 . ILE A 1 51  ? -6.660  -6.052  -1.943  1.00 17.54 ? 51  ILE A CG1 1 
ATOM   385 C CG2 . ILE A 1 51  ? -5.225  -7.939  -2.707  1.00 10.85 ? 51  ILE A CG2 1 
ATOM   386 C CD1 . ILE A 1 51  ? -5.670  -4.911  -1.980  1.00 20.45 ? 51  ILE A CD1 1 
ATOM   387 N N   . PRO A 1 52  ? -6.953  -10.610 -2.378  1.00 28.71 ? 52  PRO A N   1 
ATOM   388 C CA  . PRO A 1 52  ? -6.506  -12.005 -2.523  1.00 25.06 ? 52  PRO A CA  1 
ATOM   389 C C   . PRO A 1 52  ? -5.023  -12.081 -2.332  1.00 25.11 ? 52  PRO A C   1 
ATOM   390 O O   . PRO A 1 52  ? -4.310  -11.240 -2.823  1.00 25.17 ? 52  PRO A O   1 
ATOM   391 C CB  . PRO A 1 52  ? -6.899  -12.386 -3.947  1.00 24.61 ? 52  PRO A CB  1 
ATOM   392 C CG  . PRO A 1 52  ? -7.707  -11.219 -4.503  1.00 28.21 ? 52  PRO A CG  1 
ATOM   393 C CD  . PRO A 1 52  ? -7.845  -10.166 -3.466  1.00 28.21 ? 52  PRO A CD  1 
ATOM   394 N N   . ALA A 1 53  ? -4.574  -13.086 -1.599  1.00 28.45 ? 53  ALA A N   1 
ATOM   395 C CA  . ALA A 1 53  ? -3.166  -13.261 -1.305  1.00 29.03 ? 53  ALA A CA  1 
ATOM   396 C C   . ALA A 1 53  ? -2.274  -13.084 -2.503  1.00 26.27 ? 53  ALA A C   1 
ATOM   397 O O   . ALA A 1 53  ? -1.256  -12.411 -2.415  1.00 27.38 ? 53  ALA A O   1 
ATOM   398 C CB  . ALA A 1 53  ? -2.936  -14.624 -0.689  1.00 32.20 ? 53  ALA A CB  1 
ATOM   399 N N   . TYR A 1 54  ? -2.641  -13.670 -3.638  1.00 26.14 ? 54  TYR A N   1 
ATOM   400 C CA  . TYR A 1 54  ? -1.790  -13.547 -4.844  1.00 28.73 ? 54  TYR A CA  1 
ATOM   401 C C   . TYR A 1 54  ? -1.569  -12.122 -5.377  1.00 30.17 ? 54  TYR A C   1 
ATOM   402 O O   . TYR A 1 54  ? -0.575  -11.867 -6.067  1.00 24.76 ? 54  TYR A O   1 
ATOM   403 C CB  . TYR A 1 54  ? -2.292  -14.442 -5.999  1.00 31.84 ? 54  TYR A CB  1 
ATOM   404 C CG  . TYR A 1 54  ? -3.767  -14.340 -6.316  1.00 40.41 ? 54  TYR A CG  1 
ATOM   405 C CD1 . TYR A 1 54  ? -4.720  -15.052 -5.566  1.00 44.70 ? 54  TYR A CD1 1 
ATOM   406 C CD2 . TYR A 1 54  ? -4.218  -13.536 -7.375  1.00 52.34 ? 54  TYR A CD2 1 
ATOM   407 C CE1 . TYR A 1 54  ? -6.095  -14.963 -5.856  1.00 53.07 ? 54  TYR A CE1 1 
ATOM   408 C CE2 . TYR A 1 54  ? -5.606  -13.428 -7.688  1.00 58.39 ? 54  TYR A CE2 1 
ATOM   409 C CZ  . TYR A 1 54  ? -6.539  -14.148 -6.923  1.00 60.52 ? 54  TYR A CZ  1 
ATOM   410 O OH  . TYR A 1 54  ? -7.900  -14.051 -7.214  1.00 65.88 ? 54  TYR A OH  1 
ATOM   411 N N   . CYS A 1 55  ? -2.487  -11.209 -5.059  1.00 28.13 ? 55  CYS A N   1 
ATOM   412 C CA  . CYS A 1 55  ? -2.393  -9.811  -5.498  1.00 28.35 ? 55  CYS A CA  1 
ATOM   413 C C   . CYS A 1 55  ? -1.879  -8.850  -4.427  1.00 28.19 ? 55  CYS A C   1 
ATOM   414 O O   . CYS A 1 55  ? -1.749  -7.667  -4.715  1.00 25.06 ? 55  CYS A O   1 
ATOM   415 C CB  . CYS A 1 55  ? -3.766  -9.271  -5.914  1.00 30.34 ? 55  CYS A CB  1 
ATOM   416 S SG  . CYS A 1 55  ? -4.534  -10.067 -7.353  1.00 26.46 ? 55  CYS A SG  1 
ATOM   417 N N   . ARG A 1 56  ? -1.564  -9.331  -3.224  1.00 23.66 ? 56  ARG A N   1 
ATOM   418 C CA  . ARG A 1 56  ? -1.159  -8.426  -2.170  1.00 19.24 ? 56  ARG A CA  1 
ATOM   419 C C   . ARG A 1 56  ? 0.074   -7.591  -2.468  1.00 25.04 ? 56  ARG A C   1 
ATOM   420 O O   . ARG A 1 56  ? 0.066   -6.375  -2.253  1.00 29.86 ? 56  ARG A O   1 
ATOM   421 C CB  . ARG A 1 56  ? -1.071  -9.184  -0.854  1.00 18.26 ? 56  ARG A CB  1 
ATOM   422 C CG  . ARG A 1 56  ? -2.444  -9.294  -0.209  1.00 21.62 ? 56  ARG A CG  1 
ATOM   423 C CD  . ARG A 1 56  ? -2.537  -10.385 0.819   1.00 26.30 ? 56  ARG A CD  1 
ATOM   424 N NE  . ARG A 1 56  ? -3.915  -10.750 1.201   1.00 23.16 ? 56  ARG A NE  1 
ATOM   425 C CZ  . ARG A 1 56  ? -4.213  -11.823 1.932   1.00 25.81 ? 56  ARG A CZ  1 
ATOM   426 N NH1 . ARG A 1 56  ? -3.243  -12.611 2.341   1.00 19.58 ? 56  ARG A NH1 1 
ATOM   427 N NH2 . ARG A 1 56  ? -5.462  -12.119 2.243   1.00 17.85 ? 56  ARG A NH2 1 
ATOM   428 N N   . CYS A 1 57  ? 1.120   -8.186  -3.015  1.00 23.75 ? 57  CYS A N   1 
ATOM   429 C CA  . CYS A 1 57  ? 2.333   -7.406  -3.321  1.00 29.81 ? 57  CYS A CA  1 
ATOM   430 C C   . CYS A 1 57  ? 2.087   -6.376  -4.431  1.00 28.42 ? 57  CYS A C   1 
ATOM   431 O O   . CYS A 1 57  ? 2.650   -5.280  -4.452  1.00 27.35 ? 57  CYS A O   1 
ATOM   432 C CB  . CYS A 1 57  ? 3.483   -8.334  -3.738  1.00 33.15 ? 57  CYS A CB  1 
ATOM   433 S SG  . CYS A 1 57  ? 4.138   -9.468  -2.463  1.00 35.33 ? 57  CYS A SG  1 
ATOM   434 N N   . THR A 1 58  ? 1.259   -6.755  -5.377  1.00 24.42 ? 58  THR A N   1 
ATOM   435 C CA  . THR A 1 58  ? 0.941   -5.861  -6.455  1.00 26.67 ? 58  THR A CA  1 
ATOM   436 C C   . THR A 1 58  ? 0.178   -4.655  -5.897  1.00 26.64 ? 58  THR A C   1 
ATOM   437 O O   . THR A 1 58  ? 0.447   -3.516  -6.256  1.00 22.27 ? 58  THR A O   1 
ATOM   438 C CB  . THR A 1 58  ? 0.119   -6.623  -7.480  1.00 31.07 ? 58  THR A CB  1 
ATOM   439 O OG1 . THR A 1 58  ? 0.909   -7.711  -7.972  1.00 35.91 ? 58  THR A OG1 1 
ATOM   440 C CG2 . THR A 1 58  ? -0.258  -5.750  -8.662  1.00 34.27 ? 58  THR A CG2 1 
ATOM   441 N N   . ALA A 1 59  ? -0.778  -4.905  -5.013  1.00 21.88 ? 59  ALA A N   1 
ATOM   442 C CA  . ALA A 1 59  ? -1.540  -3.818  -4.428  1.00 19.83 ? 59  ALA A CA  1 
ATOM   443 C C   . ALA A 1 59  ? -0.519  -2.865  -3.770  1.00 21.50 ? 59  ALA A C   1 
ATOM   444 O O   . ALA A 1 59  ? -0.556  -1.668  -4.012  1.00 21.84 ? 59  ALA A O   1 
ATOM   445 C CB  . ALA A 1 59  ? -2.449  -4.379  -3.422  1.00 21.29 ? 59  ALA A CB  1 
ATOM   446 N N   . LEU A 1 60  ? 0.390   -3.416  -2.959  1.00 19.00 ? 60  LEU A N   1 
ATOM   447 C CA  . LEU A 1 60  ? 1.436   -2.638  -2.287  1.00 21.92 ? 60  LEU A CA  1 
ATOM   448 C C   . LEU A 1 60  ? 2.201   -1.813  -3.304  1.00 23.06 ? 60  LEU A C   1 
ATOM   449 O O   . LEU A 1 60  ? 2.440   -0.587  -3.158  1.00 29.93 ? 60  LEU A O   1 
ATOM   450 C CB  . LEU A 1 60  ? 2.435   -3.577  -1.624  1.00 22.23 ? 60  LEU A CB  1 
ATOM   451 C CG  . LEU A 1 60  ? 2.164   -3.961  -0.195  1.00 24.63 ? 60  LEU A CG  1 
ATOM   452 C CD1 . LEU A 1 60  ? 3.452   -4.385  0.529   1.00 31.30 ? 60  LEU A CD1 1 
ATOM   453 C CD2 . LEU A 1 60  ? 1.533   -2.767  0.460   1.00 29.68 ? 60  LEU A CD2 1 
ATOM   454 N N   . SER A 1 61  ? 2.614   -2.484  -4.362  1.00 19.70 ? 61  SER A N   1 
ATOM   455 C CA  . SER A 1 61  ? 3.336   -1.796  -5.403  1.00 18.32 ? 61  SER A CA  1 
ATOM   456 C C   . SER A 1 61  ? 2.511   -0.650  -6.042  1.00 23.58 ? 61  SER A C   1 
ATOM   457 O O   . SER A 1 61  ? 3.012   0.436   -6.332  1.00 19.68 ? 61  SER A O   1 
ATOM   458 C CB  . SER A 1 61  ? 3.749   -2.804  -6.441  1.00 24.12 ? 61  SER A CB  1 
ATOM   459 O OG  . SER A 1 61  ? 4.453   -2.168  -7.483  1.00 31.55 ? 61  SER A OG  1 
ATOM   460 N N   . ILE A 1 62  ? 1.237   -0.873  -6.269  1.00 23.55 ? 62  ILE A N   1 
ATOM   461 C CA  . ILE A 1 62  ? 0.451   0.192   -6.863  1.00 22.23 ? 62  ILE A CA  1 
ATOM   462 C C   . ILE A 1 62  ? 0.410   1.349   -5.872  1.00 19.97 ? 62  ILE A C   1 
ATOM   463 O O   . ILE A 1 62  ? 0.549   2.499   -6.229  1.00 25.71 ? 62  ILE A O   1 
ATOM   464 C CB  . ILE A 1 62  ? -0.939  -0.342  -7.186  1.00 24.85 ? 62  ILE A CB  1 
ATOM   465 C CG1 . ILE A 1 62  ? -0.810  -1.234  -8.428  1.00 20.21 ? 62  ILE A CG1 1 
ATOM   466 C CG2 . ILE A 1 62  ? -1.953  0.826   -7.358  1.00 24.48 ? 62  ILE A CG2 1 
ATOM   467 C CD1 . ILE A 1 62  ? -2.063  -1.978  -8.855  1.00 19.25 ? 62  ILE A CD1 1 
ATOM   468 N N   . LEU A 1 63  ? 0.260   1.035   -4.602  1.00 18.07 ? 63  LEU A N   1 
ATOM   469 C CA  . LEU A 1 63  ? 0.224   2.085   -3.630  1.00 18.24 ? 63  LEU A CA  1 
ATOM   470 C C   . LEU A 1 63  ? 1.556   2.811   -3.589  1.00 20.28 ? 63  LEU A C   1 
ATOM   471 O O   . LEU A 1 63  ? 1.571   4.041   -3.544  1.00 21.28 ? 63  LEU A O   1 
ATOM   472 C CB  . LEU A 1 63  ? -0.132  1.528   -2.240  1.00 14.96 ? 63  LEU A CB  1 
ATOM   473 C CG  . LEU A 1 63  ? -0.021  2.582   -1.134  1.00 24.45 ? 63  LEU A CG  1 
ATOM   474 C CD1 . LEU A 1 63  ? -1.314  3.446   -1.195  1.00 23.09 ? 63  LEU A CD1 1 
ATOM   475 C CD2 . LEU A 1 63  ? 0.200   1.963   0.283   1.00 14.67 ? 63  LEU A CD2 1 
ATOM   476 N N   . MET A 1 64  ? 2.681   2.100   -3.655  1.00 16.11 ? 64  MET A N   1 
ATOM   477 C CA  . MET A 1 64  ? 3.957   2.798   -3.567  1.00 18.67 ? 64  MET A CA  1 
ATOM   478 C C   . MET A 1 64  ? 4.254   3.660   -4.789  1.00 24.26 ? 64  MET A C   1 
ATOM   479 O O   . MET A 1 64  ? 4.552   4.868   -4.708  1.00 23.09 ? 64  MET A O   1 
ATOM   480 C CB  . MET A 1 64  ? 5.101   1.809   -3.432  1.00 21.08 ? 64  MET A CB  1 
ATOM   481 C CG  . MET A 1 64  ? 5.207   1.076   -2.121  1.00 20.79 ? 64  MET A CG  1 
ATOM   482 S SD  . MET A 1 64  ? 6.267   -0.461  -2.223  1.00 31.83 ? 64  MET A SD  1 
ATOM   483 C CE  . MET A 1 64  ? 7.886   0.246   -2.714  1.00 20.46 ? 64  MET A CE  1 
ATOM   484 N N   . ASP A 1 65  ? 4.169   3.031   -5.948  1.00 25.40 ? 65  ASP A N   1 
ATOM   485 C CA  . ASP A 1 65  ? 4.512   3.714   -7.183  1.00 26.26 ? 65  ASP A CA  1 
ATOM   486 C C   . ASP A 1 65  ? 3.431   4.023   -8.200  1.00 26.06 ? 65  ASP A C   1 
ATOM   487 O O   . ASP A 1 65  ? 3.697   4.685   -9.191  1.00 28.50 ? 65  ASP A O   1 
ATOM   488 C CB  . ASP A 1 65  ? 5.664   2.941   -7.822  1.00 31.85 ? 65  ASP A CB  1 
ATOM   489 C CG  . ASP A 1 65  ? 6.702   2.560   -6.784  1.00 34.23 ? 65  ASP A CG  1 
ATOM   490 O OD1 . ASP A 1 65  ? 6.909   3.382   -5.867  1.00 41.41 ? 65  ASP A OD1 1 
ATOM   491 O OD2 . ASP A 1 65  ? 7.284   1.462   -6.840  1.00 35.51 ? 65  ASP A OD2 1 
ATOM   492 N N   . GLY A 1 66  ? 2.215   3.568   -7.945  1.00 27.69 ? 66  GLY A N   1 
ATOM   493 C CA  . GLY A 1 66  ? 1.116   3.852   -8.844  1.00 21.65 ? 66  GLY A CA  1 
ATOM   494 C C   . GLY A 1 66  ? 0.993   2.912   -10.034 1.00 30.26 ? 66  GLY A C   1 
ATOM   495 O O   . GLY A 1 66  ? 1.882   2.100   -10.335 1.00 29.38 ? 66  GLY A O   1 
ATOM   496 N N   . ALA A 1 67  ? -0.128  3.041   -10.726 1.00 26.10 ? 67  ALA A N   1 
ATOM   497 C CA  . ALA A 1 67  ? -0.418  2.232   -11.899 1.00 31.42 ? 67  ALA A CA  1 
ATOM   498 C C   . ALA A 1 67  ? -1.337  3.034   -12.808 1.00 30.53 ? 67  ALA A C   1 
ATOM   499 O O   . ALA A 1 67  ? -2.145  3.814   -12.320 1.00 32.23 ? 67  ALA A O   1 
ATOM   500 C CB  . ALA A 1 67  ? -1.123  0.958   -11.474 1.00 32.68 ? 67  ALA A CB  1 
ATOM   501 N N   . ILE A 1 68  ? -1.227  2.860   -14.118 1.00 27.41 ? 68  ILE A N   1 
ATOM   502 C CA  . ILE A 1 68  ? -2.117  3.601   -15.007 1.00 32.62 ? 68  ILE A CA  1 
ATOM   503 C C   . ILE A 1 68  ? -2.863  2.579   -15.815 1.00 33.61 ? 68  ILE A C   1 
ATOM   504 O O   . ILE A 1 68  ? -2.339  2.035   -16.766 1.00 34.99 ? 68  ILE A O   1 
ATOM   505 C CB  . ILE A 1 68  ? -1.352  4.551   -15.953 1.00 29.90 ? 68  ILE A CB  1 
ATOM   506 C CG1 . ILE A 1 68  ? -1.216  5.890   -15.270 1.00 32.91 ? 68  ILE A CG1 1 
ATOM   507 C CG2 . ILE A 1 68  ? -2.157  4.824   -17.222 1.00 31.91 ? 68  ILE A CG2 1 
ATOM   508 C CD1 . ILE A 1 68  ? -2.587  6.484   -14.946 1.00 41.26 ? 68  ILE A CD1 1 
ATOM   509 N N   . PRO A 1 69  ? -4.108  2.310   -15.444 1.00 36.95 ? 69  PRO A N   1 
ATOM   510 C CA  . PRO A 1 69  ? -4.868  1.318   -16.193 1.00 41.88 ? 69  PRO A CA  1 
ATOM   511 C C   . PRO A 1 69  ? -5.230  1.910   -17.540 1.00 43.43 ? 69  PRO A C   1 
ATOM   512 O O   . PRO A 1 69  ? -5.519  3.095   -17.627 1.00 48.80 ? 69  PRO A O   1 
ATOM   513 C CB  . PRO A 1 69  ? -6.067  1.050   -15.303 1.00 41.49 ? 69  PRO A CB  1 
ATOM   514 C CG  . PRO A 1 69  ? -6.214  2.300   -14.474 1.00 38.15 ? 69  PRO A CG  1 
ATOM   515 C CD  . PRO A 1 69  ? -4.890  2.938   -14.368 1.00 38.67 ? 69  PRO A CD  1 
ATOM   516 N N   . PRO A 1 70  ? -5.220  1.096   -18.611 1.00 42.55 ? 70  PRO A N   1 
ATOM   517 C CA  . PRO A 1 70  ? -5.547  1.576   -19.952 1.00 42.90 ? 70  PRO A CA  1 
ATOM   518 C C   . PRO A 1 70  ? -7.021  1.788   -20.149 1.00 45.68 ? 70  PRO A C   1 
ATOM   519 O O   . PRO A 1 70  ? -7.849  1.068   -19.603 1.00 50.29 ? 70  PRO A O   1 
ATOM   520 C CB  . PRO A 1 70  ? -5.002  0.488   -20.879 1.00 43.97 ? 70  PRO A CB  1 
ATOM   521 C CG  . PRO A 1 70  ? -4.333  -0.499  -19.995 1.00 42.54 ? 70  PRO A CG  1 
ATOM   522 C CD  . PRO A 1 70  ? -4.914  -0.335  -18.636 1.00 39.18 ? 70  PRO A CD  1 
ATOM   523 N N   . GLY A 1 71  ? -7.339  2.788   -20.945 1.00 47.38 ? 71  GLY A N   1 
ATOM   524 C CA  . GLY A 1 71  ? -8.715  3.098   -21.211 1.00 50.60 ? 71  GLY A CA  1 
ATOM   525 C C   . GLY A 1 71  ? -8.642  4.532   -21.613 1.00 53.74 ? 71  GLY A C   1 
ATOM   526 O O   . GLY A 1 71  ? -7.626  5.175   -21.380 1.00 51.86 ? 71  GLY A O   1 
ATOM   527 N N   . PRO A 1 72  ? -9.696  5.054   -22.232 1.00 58.12 ? 72  PRO A N   1 
ATOM   528 C CA  . PRO A 1 72  ? -9.807  6.435   -22.693 1.00 65.30 ? 72  PRO A CA  1 
ATOM   529 C C   . PRO A 1 72  ? -9.389  7.477   -21.647 1.00 71.49 ? 72  PRO A C   1 
ATOM   530 O O   . PRO A 1 72  ? -8.512  8.310   -21.922 1.00 73.44 ? 72  PRO A O   1 
ATOM   531 C CB  . PRO A 1 72  ? -11.271 6.548   -23.085 1.00 61.74 ? 72  PRO A CB  1 
ATOM   532 C CG  . PRO A 1 72  ? -11.630 5.174   -23.506 1.00 62.23 ? 72  PRO A CG  1 
ATOM   533 C CD  . PRO A 1 72  ? -10.906 4.283   -22.555 1.00 61.00 ? 72  PRO A CD  1 
ATOM   534 N N   . ASP A 1 73  ? -10.027 7.448   -20.470 1.00 78.19 ? 73  ASP A N   1 
ATOM   535 C CA  . ASP A 1 73  ? -9.681  8.381   -19.383 1.00 84.78 ? 73  ASP A CA  1 
ATOM   536 C C   . ASP A 1 73  ? -8.530  7.726   -18.666 1.00 85.97 ? 73  ASP A C   1 
ATOM   537 O O   . ASP A 1 73  ? -7.351  8.036   -18.909 1.00 89.15 ? 73  ASP A O   1 
ATOM   538 C CB  . ASP A 1 73  ? -10.825 8.553   -18.387 1.00 89.36 ? 73  ASP A CB  1 
ATOM   539 C CG  . ASP A 1 73  ? -12.142 8.790   -19.067 1.00 96.26 ? 73  ASP A CG  1 
ATOM   540 O OD1 . ASP A 1 73  ? -12.221 9.745   -19.879 1.00 98.37 ? 73  ASP A OD1 1 
ATOM   541 O OD2 . ASP A 1 73  ? -13.093 8.020   -18.796 1.00 99.96 ? 73  ASP A OD2 1 
ATOM   542 N N   . ALA A 1 74  ? -8.873  6.809   -17.771 1.00 82.26 ? 74  ALA A N   1 
ATOM   543 C CA  . ALA A 1 74  ? -7.843  6.081   -17.068 1.00 79.56 ? 74  ALA A CA  1 
ATOM   544 C C   . ALA A 1 74  ? -6.869  7.028   -16.370 1.00 76.75 ? 74  ALA A C   1 
ATOM   545 O O   . ALA A 1 74  ? -5.857  7.455   -16.958 1.00 74.84 ? 74  ALA A O   1 
ATOM   546 C CB  . ALA A 1 74  ? -7.093  5.199   -18.065 1.00 81.57 ? 74  ALA A CB  1 
ATOM   547 N N   . GLN A 1 75  ? -7.188  7.340   -15.114 1.00 72.47 ? 75  GLN A N   1 
ATOM   548 C CA  . GLN A 1 75  ? -6.363  8.210   -14.292 1.00 66.05 ? 75  GLN A CA  1 
ATOM   549 C C   . GLN A 1 75  ? -5.383  7.359   -13.488 1.00 59.58 ? 75  GLN A C   1 
ATOM   550 O O   . GLN A 1 75  ? -5.573  6.153   -13.308 1.00 55.35 ? 75  GLN A O   1 
ATOM   551 C CB  . GLN A 1 75  ? -7.230  9.012   -13.324 1.00 70.78 ? 75  GLN A CB  1 
ATOM   552 C CG  . GLN A 1 75  ? -7.651  8.207   -12.090 1.00 76.84 ? 75  GLN A CG  1 
ATOM   553 C CD  . GLN A 1 75  ? -7.472  8.956   -10.770 1.00 80.27 ? 75  GLN A CD  1 
ATOM   554 O OE1 . GLN A 1 75  ? -8.378  8.968   -9.933  1.00 83.85 ? 75  GLN A OE1 1 
ATOM   555 N NE2 . GLN A 1 75  ? -6.301  9.572   -10.573 1.00 80.92 ? 75  GLN A NE2 1 
ATOM   556 N N   . LEU A 1 76  ? -4.347  8.028   -12.993 1.00 53.24 ? 76  LEU A N   1 
ATOM   557 C CA  . LEU A 1 76  ? -3.295  7.426   -12.190 1.00 46.03 ? 76  LEU A CA  1 
ATOM   558 C C   . LEU A 1 76  ? -3.811  6.974   -10.839 1.00 44.07 ? 76  LEU A C   1 
ATOM   559 O O   . LEU A 1 76  ? -4.309  7.785   -10.053 1.00 49.34 ? 76  LEU A O   1 
ATOM   560 C CB  . LEU A 1 76  ? -2.157  8.436   -12.005 1.00 46.43 ? 76  LEU A CB  1 
ATOM   561 C CG  . LEU A 1 76  ? -0.857  8.193   -11.227 1.00 42.20 ? 76  LEU A CG  1 
ATOM   562 C CD1 . LEU A 1 76  ? -1.107  8.410   -9.723  1.00 40.01 ? 76  LEU A CD1 1 
ATOM   563 C CD2 . LEU A 1 76  ? -0.318  6.803   -11.546 1.00 39.33 ? 76  LEU A CD2 1 
ATOM   564 N N   . GLU A 1 77  ? -3.669  5.675   -10.588 1.00 38.44 ? 77  GLU A N   1 
ATOM   565 C CA  . GLU A 1 77  ? -4.070  5.010   -9.360  1.00 36.36 ? 77  GLU A CA  1 
ATOM   566 C C   . GLU A 1 77  ? -2.859  4.947   -8.419  1.00 33.56 ? 77  GLU A C   1 
ATOM   567 O O   . GLU A 1 77  ? -1.713  4.716   -8.866  1.00 29.76 ? 77  GLU A O   1 
ATOM   568 C CB  . GLU A 1 77  ? -4.524  3.581   -9.694  1.00 42.56 ? 77  GLU A CB  1 
ATOM   569 C CG  . GLU A 1 77  ? -5.751  3.070   -8.959  1.00 50.68 ? 77  GLU A CG  1 
ATOM   570 C CD  . GLU A 1 77  ? -7.047  3.402   -9.675  1.00 54.40 ? 77  GLU A CD  1 
ATOM   571 O OE1 . GLU A 1 77  ? -7.131  3.274   -10.912 1.00 56.60 ? 77  GLU A OE1 1 
ATOM   572 O OE2 . GLU A 1 77  ? -8.002  3.805   -8.988  1.00 66.27 ? 77  GLU A OE2 1 
ATOM   573 N N   . GLY A 1 78  ? -3.131  5.185   -7.136  1.00 30.59 ? 78  GLY A N   1 
ATOM   574 C CA  . GLY A 1 78  ? -2.118  5.123   -6.104  1.00 21.98 ? 78  GLY A CA  1 
ATOM   575 C C   . GLY A 1 78  ? -0.905  6.014   -6.246  1.00 21.18 ? 78  GLY A C   1 
ATOM   576 O O   . GLY A 1 78  ? -0.973  7.118   -6.765  1.00 18.58 ? 78  GLY A O   1 
ATOM   577 N N   . ARG A 1 79  ? 0.204   5.511   -5.735  1.00 16.92 ? 79  ARG A N   1 
ATOM   578 C CA  . ARG A 1 79  ? 1.481   6.206   -5.751  1.00 20.78 ? 79  ARG A CA  1 
ATOM   579 C C   . ARG A 1 79  ? 1.651   7.185   -4.609  1.00 26.41 ? 79  ARG A C   1 
ATOM   580 O O   . ARG A 1 79  ? 0.753   7.993   -4.335  1.00 22.33 ? 79  ARG A O   1 
ATOM   581 C CB  . ARG A 1 79  ? 1.691   6.954   -7.049  1.00 24.52 ? 79  ARG A CB  1 
ATOM   582 C CG  . ARG A 1 79  ? 3.058   7.582   -7.126  1.00 23.03 ? 79  ARG A CG  1 
ATOM   583 C CD  . ARG A 1 79  ? 3.459   7.939   -8.553  1.00 27.52 ? 79  ARG A CD  1 
ATOM   584 N NE  . ARG A 1 79  ? 4.754   8.643   -8.601  1.00 32.37 ? 79  ARG A NE  1 
ATOM   585 C CZ  . ARG A 1 79  ? 5.869   8.161   -9.159  1.00 37.86 ? 79  ARG A CZ  1 
ATOM   586 N NH1 . ARG A 1 79  ? 5.880   6.961   -9.735  1.00 37.38 ? 79  ARG A NH1 1 
ATOM   587 N NH2 . ARG A 1 79  ? 6.989   8.878   -9.112  1.00 41.17 ? 79  ARG A NH2 1 
ATOM   588 N N   . LEU A 1 80  ? 2.817   7.104   -3.948  1.00 22.04 ? 80  LEU A N   1 
ATOM   589 C CA  . LEU A 1 80  ? 3.131   7.987   -2.846  1.00 26.37 ? 80  LEU A CA  1 
ATOM   590 C C   . LEU A 1 80  ? 3.964   9.092   -3.448  1.00 27.57 ? 80  LEU A C   1 
ATOM   591 O O   . LEU A 1 80  ? 4.988   8.817   -4.070  1.00 33.33 ? 80  LEU A O   1 
ATOM   592 C CB  . LEU A 1 80  ? 3.982   7.290   -1.787  1.00 9.77  ? 80  LEU A CB  1 
ATOM   593 C CG  . LEU A 1 80  ? 3.553   5.941   -1.246  1.00 23.14 ? 80  LEU A CG  1 
ATOM   594 C CD1 . LEU A 1 80  ? 4.772   5.191   -0.674  1.00 21.47 ? 80  LEU A CD1 1 
ATOM   595 C CD2 . LEU A 1 80  ? 2.497   6.159   -0.179  1.00 22.39 ? 80  LEU A CD2 1 
ATOM   596 N N   . GLU A 1 81  ? 3.534   10.329  -3.248  1.00 31.96 ? 81  GLU A N   1 
ATOM   597 C CA  . GLU A 1 81  ? 4.267   11.470  -3.754  1.00 34.08 ? 81  GLU A CA  1 
ATOM   598 C C   . GLU A 1 81  ? 4.876   12.283  -2.627  1.00 34.08 ? 81  GLU A C   1 
ATOM   599 O O   . GLU A 1 81  ? 4.669   12.001  -1.454  1.00 31.47 ? 81  GLU A O   1 
ATOM   600 C CB  . GLU A 1 81  ? 3.353   12.355  -4.585  1.00 43.17 ? 81  GLU A CB  1 
ATOM   601 C CG  . GLU A 1 81  ? 3.038   11.763  -5.946  1.00 52.43 ? 81  GLU A CG  1 
ATOM   602 C CD  . GLU A 1 81  ? 4.299   11.412  -6.732  1.00 59.38 ? 81  GLU A CD  1 
ATOM   603 O OE1 . GLU A 1 81  ? 5.326   11.018  -6.126  1.00 66.03 ? 81  GLU A OE1 1 
ATOM   604 O OE2 . GLU A 1 81  ? 4.264   11.529  -7.970  1.00 63.29 ? 81  GLU A OE2 1 
ATOM   605 N N   . ASP A 1 82  ? 5.625   13.313  -2.991  1.00 33.46 ? 82  ASP A N   1 
ATOM   606 C CA  . ASP A 1 82  ? 6.280   14.127  -1.991  1.00 33.89 ? 82  ASP A CA  1 
ATOM   607 C C   . ASP A 1 82  ? 5.326   14.994  -1.213  1.00 31.73 ? 82  ASP A C   1 
ATOM   608 O O   . ASP A 1 82  ? 4.362   15.521  -1.742  1.00 28.93 ? 82  ASP A O   1 
ATOM   609 C CB  . ASP A 1 82  ? 7.324   15.001  -2.655  1.00 39.06 ? 82  ASP A CB  1 
ATOM   610 C CG  . ASP A 1 82  ? 8.532   14.224  -3.088  1.00 43.55 ? 82  ASP A CG  1 
ATOM   611 O OD1 . ASP A 1 82  ? 8.538   13.724  -4.229  1.00 50.15 ? 82  ASP A OD1 1 
ATOM   612 O OD2 . ASP A 1 82  ? 9.474   14.106  -2.283  1.00 48.43 ? 82  ASP A OD2 1 
ATOM   613 N N   . LEU A 1 83  ? 5.624   15.137  0.061   1.00 32.93 ? 83  LEU A N   1 
ATOM   614 C CA  . LEU A 1 83  ? 4.825   15.959  0.938   1.00 29.77 ? 83  LEU A CA  1 
ATOM   615 C C   . LEU A 1 83  ? 5.860   16.930  1.470   1.00 33.33 ? 83  LEU A C   1 
ATOM   616 O O   . LEU A 1 83  ? 7.032   16.588  1.602   1.00 32.31 ? 83  LEU A O   1 
ATOM   617 C CB  . LEU A 1 83  ? 4.224   15.114  2.041   1.00 24.22 ? 83  LEU A CB  1 
ATOM   618 C CG  . LEU A 1 83  ? 3.015   14.347  1.503   1.00 26.96 ? 83  LEU A CG  1 
ATOM   619 C CD1 . LEU A 1 83  ? 2.245   13.689  2.638   1.00 22.08 ? 83  LEU A CD1 1 
ATOM   620 C CD2 . LEU A 1 83  ? 2.095   15.323  0.757   1.00 34.54 ? 83  LEU A CD2 1 
ATOM   621 N N   . PRO A 1 84  ? 5.454   18.169  1.758   1.00 34.71 ? 84  PRO A N   1 
ATOM   622 C CA  . PRO A 1 84  ? 6.453   19.108  2.256   1.00 30.69 ? 84  PRO A CA  1 
ATOM   623 C C   . PRO A 1 84  ? 7.388   18.406  3.219   1.00 30.82 ? 84  PRO A C   1 
ATOM   624 O O   . PRO A 1 84  ? 6.928   17.735  4.127   1.00 35.94 ? 84  PRO A O   1 
ATOM   625 C CB  . PRO A 1 84  ? 5.618   20.169  2.944   1.00 32.38 ? 84  PRO A CB  1 
ATOM   626 C CG  . PRO A 1 84  ? 4.380   20.194  2.159   1.00 34.51 ? 84  PRO A CG  1 
ATOM   627 C CD  . PRO A 1 84  ? 4.113   18.778  1.700   1.00 33.96 ? 84  PRO A CD  1 
ATOM   628 N N   . GLY A 1 85  ? 8.694   18.524  2.994   1.00 32.55 ? 85  GLY A N   1 
ATOM   629 C CA  . GLY A 1 85  ? 9.660   17.902  3.885   1.00 34.87 ? 85  GLY A CA  1 
ATOM   630 C C   . GLY A 1 85  ? 9.467   16.430  4.229   1.00 38.10 ? 85  GLY A C   1 
ATOM   631 O O   . GLY A 1 85  ? 9.680   16.031  5.383   1.00 37.14 ? 85  GLY A O   1 
ATOM   632 N N   . CYS A 1 86  ? 9.085   15.633  3.226   1.00 41.46 ? 86  CYS A N   1 
ATOM   633 C CA  . CYS A 1 86  ? 8.875   14.188  3.368   1.00 38.85 ? 86  CYS A CA  1 
ATOM   634 C C   . CYS A 1 86  ? 8.897   13.578  1.976   1.00 41.44 ? 86  CYS A C   1 
ATOM   635 O O   . CYS A 1 86  ? 7.863   13.296  1.355   1.00 39.11 ? 86  CYS A O   1 
ATOM   636 C CB  . CYS A 1 86  ? 7.550   13.900  4.027   1.00 39.16 ? 86  CYS A CB  1 
ATOM   637 S SG  . CYS A 1 86  ? 7.382   12.132  4.307   1.00 32.49 ? 86  CYS A SG  1 
ATOM   638 N N   . PRO A 1 87  ? 10.100  13.380  1.455   1.00 43.91 ? 87  PRO A N   1 
ATOM   639 C CA  . PRO A 1 87  ? 10.264  12.808  0.120   1.00 42.29 ? 87  PRO A CA  1 
ATOM   640 C C   . PRO A 1 87  ? 9.644   11.431  -0.065  1.00 40.36 ? 87  PRO A C   1 
ATOM   641 O O   . PRO A 1 87  ? 9.681   10.566  0.826   1.00 36.63 ? 87  PRO A O   1 
ATOM   642 C CB  . PRO A 1 87  ? 11.781  12.795  -0.087  1.00 44.91 ? 87  PRO A CB  1 
ATOM   643 C CG  . PRO A 1 87  ? 12.354  12.869  1.274   1.00 45.49 ? 87  PRO A CG  1 
ATOM   644 C CD  . PRO A 1 87  ? 11.389  13.649  2.113   1.00 43.59 ? 87  PRO A CD  1 
ATOM   645 N N   . ARG A 1 88  ? 9.106   11.238  -1.262  1.00 39.05 ? 88  ARG A N   1 
ATOM   646 C CA  . ARG A 1 88  ? 8.464   9.992   -1.651  1.00 33.81 ? 88  ARG A CA  1 
ATOM   647 C C   . ARG A 1 88  ? 9.319   8.767   -1.356  1.00 32.25 ? 88  ARG A C   1 
ATOM   648 O O   . ARG A 1 88  ? 8.796   7.734   -0.959  1.00 29.33 ? 88  ARG A O   1 
ATOM   649 C CB  . ARG A 1 88  ? 8.090   10.083  -3.122  1.00 28.75 ? 88  ARG A CB  1 
ATOM   650 C CG  . ARG A 1 88  ? 8.577   8.998   -3.963  1.00 24.18 ? 88  ARG A CG  1 
ATOM   651 C CD  . ARG A 1 88  ? 7.888   9.047   -5.285  1.00 32.88 ? 88  ARG A CD  1 
ATOM   652 N NE  . ARG A 1 88  ? 8.372   7.941   -6.090  1.00 32.99 ? 88  ARG A NE  1 
ATOM   653 C CZ  . ARG A 1 88  ? 7.817   6.747   -6.079  1.00 31.63 ? 88  ARG A CZ  1 
ATOM   654 N NH1 . ARG A 1 88  ? 6.757   6.493   -5.313  1.00 28.59 ? 88  ARG A NH1 1 
ATOM   655 N NH2 . ARG A 1 88  ? 8.352   5.803   -6.816  1.00 36.87 ? 88  ARG A NH2 1 
ATOM   656 N N   . GLU A 1 89  ? 10.636  8.907   -1.491  1.00 34.27 ? 89  GLU A N   1 
ATOM   657 C CA  . GLU A 1 89  ? 11.562  7.808   -1.213  1.00 36.11 ? 89  GLU A CA  1 
ATOM   658 C C   . GLU A 1 89  ? 11.516  7.360   0.245   1.00 36.21 ? 89  GLU A C   1 
ATOM   659 O O   . GLU A 1 89  ? 11.759  6.184   0.581   1.00 32.27 ? 89  GLU A O   1 
ATOM   660 C CB  . GLU A 1 89  ? 13.002  8.208   -1.575  1.00 40.58 ? 89  GLU A CB  1 
ATOM   661 C CG  . GLU A 1 89  ? 13.262  9.708   -1.595  1.00 46.71 ? 89  GLU A CG  1 
ATOM   662 C CD  . GLU A 1 89  ? 12.905  10.359  -2.932  1.00 54.65 ? 89  GLU A CD  1 
ATOM   663 O OE1 . GLU A 1 89  ? 13.206  9.780   -4.004  1.00 59.45 ? 89  GLU A OE1 1 
ATOM   664 O OE2 . GLU A 1 89  ? 12.319  11.462  -2.920  1.00 57.99 ? 89  GLU A OE2 1 
ATOM   665 N N   . VAL A 1 90  ? 11.239  8.298   1.131   1.00 34.56 ? 90  VAL A N   1 
ATOM   666 C CA  . VAL A 1 90  ? 11.163  7.936   2.529   1.00 33.24 ? 90  VAL A CA  1 
ATOM   667 C C   . VAL A 1 90  ? 9.926   7.108   2.841   1.00 31.55 ? 90  VAL A C   1 
ATOM   668 O O   . VAL A 1 90  ? 9.990   6.162   3.612   1.00 25.91 ? 90  VAL A O   1 
ATOM   669 C CB  . VAL A 1 90  ? 11.125  9.160   3.424   1.00 36.69 ? 90  VAL A CB  1 
ATOM   670 C CG1 . VAL A 1 90  ? 11.437  8.738   4.849   1.00 36.06 ? 90  VAL A CG1 1 
ATOM   671 C CG2 . VAL A 1 90  ? 12.131  10.205  2.931   1.00 36.74 ? 90  VAL A CG2 1 
ATOM   672 N N   . GLN A 1 91  ? 8.792   7.465   2.247   1.00 28.61 ? 91  GLN A N   1 
ATOM   673 C CA  . GLN A 1 91  ? 7.558   6.740   2.523   1.00 27.13 ? 91  GLN A CA  1 
ATOM   674 C C   . GLN A 1 91  ? 7.548   5.340   1.893   1.00 22.08 ? 91  GLN A C   1 
ATOM   675 O O   . GLN A 1 91  ? 7.014   4.401   2.469   1.00 20.93 ? 91  GLN A O   1 
ATOM   676 C CB  . GLN A 1 91  ? 6.381   7.570   2.024   1.00 30.40 ? 91  GLN A CB  1 
ATOM   677 C CG  . GLN A 1 91  ? 6.538   9.053   2.218   1.00 23.24 ? 91  GLN A CG  1 
ATOM   678 C CD  . GLN A 1 91  ? 5.506   9.794   1.418   1.00 27.14 ? 91  GLN A CD  1 
ATOM   679 O OE1 . GLN A 1 91  ? 4.366   9.368   1.353   1.00 29.49 ? 91  GLN A OE1 1 
ATOM   680 N NE2 . GLN A 1 91  ? 5.898   10.896  0.784   1.00 28.15 ? 91  GLN A NE2 1 
ATOM   681 N N   . ARG A 1 92  ? 8.155   5.222   0.714   1.00 26.06 ? 92  ARG A N   1 
ATOM   682 C CA  . ARG A 1 92  ? 8.282   3.963   -0.033  1.00 29.08 ? 92  ARG A CA  1 
ATOM   683 C C   . ARG A 1 92  ? 8.936   2.849   0.789   1.00 29.75 ? 92  ARG A C   1 
ATOM   684 O O   . ARG A 1 92  ? 8.441   1.706   0.875   1.00 31.88 ? 92  ARG A O   1 
ATOM   685 C CB  . ARG A 1 92  ? 9.167   4.178   -1.243  1.00 28.80 ? 92  ARG A CB  1 
ATOM   686 C CG  . ARG A 1 92  ? 8.456   4.431   -2.528  1.00 33.88 ? 92  ARG A CG  1 
ATOM   687 C CD  . ARG A 1 92  ? 9.449   4.374   -3.672  1.00 23.70 ? 92  ARG A CD  1 
ATOM   688 N NE  . ARG A 1 92  ? 9.202   3.270   -4.597  1.00 29.27 ? 92  ARG A NE  1 
ATOM   689 C CZ  . ARG A 1 92  ? 9.839   2.109   -4.585  1.00 23.52 ? 92  ARG A CZ  1 
ATOM   690 N NH1 . ARG A 1 92  ? 10.765  1.859   -3.690  1.00 31.06 ? 92  ARG A NH1 1 
ATOM   691 N NH2 . ARG A 1 92  ? 9.587   1.212   -5.505  1.00 23.24 ? 92  ARG A NH2 1 
ATOM   692 N N   . GLY A 1 93  ? 10.092  3.180   1.355   1.00 33.47 ? 93  GLY A N   1 
ATOM   693 C CA  . GLY A 1 93  ? 10.799  2.215   2.168   1.00 28.07 ? 93  GLY A CA  1 
ATOM   694 C C   . GLY A 1 93  ? 9.881   1.618   3.211   1.00 28.21 ? 93  GLY A C   1 
ATOM   695 O O   . GLY A 1 93  ? 9.789   0.413   3.359   1.00 29.56 ? 93  GLY A O   1 
ATOM   696 N N   . PHE A 1 94  ? 9.153   2.454   3.931   1.00 27.06 ? 94  PHE A N   1 
ATOM   697 C CA  . PHE A 1 94  ? 8.294   1.913   4.952   1.00 24.17 ? 94  PHE A CA  1 
ATOM   698 C C   . PHE A 1 94  ? 7.082   1.176   4.419   1.00 22.87 ? 94  PHE A C   1 
ATOM   699 O O   . PHE A 1 94  ? 6.618   0.219   5.043   1.00 25.43 ? 94  PHE A O   1 
ATOM   700 C CB  . PHE A 1 94  ? 7.818   3.010   5.879   1.00 25.36 ? 94  PHE A CB  1 
ATOM   701 C CG  . PHE A 1 94  ? 6.800   2.537   6.871   1.00 29.79 ? 94  PHE A CG  1 
ATOM   702 C CD1 . PHE A 1 94  ? 7.149   1.570   7.821   1.00 22.11 ? 94  PHE A CD1 1 
ATOM   703 C CD2 . PHE A 1 94  ? 5.479   2.999   6.822   1.00 28.17 ? 94  PHE A CD2 1 
ATOM   704 C CE1 . PHE A 1 94  ? 6.200   1.068   8.698   1.00 25.14 ? 94  PHE A CE1 1 
ATOM   705 C CE2 . PHE A 1 94  ? 4.523   2.505   7.695   1.00 21.71 ? 94  PHE A CE2 1 
ATOM   706 C CZ  . PHE A 1 94  ? 4.880   1.540   8.630   1.00 25.76 ? 94  PHE A CZ  1 
ATOM   707 N N   . ALA A 1 95  ? 6.557   1.623   3.278   1.00 19.63 ? 95  ALA A N   1 
ATOM   708 C CA  . ALA A 1 95  ? 5.368   0.980   2.703   1.00 24.21 ? 95  ALA A CA  1 
ATOM   709 C C   . ALA A 1 95  ? 5.661   -0.445  2.270   1.00 26.10 ? 95  ALA A C   1 
ATOM   710 O O   . ALA A 1 95  ? 4.793   -1.306  2.310   1.00 28.80 ? 95  ALA A O   1 
ATOM   711 C CB  . ALA A 1 95  ? 4.859   1.769   1.498   1.00 18.96 ? 95  ALA A CB  1 
ATOM   712 N N   . ALA A 1 96  ? 6.892   -0.694  1.843   1.00 28.92 ? 96  ALA A N   1 
ATOM   713 C CA  . ALA A 1 96  ? 7.239   -2.023  1.383   1.00 30.32 ? 96  ALA A CA  1 
ATOM   714 C C   . ALA A 1 96  ? 7.201   -3.094  2.487   1.00 30.57 ? 96  ALA A C   1 
ATOM   715 O O   . ALA A 1 96  ? 7.124   -4.280  2.181   1.00 36.73 ? 96  ALA A O   1 
ATOM   716 C CB  . ALA A 1 96  ? 8.595   -1.970  0.712   1.00 31.82 ? 96  ALA A CB  1 
ATOM   717 N N   . THR A 1 97  ? 7.193   -2.682  3.762   1.00 33.97 ? 97  THR A N   1 
ATOM   718 C CA  . THR A 1 97  ? 7.188   -3.617  4.908   1.00 28.12 ? 97  THR A CA  1 
ATOM   719 C C   . THR A 1 97  ? 5.821   -3.974  5.425   1.00 26.28 ? 97  THR A C   1 
ATOM   720 O O   . THR A 1 97  ? 5.672   -4.750  6.363   1.00 25.48 ? 97  THR A O   1 
ATOM   721 C CB  . THR A 1 97  ? 7.973   -3.063  6.151   1.00 31.01 ? 97  THR A CB  1 
ATOM   722 O OG1 . THR A 1 97  ? 7.089   -2.309  6.985   1.00 30.33 ? 97  THR A OG1 1 
ATOM   723 C CG2 . THR A 1 97  ? 9.105   -2.166  5.721   1.00 27.71 ? 97  THR A CG2 1 
ATOM   724 N N   . LEU A 1 98  ? 4.802   -3.430  4.808   1.00 27.65 ? 98  LEU A N   1 
ATOM   725 C CA  . LEU A 1 98  ? 3.487   -3.681  5.347   1.00 28.07 ? 98  LEU A CA  1 
ATOM   726 C C   . LEU A 1 98  ? 3.112   -5.150  5.491   1.00 25.93 ? 98  LEU A C   1 
ATOM   727 O O   . LEU A 1 98  ? 2.556   -5.515  6.525   1.00 24.63 ? 98  LEU A O   1 
ATOM   728 C CB  . LEU A 1 98  ? 2.442   -2.908  4.535   1.00 31.99 ? 98  LEU A CB  1 
ATOM   729 C CG  . LEU A 1 98  ? 2.034   -1.528  5.086   1.00 32.11 ? 98  LEU A CG  1 
ATOM   730 C CD1 . LEU A 1 98  ? 2.895   -1.052  6.244   1.00 23.37 ? 98  LEU A CD1 1 
ATOM   731 C CD2 . LEU A 1 98  ? 2.100   -0.558  3.951   1.00 28.29 ? 98  LEU A CD2 1 
ATOM   732 N N   . VAL A 1 99  ? 3.403   -6.000  4.493   1.00 26.30 ? 99  VAL A N   1 
ATOM   733 C CA  . VAL A 1 99  ? 3.038   -7.432  4.615   1.00 30.28 ? 99  VAL A CA  1 
ATOM   734 C C   . VAL A 1 99  ? 3.781   -8.198  5.717   1.00 33.42 ? 99  VAL A C   1 
ATOM   735 O O   . VAL A 1 99  ? 3.306   -9.228  6.229   1.00 34.06 ? 99  VAL A O   1 
ATOM   736 C CB  . VAL A 1 99  ? 3.283   -8.232  3.305   1.00 31.93 ? 99  VAL A CB  1 
ATOM   737 C CG1 . VAL A 1 99  ? 2.498   -7.629  2.187   1.00 28.57 ? 99  VAL A CG1 1 
ATOM   738 C CG2 . VAL A 1 99  ? 4.773   -8.268  2.968   1.00 27.04 ? 99  VAL A CG2 1 
ATOM   739 N N   . THR A 1 100 ? 4.958   -7.696  6.047   1.00 36.18 ? 100 THR A N   1 
ATOM   740 C CA  . THR A 1 100 ? 5.814   -8.297  7.040   1.00 35.41 ? 100 THR A CA  1 
ATOM   741 C C   . THR A 1 100 ? 5.134   -8.606  8.332   1.00 35.76 ? 100 THR A C   1 
ATOM   742 O O   . THR A 1 100 ? 4.196   -7.910  8.714   1.00 37.11 ? 100 THR A O   1 
ATOM   743 C CB  . THR A 1 100 ? 6.926   -7.380  7.316   1.00 34.57 ? 100 THR A CB  1 
ATOM   744 O OG1 . THR A 1 100 ? 7.515   -7.064  6.070   1.00 39.30 ? 100 THR A OG1 1 
ATOM   745 C CG2 . THR A 1 100 ? 7.957   -8.028  8.214   1.00 41.24 ? 100 THR A CG2 1 
ATOM   746 N N   . GLU A 1 101 ? 5.620   -9.642  9.020   1.00 41.68 ? 101 GLU A N   1 
ATOM   747 C CA  . GLU A 1 101 ? 5.067   -10.046 10.319  1.00 44.81 ? 101 GLU A CA  1 
ATOM   748 C C   . GLU A 1 101 ? 5.306   -8.949  11.350  1.00 39.89 ? 101 GLU A C   1 
ATOM   749 O O   . GLU A 1 101 ? 4.670   -8.925  12.411  1.00 38.45 ? 101 GLU A O   1 
ATOM   750 C CB  . GLU A 1 101 ? 5.673   -11.371 10.783  1.00 50.68 ? 101 GLU A CB  1 
ATOM   751 C CG  . GLU A 1 101 ? 7.168   -11.480 10.613  1.00 68.45 ? 101 GLU A CG  1 
ATOM   752 C CD  . GLU A 1 101 ? 7.791   -12.496 11.584  1.00 81.70 ? 101 GLU A CD  1 
ATOM   753 O OE1 . GLU A 1 101 ? 7.102   -12.897 12.559  1.00 86.28 ? 101 GLU A OE1 1 
ATOM   754 O OE2 . GLU A 1 101 ? 8.969   -12.896 11.371  1.00 88.68 ? 101 GLU A OE2 1 
ATOM   755 N N   . ALA A 1 102 ? 6.229   -8.043  11.026  1.00 37.80 ? 102 ALA A N   1 
ATOM   756 C CA  . ALA A 1 102 ? 6.517   -6.889  11.889  1.00 35.48 ? 102 ALA A CA  1 
ATOM   757 C C   . ALA A 1 102 ? 5.289   -6.002  11.742  1.00 33.68 ? 102 ALA A C   1 
ATOM   758 O O   . ALA A 1 102 ? 4.805   -5.394  12.697  1.00 31.95 ? 102 ALA A O   1 
ATOM   759 C CB  . ALA A 1 102 ? 7.736   -6.152  11.382  1.00 32.71 ? 102 ALA A CB  1 
ATOM   760 N N   . GLU A 1 103 ? 4.760   -5.960  10.527  1.00 28.00 ? 103 GLU A N   1 
ATOM   761 C CA  . GLU A 1 103 ? 3.595   -5.151  10.290  1.00 25.52 ? 103 GLU A CA  1 
ATOM   762 C C   . GLU A 1 103 ? 2.304   -5.959  10.228  1.00 25.05 ? 103 GLU A C   1 
ATOM   763 O O   . GLU A 1 103 ? 1.859   -6.448  11.234  1.00 25.93 ? 103 GLU A O   1 
ATOM   764 C CB  . GLU A 1 103 ? 3.830   -4.324  9.039   1.00 26.80 ? 103 GLU A CB  1 
ATOM   765 C CG  . GLU A 1 103 ? 5.037   -3.379  9.169   1.00 25.36 ? 103 GLU A CG  1 
ATOM   766 C CD  . GLU A 1 103 ? 4.808   -2.276  10.205  1.00 34.60 ? 103 GLU A CD  1 
ATOM   767 O OE1 . GLU A 1 103 ? 3.633   -1.911  10.464  1.00 25.78 ? 103 GLU A OE1 1 
ATOM   768 O OE2 . GLU A 1 103 ? 5.805   -1.764  10.761  1.00 32.99 ? 103 GLU A OE2 1 
ATOM   769 N N   . CYS A 1 104 ? 1.695   -6.130  9.061   1.00 28.92 ? 104 CYS A N   1 
ATOM   770 C CA  . CYS A 1 104 ? 0.407   -6.837  9.005   1.00 25.87 ? 104 CYS A CA  1 
ATOM   771 C C   . CYS A 1 104 ? 0.482   -8.343  9.059   1.00 28.84 ? 104 CYS A C   1 
ATOM   772 O O   . CYS A 1 104 ? -0.508  -9.007  9.345   1.00 27.12 ? 104 CYS A O   1 
ATOM   773 C CB  . CYS A 1 104 ? -0.369  -6.436  7.735   1.00 25.29 ? 104 CYS A CB  1 
ATOM   774 S SG  . CYS A 1 104 ? -0.943  -4.704  7.676   1.00 25.67 ? 104 CYS A SG  1 
ATOM   775 N N   . ASN A 1 105 ? 1.657   -8.881  8.777   1.00 31.87 ? 105 ASN A N   1 
ATOM   776 C CA  . ASN A 1 105 ? 1.878   -10.327 8.748   1.00 32.16 ? 105 ASN A CA  1 
ATOM   777 C C   . ASN A 1 105 ? 0.867   -11.075 7.894   1.00 32.55 ? 105 ASN A C   1 
ATOM   778 O O   . ASN A 1 105 ? 0.108   -11.926 8.378   1.00 25.99 ? 105 ASN A O   1 
ATOM   779 C CB  . ASN A 1 105 ? 1.873   -10.927 10.137  1.00 30.17 ? 105 ASN A CB  1 
ATOM   780 C CG  . ASN A 1 105 ? 2.543   -12.263 10.150  1.00 33.74 ? 105 ASN A CG  1 
ATOM   781 O OD1 . ASN A 1 105 ? 2.430   -13.011 11.101  1.00 41.74 ? 105 ASN A OD1 1 
ATOM   782 N ND2 . ASN A 1 105 ? 3.261   -12.573 9.076   1.00 35.37 ? 105 ASN A ND2 1 
ATOM   783 N N   . LEU A 1 106 ? 0.889   -10.769 6.605   1.00 32.88 ? 106 LEU A N   1 
ATOM   784 C CA  . LEU A 1 106 ? -0.036  -11.409 5.684   1.00 33.69 ? 106 LEU A CA  1 
ATOM   785 C C   . LEU A 1 106 ? 0.706   -12.163 4.589   1.00 34.69 ? 106 LEU A C   1 
ATOM   786 O O   . LEU A 1 106 ? 1.667   -11.654 4.006   1.00 32.16 ? 106 LEU A O   1 
ATOM   787 C CB  . LEU A 1 106 ? -0.939  -10.362 5.045   1.00 30.12 ? 106 LEU A CB  1 
ATOM   788 C CG  . LEU A 1 106 ? -2.006  -9.815  5.977   1.00 24.81 ? 106 LEU A CG  1 
ATOM   789 C CD1 . LEU A 1 106 ? -2.443  -8.440  5.508   1.00 26.31 ? 106 LEU A CD1 1 
ATOM   790 C CD2 . LEU A 1 106 ? -3.156  -10.807 6.014   1.00 20.14 ? 106 LEU A CD2 1 
ATOM   791 N N   . ALA A 1 107 ? 0.231   -13.375 4.314   1.00 34.04 ? 107 ALA A N   1 
ATOM   792 C CA  . ALA A 1 107 ? 0.818   -14.223 3.287   1.00 33.43 ? 107 ALA A CA  1 
ATOM   793 C C   . ALA A 1 107 ? 0.539   -13.670 1.868   1.00 33.69 ? 107 ALA A C   1 
ATOM   794 O O   . ALA A 1 107 ? -0.509  -13.076 1.605   1.00 37.29 ? 107 ALA A O   1 
ATOM   795 C CB  . ALA A 1 107 ? 0.254   -15.670 3.432   1.00 27.65 ? 107 ALA A CB  1 
ATOM   796 N N   . THR A 1 108 ? 1.478   -13.875 0.957   1.00 33.27 ? 108 THR A N   1 
ATOM   797 C CA  . THR A 1 108 ? 1.303   -13.431 -0.400  1.00 29.87 ? 108 THR A CA  1 
ATOM   798 C C   . THR A 1 108 ? 1.301   -14.635 -1.340  1.00 27.12 ? 108 THR A C   1 
ATOM   799 O O   . THR A 1 108 ? 0.954   -15.760 -0.972  1.00 25.92 ? 108 THR A O   1 
ATOM   800 C CB  . THR A 1 108 ? 2.427   -12.468 -0.792  1.00 32.96 ? 108 THR A CB  1 
ATOM   801 O OG1 . THR A 1 108 ? 3.689   -13.164 -0.798  1.00 30.40 ? 108 THR A OG1 1 
ATOM   802 C CG2 . THR A 1 108 ? 2.482   -11.358 0.200   1.00 32.19 ? 108 THR A CG2 1 
ATOM   803 N N   . ILE A 1 109 ? 1.691   -14.387 -2.574  1.00 26.85 ? 109 ILE A N   1 
ATOM   804 C CA  . ILE A 1 109 ? 1.699   -15.434 -3.581  1.00 30.16 ? 109 ILE A CA  1 
ATOM   805 C C   . ILE A 1 109 ? 2.671   -16.561 -3.229  1.00 30.80 ? 109 ILE A C   1 
ATOM   806 O O   . ILE A 1 109 ? 2.469   -17.708 -3.616  1.00 29.41 ? 109 ILE A O   1 
ATOM   807 C CB  . ILE A 1 109 ? 2.062   -14.843 -4.948  1.00 27.28 ? 109 ILE A CB  1 
ATOM   808 C CG1 . ILE A 1 109 ? 1.940   -15.903 -6.024  1.00 31.84 ? 109 ILE A CG1 1 
ATOM   809 C CG2 . ILE A 1 109 ? 3.421   -14.306 -4.915  1.00 28.83 ? 109 ILE A CG2 1 
ATOM   810 C CD1 . ILE A 1 109 ? 1.736   -15.303 -7.367  1.00 37.00 ? 109 ILE A CD1 1 
ATOM   811 N N   . SER A 1 110 ? 3.713   -16.234 -2.484  1.00 25.35 ? 110 SER A N   1 
ATOM   812 C CA  . SER A 1 110 ? 4.681   -17.242 -2.105  1.00 27.10 ? 110 SER A CA  1 
ATOM   813 C C   . SER A 1 110 ? 4.158   -17.984 -0.881  1.00 28.40 ? 110 SER A C   1 
ATOM   814 O O   . SER A 1 110 ? 4.744   -18.986 -0.464  1.00 29.92 ? 110 SER A O   1 
ATOM   815 C CB  . SER A 1 110 ? 6.016   -16.582 -1.755  1.00 26.24 ? 110 SER A CB  1 
ATOM   816 O OG  . SER A 1 110 ? 5.920   -16.038 -0.444  1.00 33.18 ? 110 SER A OG  1 
ATOM   817 N N   . GLY A 1 111 ? 3.052   -17.530 -0.297  1.00 25.06 ? 111 GLY A N   1 
ATOM   818 C CA  . GLY A 1 111 ? 2.583   -18.230 0.885   1.00 22.47 ? 111 GLY A CA  1 
ATOM   819 C C   . GLY A 1 111 ? 3.331   -17.763 2.139   1.00 27.25 ? 111 GLY A C   1 
ATOM   820 O O   . GLY A 1 111 ? 3.019   -18.193 3.256   1.00 19.51 ? 111 GLY A O   1 
ATOM   821 N N   . VAL A 1 112 ? 4.310   -16.872 1.971   1.00 24.50 ? 112 VAL A N   1 
ATOM   822 C CA  . VAL A 1 112 ? 5.069   -16.330 3.106   1.00 30.83 ? 112 VAL A CA  1 
ATOM   823 C C   . VAL A 1 112 ? 4.854   -14.798 3.142   1.00 29.59 ? 112 VAL A C   1 
ATOM   824 O O   . VAL A 1 112 ? 4.627   -14.178 2.096   1.00 30.55 ? 112 VAL A O   1 
ATOM   825 C CB  . VAL A 1 112 ? 6.581   -16.651 2.968   1.00 26.58 ? 112 VAL A CB  1 
ATOM   826 C CG1 . VAL A 1 112 ? 7.396   -15.916 3.998   1.00 31.65 ? 112 VAL A CG1 1 
ATOM   827 C CG2 . VAL A 1 112 ? 6.799   -18.097 3.183   1.00 33.93 ? 112 VAL A CG2 1 
ATOM   828 N N   . ALA A 1 113 ? 4.943   -14.218 4.337   1.00 26.74 ? 113 ALA A N   1 
ATOM   829 C CA  . ALA A 1 113 ? 4.741   -12.789 4.555   1.00 26.50 ? 113 ALA A CA  1 
ATOM   830 C C   . ALA A 1 113 ? 5.830   -11.896 4.019   1.00 23.70 ? 113 ALA A C   1 
ATOM   831 O O   . ALA A 1 113 ? 6.479   -11.190 4.762   1.00 21.76 ? 113 ALA A O   1 
ATOM   832 C CB  . ALA A 1 113 ? 4.545   -12.511 6.046   1.00 22.85 ? 113 ALA A CB  1 
ATOM   833 N N   . GLU A 1 114 ? 6.061   -11.932 2.727   1.00 25.88 ? 114 GLU A N   1 
ATOM   834 C CA  . GLU A 1 114 ? 7.041   -11.035 2.195   1.00 29.97 ? 114 GLU A CA  1 
ATOM   835 C C   . GLU A 1 114 ? 6.861   -10.844 0.724   1.00 28.84 ? 114 GLU A C   1 
ATOM   836 O O   . GLU A 1 114 ? 6.377   -11.745 0.030   1.00 26.97 ? 114 GLU A O   1 
ATOM   837 C CB  . GLU A 1 114 ? 8.442   -11.528 2.461   1.00 38.53 ? 114 GLU A CB  1 
ATOM   838 C CG  . GLU A 1 114 ? 8.992   -12.319 1.304   1.00 52.30 ? 114 GLU A CG  1 
ATOM   839 C CD  . GLU A 1 114 ? 10.125  -13.208 1.740   1.00 62.40 ? 114 GLU A CD  1 
ATOM   840 O OE1 . GLU A 1 114 ? 10.538  -13.064 2.920   1.00 70.29 ? 114 GLU A OE1 1 
ATOM   841 O OE2 . GLU A 1 114 ? 10.598  -14.040 0.922   1.00 66.37 ? 114 GLU A OE2 1 
ATOM   842 N N   . CYS A 1 115 ? 7.275   -9.651  0.291   1.00 29.66 ? 115 CYS A N   1 
ATOM   843 C CA  . CYS A 1 115 ? 7.210   -9.166  -1.090  1.00 39.08 ? 115 CYS A CA  1 
ATOM   844 C C   . CYS A 1 115 ? 8.604   -8.789  -1.529  1.00 43.98 ? 115 CYS A C   1 
ATOM   845 O O   . CYS A 1 115 ? 8.975   -7.628  -1.558  1.00 42.76 ? 115 CYS A O   1 
ATOM   846 C CB  . CYS A 1 115 ? 6.324   -7.927  -1.166  1.00 36.65 ? 115 CYS A CB  1 
ATOM   847 S SG  . CYS A 1 115 ? 4.582   -8.325  -0.866  1.00 32.27 ? 115 CYS A SG  1 
ATOM   848 N N   . PRO A 1 116 ? 9.385   -9.787  -1.910  1.00 51.28 ? 116 PRO A N   1 
ATOM   849 C CA  . PRO A 1 116 ? 10.785  -9.685  -2.362  1.00 59.68 ? 116 PRO A CA  1 
ATOM   850 C C   . PRO A 1 116 ? 11.171  -8.743  -3.520  1.00 61.30 ? 116 PRO A C   1 
ATOM   851 O O   . PRO A 1 116 ? 12.315  -8.283  -3.614  1.00 61.29 ? 116 PRO A O   1 
ATOM   852 C CB  . PRO A 1 116 ? 11.180  -11.146 -2.655  1.00 60.09 ? 116 PRO A CB  1 
ATOM   853 C CG  . PRO A 1 116 ? 9.864   -11.909 -2.752  1.00 59.58 ? 116 PRO A CG  1 
ATOM   854 C CD  . PRO A 1 116 ? 8.874   -11.170 -1.912  1.00 55.14 ? 116 PRO A CD  1 
ATOM   855 N N   . TRP A 1 117 ? 10.227  -8.436  -4.388  1.00 62.52 ? 117 TRP A N   1 
ATOM   856 C CA  . TRP A 1 117 ? 10.555  -7.600  -5.528  1.00 64.05 ? 117 TRP A CA  1 
ATOM   857 C C   . TRP A 1 117 ? 10.015  -6.190  -5.411  1.00 59.62 ? 117 TRP A C   1 
ATOM   858 O O   . TRP A 1 117 ? 10.497  -5.297  -6.088  1.00 58.84 ? 117 TRP A O   1 
ATOM   859 C CB  . TRP A 1 117 ? 9.986   -8.247  -6.782  1.00 68.84 ? 117 TRP A CB  1 
ATOM   860 C CG  . TRP A 1 117 ? 8.483   -8.275  -6.750  1.00 74.39 ? 117 TRP A CG  1 
ATOM   861 C CD1 . TRP A 1 117 ? 7.678   -9.235  -6.179  1.00 74.43 ? 117 TRP A CD1 1 
ATOM   862 C CD2 . TRP A 1 117 ? 7.599   -7.298  -7.319  1.00 77.65 ? 117 TRP A CD2 1 
ATOM   863 N NE1 . TRP A 1 117 ? 6.350   -8.917  -6.364  1.00 73.01 ? 117 TRP A NE1 1 
ATOM   864 C CE2 . TRP A 1 117 ? 6.268   -7.735  -7.059  1.00 76.37 ? 117 TRP A CE2 1 
ATOM   865 C CE3 . TRP A 1 117 ? 7.799   -6.095  -8.027  1.00 78.12 ? 117 TRP A CE3 1 
ATOM   866 C CZ2 . TRP A 1 117 ? 5.143   -7.010  -7.483  1.00 74.79 ? 117 TRP A CZ2 1 
ATOM   867 C CZ3 . TRP A 1 117 ? 6.679   -5.373  -8.449  1.00 78.06 ? 117 TRP A CZ3 1 
ATOM   868 C CH2 . TRP A 1 117 ? 5.367   -5.836  -8.175  1.00 76.61 ? 117 TRP A CH2 1 
ATOM   869 N N   . ILE A 1 118 ? 9.012   -6.021  -4.555  1.00 57.48 ? 118 ILE A N   1 
ATOM   870 C CA  . ILE A 1 118 ? 8.329   -4.753  -4.334  1.00 54.26 ? 118 ILE A CA  1 
ATOM   871 C C   . ILE A 1 118 ? 9.225   -3.538  -4.313  1.00 59.63 ? 118 ILE A C   1 
ATOM   872 O O   . ILE A 1 118 ? 9.232   -2.746  -5.252  1.00 57.94 ? 118 ILE A O   1 
ATOM   873 C CB  . ILE A 1 118 ? 7.485   -4.805  -3.019  1.00 49.70 ? 118 ILE A CB  1 
ATOM   874 C CG1 . ILE A 1 118 ? 6.119   -5.381  -3.337  1.00 49.70 ? 118 ILE A CG1 1 
ATOM   875 C CG2 . ILE A 1 118 ? 7.248   -3.422  -2.437  1.00 50.11 ? 118 ILE A CG2 1 
ATOM   876 C CD1 . ILE A 1 118 ? 5.611   -4.934  -4.665  1.00 48.09 ? 118 ILE A CD1 1 
ATOM   877 N N   . LEU A 1 119 ? 9.993   -3.398  -3.244  1.00 65.00 ? 119 LEU A N   1 
ATOM   878 C CA  . LEU A 1 119 ? 10.855  -2.243  -3.083  1.00 69.58 ? 119 LEU A CA  1 
ATOM   879 C C   . LEU A 1 119 ? 11.915  -2.072  -4.158  1.00 73.57 ? 119 LEU A C   1 
ATOM   880 O O   . LEU A 1 119 ? 12.801  -2.911  -4.304  1.00 76.91 ? 119 LEU A O   1 
ATOM   881 C CB  . LEU A 1 119 ? 11.514  -2.297  -1.717  1.00 69.09 ? 119 LEU A CB  1 
ATOM   882 C CG  . LEU A 1 119 ? 12.015  -0.919  -1.316  1.00 70.48 ? 119 LEU A CG  1 
ATOM   883 C CD1 . LEU A 1 119 ? 11.193  -0.390  -0.139  1.00 71.90 ? 119 LEU A CD1 1 
ATOM   884 C CD2 . LEU A 1 119 ? 13.499  -1.022  -0.989  1.00 73.13 ? 119 LEU A CD2 1 
ATOM   885 N N   . GLY A 1 120 ? 11.841  -0.975  -4.900  1.00 75.85 ? 120 GLY A N   1 
ATOM   886 C CA  . GLY A 1 120 ? 12.818  -0.752  -5.949  1.00 81.34 ? 120 GLY A CA  1 
ATOM   887 C C   . GLY A 1 120 ? 12.854  -1.801  -7.071  1.00 84.27 ? 120 GLY A C   1 
ATOM   888 O O   . GLY A 1 120 ? 12.022  -2.737  -7.080  1.00 84.55 ? 120 GLY A O   1 
HETATM 889 O O   . HOH B 2 .   ? 5.361   -16.193 6.968   1.00 35.73 ? 129 HOH A O   1 
HETATM 890 O O   . HOH B 2 .   ? 8.637   -7.529  2.290   1.00 55.39 ? 130 HOH A O   1 
HETATM 891 O O   . HOH B 2 .   ? -4.536  4.445   -3.577  1.00 52.52 ? 131 HOH A O   1 
HETATM 892 O O   . HOH B 2 .   ? -7.243  5.770   -2.849  1.00 51.87 ? 132 HOH A O   1 
HETATM 893 O O   . HOH B 2 .   ? 7.862   -1.817  9.799   1.00 38.20 ? 133 HOH A O   1 
HETATM 894 O O   . HOH B 2 .   ? -6.088  7.777   1.577   1.00 19.41 ? 134 HOH A O   1 
HETATM 895 O O   . HOH B 2 .   ? 6.358   -15.055 11.200  1.00 47.19 ? 135 HOH A O   1 
HETATM 896 O O   . HOH B 2 .   ? 3.707   -15.089 8.787   1.00 38.43 ? 136 HOH A O   1 
HETATM 897 O O   . HOH B 2 .   ? -11.275 4.937   -6.624  1.00 76.16 ? 137 HOH A O   1 
HETATM 898 O O   . HOH B 2 .   ? 3.868   16.573  -4.470  1.00 51.64 ? 138 HOH A O   1 
HETATM 899 O O   . HOH B 2 .   ? -8.084  -0.932  -0.208  1.00 28.69 ? 139 HOH A O   1 
HETATM 900 O O   . HOH B 2 .   ? -11.351 -2.782  2.481   1.00 38.00 ? 140 HOH A O   1 
HETATM 901 O O   . HOH B 2 .   ? 7.271   1.144   12.822  1.00 70.46 ? 141 HOH A O   1 
HETATM 902 O O   . HOH B 2 .   ? -10.735 5.329   -9.401  1.00 53.91 ? 143 HOH A O   1 
HETATM 903 O O   . HOH B 2 .   ? -10.714 1.067   -1.391  1.00 48.82 ? 144 HOH A O   1 
HETATM 904 O O   . HOH B 2 .   ? -7.878  -13.930 -10.197 1.00 84.68 ? 145 HOH A O   1 
HETATM 905 O O   . HOH B 2 .   ? 2.276   10.055  -0.726  1.00 68.07 ? 146 HOH A O   1 
HETATM 906 O O   . HOH B 2 .   ? -8.870  -3.635  -0.032  1.00 23.46 ? 147 HOH A O   1 
HETATM 907 O O   . HOH B 2 .   ? 10.342  -5.626  -1.232  1.00 55.35 ? 148 HOH A O   1 
HETATM 908 O O   . HOH B 2 .   ? 13.339  -6.037  -3.136  1.00 70.87 ? 149 HOH A O   1 
HETATM 909 O O   . HOH B 2 .   ? 0.223   -18.815 -4.188  1.00 26.15 ? 150 HOH A O   1 
HETATM 910 O O   . HOH B 2 .   ? 1.479   -11.311 -3.668  1.00 27.14 ? 151 HOH A O   1 
HETATM 911 O O   . HOH B 2 .   ? 1.106   -9.647  -6.303  1.00 57.31 ? 152 HOH A O   1 
HETATM 912 O O   . HOH B 2 .   ? 3.948   11.965  13.675  1.00 55.70 ? 153 HOH A O   1 
HETATM 913 O O   . HOH B 2 .   ? 6.812   -1.389  -6.432  1.00 42.08 ? 154 HOH A O   1 
HETATM 914 O O   . HOH B 2 .   ? 7.296   12.890  -6.546  1.00 53.32 ? 155 HOH A O   1 
HETATM 915 O O   . HOH B 2 .   ? -1.818  10.445  12.583  1.00 32.40 ? 156 HOH A O   1 
HETATM 916 O O   . HOH B 2 .   ? -2.173  12.996  13.359  1.00 52.16 ? 157 HOH A O   1 
HETATM 917 O O   . HOH B 2 .   ? -10.714 -12.929 -7.253  1.00 52.19 ? 159 HOH A O   1 
HETATM 918 O O   . HOH B 2 .   ? -11.050 -5.710  -1.283  1.00 57.02 ? 160 HOH A O   1 
HETATM 919 O O   . HOH B 2 .   ? -5.555  -7.159  11.525  1.00 76.71 ? 161 HOH A O   1 
HETATM 920 O O   . HOH B 2 .   ? 6.285   -10.139 -3.868  1.00 48.69 ? 162 HOH A O   1 
HETATM 921 O O   . HOH B 2 .   ? -0.108  -12.368 -9.147  1.00 45.74 ? 163 HOH A O   1 
HETATM 922 O O   . HOH B 2 .   ? -2.309  -1.118  -14.426 1.00 63.71 ? 164 HOH A O   1 
HETATM 923 O O   . HOH B 2 .   ? 5.074   -1.978  13.382  1.00 58.70 ? 165 HOH A O   1 
HETATM 924 O O   . HOH B 2 .   ? -3.026  -11.048 -13.212 1.00 64.39 ? 166 HOH A O   1 
HETATM 925 O O   . HOH B 2 .   ? -3.557  -6.110  12.852  1.00 46.48 ? 168 HOH A O   1 
HETATM 926 O O   . HOH B 2 .   ? -3.219  8.688   -7.350  1.00 45.45 ? 169 HOH A O   1 
HETATM 927 O O   . HOH B 2 .   ? 2.706   0.066   -13.307 1.00 47.86 ? 170 HOH A O   1 
HETATM 928 O O   . HOH B 2 .   ? 11.147  -3.844  -9.315  1.00 54.58 ? 171 HOH A O   1 
HETATM 929 O O   . HOH B 2 .   ? -12.199 7.511   -9.113  1.00 69.72 ? 172 HOH A O   1 
HETATM 930 O O   . HOH B 2 .   ? 13.484  3.293   11.946  1.00 62.29 ? 173 HOH A O   1 
HETATM 931 O O   . HOH B 2 .   ? -10.533 0.322   5.825   1.00 37.14 ? 174 HOH A O   1 
HETATM 932 O O   . HOH B 2 .   ? -13.255 -0.856  -6.370  1.00 59.25 ? 175 HOH A O   1 
HETATM 933 O O   . HOH B 2 .   ? 6.395   -2.735  16.558  1.00 72.73 ? 176 HOH A O   1 
HETATM 934 O O   . HOH B 2 .   ? 9.988   19.033  0.464   1.00 70.97 ? 177 HOH A O   1 
HETATM 935 O O   . HOH B 2 .   ? 10.359  2.397   14.315  1.00 68.08 ? 179 HOH A O   1 
HETATM 936 O O   . HOH B 2 .   ? -5.583  7.011   -1.169  1.00 45.72 ? 181 HOH A O   1 
HETATM 937 O O   . HOH B 2 .   ? -2.827  9.878   -4.842  1.00 55.83 ? 182 HOH A O   1 
HETATM 938 O O   . HOH B 2 .   ? 0.194   10.985  -2.106  1.00 91.99 ? 183 HOH A O   1 
HETATM 939 O O   . HOH B 2 .   ? 2.005   -18.172 5.664   1.00 88.09 ? 185 HOH A O   1 
HETATM 940 O O   . HOH B 2 .   ? -0.925  -18.832 4.608   1.00 42.56 ? 186 HOH A O   1 
HETATM 941 O O   . HOH B 2 .   ? -11.305 -8.093  6.323   1.00 48.88 ? 187 HOH A O   1 
HETATM 942 O O   . HOH B 2 .   ? -1.270  -7.332  13.634  1.00 51.04 ? 189 HOH A O   1 
HETATM 943 O O   . HOH B 2 .   ? 1.646   0.792   16.903  1.00 81.76 ? 190 HOH A O   1 
HETATM 944 O O   . HOH B 2 .   ? -2.166  -12.136 10.279  1.00 81.57 ? 191 HOH A O   1 
HETATM 945 O O   . HOH B 2 .   ? 4.557   -18.505 6.497   1.00 29.87 ? 192 HOH A O   1 
HETATM 946 O O   . HOH B 2 .   ? -9.256  -11.587 0.918   1.00 58.60 ? 195 HOH A O   1 
HETATM 947 O O   . HOH B 2 .   ? -9.762  4.716   -2.176  1.00 68.19 ? 196 HOH A O   1 
HETATM 948 O O   . HOH B 2 .   ? -2.498  11.396  -2.880  1.00 61.16 ? 197 HOH A O   1 
HETATM 949 O O   . HOH B 2 .   ? 4.720   -12.681 14.174  1.00 44.78 ? 199 HOH A O   1 
HETATM 950 O O   . HOH B 2 .   ? 2.457   2.750   17.983  1.00 63.46 ? 200 HOH A O   1 
HETATM 951 O O   . HOH B 2 .   ? 7.462   -20.287 0.034   1.00 41.69 ? 202 HOH A O   1 
HETATM 952 O O   . HOH B 2 .   ? 1.632   14.710  -3.154  1.00 59.15 ? 206 HOH A O   1 
HETATM 953 O O   . HOH B 2 .   ? 9.168   22.172  1.697   1.00 53.51 ? 213 HOH A O   1 
HETATM 954 O O   . HOH B 2 .   ? 10.182  16.564  -0.391  1.00 57.58 ? 214 HOH A O   1 
HETATM 955 O O   . HOH B 2 .   ? 1.041   11.674  12.337  1.00 62.49 ? 219 HOH A O   1 
HETATM 956 O O   . HOH B 2 .   ? 7.606   -1.833  13.948  1.00 72.04 ? 220 HOH A O   1 
HETATM 957 O O   . HOH B 2 .   ? 11.529  -0.269  13.965  1.00 92.35 ? 221 HOH A O   1 
HETATM 958 O O   . HOH B 2 .   ? 0.829   12.269  -4.052  1.00 42.63 ? 224 HOH A O   1 
HETATM 959 O O   . HOH B 2 .   ? 3.283   18.470  -2.139  1.00 63.34 ? 226 HOH A O   1 
HETATM 960 O O   . HOH B 2 .   ? 6.707   -12.969 -3.549  1.00 59.72 ? 227 HOH A O   1 
HETATM 961 O O   . HOH B 2 .   ? 11.199  -16.054 4.634   1.00 43.15 ? 229 HOH A O   1 
HETATM 962 O O   . HOH B 2 .   ? -6.389  8.403   -7.777  1.00 76.40 ? 231 HOH A O   1 
HETATM 963 O O   . HOH B 2 .   ? -8.481  9.820   -5.417  1.00 68.41 ? 232 HOH A O   1 
HETATM 964 O O   . HOH B 2 .   ? -13.127 -7.952  8.166   1.00 81.18 ? 233 HOH A O   1 
HETATM 965 O O   . HOH B 2 .   ? -9.040  7.191   -2.868  1.00 58.39 ? 234 HOH A O   1 
HETATM 966 O O   . HOH B 2 .   ? -0.761  14.326  -2.093  1.00 71.47 ? 235 HOH A O   1 
HETATM 967 O O   . HOH B 2 .   ? 4.905   1.373   13.179  1.00 50.17 ? 238 HOH A O   1 
HETATM 968 O O   . HOH B 2 .   ? 6.196   15.919  -6.714  1.00 96.32 ? 253 HOH A O   1 
HETATM 969 O O   . HOH B 2 .   ? 0.304   -14.916 15.356  1.00 73.78 ? 254 HOH A O   1 
HETATM 970 O O   . HOH B 2 .   ? 3.066   -14.883 13.578  1.00 72.22 ? 264 HOH A O   1 
HETATM 971 O O   . HOH B 2 .   ? -0.003  10.653  -5.985  1.00 78.21 ? 265 HOH A O   1 
HETATM 972 O O   . HOH B 2 .   ? 12.933  14.995  -2.026  1.00 58.52 ? 266 HOH A O   1 
HETATM 973 O O   . HOH B 2 .   ? 6.367   18.623  -1.766  1.00 88.00 ? 268 HOH A O   1 
HETATM 974 O O   . HOH B 2 .   ? 10.815  12.554  -5.725  1.00 63.99 ? 269 HOH A O   1 
HETATM 975 O O   . HOH B 2 .   ? 1.751   16.023  -8.680  1.00 65.90 ? 270 HOH A O   1 
HETATM 976 O O   . HOH B 2 .   ? -1.241  10.956  -0.266  1.00 81.96 ? 271 HOH A O   1 
HETATM 977 O O   . HOH B 2 .   ? 2.141   11.603  0.727   1.00 83.89 ? 272 HOH A O   1 
HETATM 978 O O   . HOH B 2 .   ? 16.769  10.433  -1.230  1.00 62.72 ? 274 HOH A O   1 
HETATM 979 O O   . HOH B 2 .   ? 17.499  7.500   0.096   1.00 65.06 ? 275 HOH A O   1 
HETATM 980 O O   . HOH B 2 .   ? -0.035  -9.417  13.437  1.00 70.51 ? 276 HOH A O   1 
HETATM 981 O O   . HOH B 2 .   ? 2.864   -10.567 14.006  1.00 72.91 ? 277 HOH A O   1 
HETATM 982 O O   . HOH B 2 .   ? -6.602  5.587   11.673  1.00 60.11 ? 280 HOH A O   1 
HETATM 983 O O   . HOH B 2 .   ? 14.867  13.700  -3.186  1.00 85.33 ? 282 HOH A O   1 
HETATM 984 O O   . HOH B 2 .   ? 0.554   17.991  -4.405  1.00 87.06 ? 285 HOH A O   1 
# 
